data_1WE7
#
_entry.id   1WE7
#
_entity_poly.entity_id   1
_entity_poly.type   'polypeptide(L)'
_entity_poly.pdbx_seq_one_letter_code
;GSSGSSGTEDSLMPEEEFLRRNKGPVSIKVQVPNMQDKTEWKLNGQGLVFTLPLTDQVSVIKVKIHEATGMPAGKQKLQY
EGIFIKDSNSLAYYNMASGAVIHLALKERSGPSSG
;
_entity_poly.pdbx_strand_id   A
#
# COMPACT_ATOMS: atom_id res chain seq x y z
N GLY A 1 33.89 -8.68 5.62
CA GLY A 1 32.46 -8.53 5.42
C GLY A 1 32.12 -7.27 4.65
N SER A 2 30.95 -7.28 4.00
CA SER A 2 30.50 -6.15 3.21
C SER A 2 30.21 -4.95 4.11
N SER A 3 29.47 -5.19 5.19
CA SER A 3 29.11 -4.14 6.13
C SER A 3 28.48 -2.95 5.40
N GLY A 4 27.60 -3.25 4.45
CA GLY A 4 26.94 -2.20 3.70
C GLY A 4 26.14 -2.74 2.53
N SER A 5 24.88 -3.05 2.77
CA SER A 5 24.01 -3.58 1.74
C SER A 5 23.87 -2.59 0.58
N SER A 6 23.67 -3.12 -0.62
CA SER A 6 23.53 -2.29 -1.81
C SER A 6 22.16 -2.50 -2.45
N GLY A 7 21.28 -1.51 -2.28
CA GLY A 7 19.95 -1.60 -2.85
C GLY A 7 19.06 -2.56 -2.09
N THR A 8 17.91 -2.06 -1.64
CA THR A 8 16.96 -2.89 -0.90
C THR A 8 16.23 -3.87 -1.82
N GLU A 9 15.65 -3.33 -2.89
CA GLU A 9 14.92 -4.15 -3.85
C GLU A 9 15.88 -4.79 -4.86
N ASP A 10 17.06 -5.17 -4.39
CA ASP A 10 18.06 -5.80 -5.25
C ASP A 10 18.15 -7.29 -4.98
N SER A 11 18.28 -7.66 -3.71
CA SER A 11 18.40 -9.06 -3.32
C SER A 11 17.13 -9.52 -2.60
N LEU A 12 15.98 -9.18 -3.16
CA LEU A 12 14.70 -9.56 -2.58
C LEU A 12 14.56 -11.08 -2.50
N MET A 13 13.79 -11.55 -1.53
CA MET A 13 13.57 -12.98 -1.35
C MET A 13 12.24 -13.41 -1.97
N PRO A 14 12.08 -14.73 -2.16
CA PRO A 14 10.86 -15.30 -2.73
C PRO A 14 9.66 -15.18 -1.79
N GLU A 15 8.55 -15.83 -2.16
CA GLU A 15 7.35 -15.79 -1.35
C GLU A 15 7.39 -16.85 -0.25
N GLU A 16 7.92 -18.03 -0.59
CA GLU A 16 8.02 -19.12 0.37
C GLU A 16 8.94 -18.75 1.52
N GLU A 17 10.20 -18.46 1.20
CA GLU A 17 11.19 -18.09 2.21
C GLU A 17 10.72 -16.87 3.00
N PHE A 18 10.37 -15.81 2.29
CA PHE A 18 9.91 -14.58 2.93
C PHE A 18 9.05 -14.90 4.15
N LEU A 19 7.94 -15.59 3.93
CA LEU A 19 7.03 -15.96 5.01
C LEU A 19 7.79 -16.49 6.20
N ARG A 20 8.88 -17.23 5.93
CA ARG A 20 9.69 -17.80 7.00
C ARG A 20 10.33 -16.70 7.84
N ARG A 21 10.68 -15.59 7.20
CA ARG A 21 11.29 -14.47 7.91
C ARG A 21 10.22 -13.56 8.53
N ASN A 22 9.35 -13.02 7.70
CA ASN A 22 8.28 -12.14 8.17
C ASN A 22 7.04 -12.95 8.52
N LYS A 23 7.08 -13.64 9.66
CA LYS A 23 5.96 -14.45 10.11
C LYS A 23 4.68 -13.61 10.18
N GLY A 24 4.83 -12.35 10.58
CA GLY A 24 3.68 -11.46 10.69
C GLY A 24 2.78 -11.82 11.86
N PRO A 25 1.59 -11.19 11.91
CA PRO A 25 1.17 -10.22 10.90
C PRO A 25 1.97 -8.92 10.98
N VAL A 26 1.91 -8.13 9.91
CA VAL A 26 2.62 -6.86 9.85
C VAL A 26 1.67 -5.68 10.05
N SER A 27 2.21 -4.55 10.49
CA SER A 27 1.41 -3.35 10.71
C SER A 27 1.78 -2.25 9.72
N ILE A 28 0.91 -2.03 8.74
CA ILE A 28 1.14 -1.01 7.73
C ILE A 28 0.33 0.25 8.00
N LYS A 29 0.89 1.40 7.67
CA LYS A 29 0.21 2.68 7.88
C LYS A 29 -0.10 3.36 6.55
N VAL A 30 -1.37 3.68 6.34
CA VAL A 30 -1.79 4.33 5.12
C VAL A 30 -1.93 5.84 5.31
N GLN A 31 -1.00 6.60 4.74
CA GLN A 31 -1.01 8.05 4.85
C GLN A 31 -2.16 8.65 4.04
N VAL A 32 -3.19 9.12 4.73
CA VAL A 32 -4.35 9.72 4.07
C VAL A 32 -4.22 11.23 3.99
N PRO A 33 -4.23 11.76 2.77
CA PRO A 33 -4.11 13.21 2.52
C PRO A 33 -5.35 13.97 2.98
N ASN A 34 -5.28 15.29 2.86
CA ASN A 34 -6.41 16.14 3.26
C ASN A 34 -6.97 16.91 2.07
N MET A 35 -7.99 16.36 1.45
CA MET A 35 -8.62 16.99 0.29
C MET A 35 -10.04 17.47 0.63
N GLN A 36 -10.18 18.77 0.80
CA GLN A 36 -11.49 19.36 1.12
C GLN A 36 -12.39 19.40 -0.11
N ASP A 37 -11.92 20.10 -1.14
CA ASP A 37 -12.69 20.22 -2.38
C ASP A 37 -11.84 19.80 -3.58
N LYS A 38 -11.21 18.64 -3.48
CA LYS A 38 -10.37 18.12 -4.55
C LYS A 38 -10.82 16.72 -4.96
N THR A 39 -11.87 16.22 -4.32
CA THR A 39 -12.40 14.91 -4.61
C THR A 39 -13.68 14.64 -3.83
N GLU A 40 -14.30 13.49 -4.10
CA GLU A 40 -15.53 13.11 -3.42
C GLU A 40 -15.31 11.93 -2.50
N TRP A 41 -14.24 12.00 -1.70
CA TRP A 41 -13.90 10.93 -0.77
C TRP A 41 -13.63 11.50 0.62
N LYS A 42 -13.29 10.61 1.56
CA LYS A 42 -12.99 11.02 2.92
C LYS A 42 -11.49 11.18 3.14
N LEU A 43 -11.00 12.40 2.91
CA LEU A 43 -9.58 12.69 3.08
C LEU A 43 -9.37 13.93 3.94
N ASN A 44 -9.04 13.71 5.20
CA ASN A 44 -8.81 14.82 6.13
C ASN A 44 -7.54 14.58 6.95
N GLY A 45 -6.40 14.62 6.29
CA GLY A 45 -5.13 14.41 6.97
C GLY A 45 -5.25 13.42 8.11
N GLN A 46 -5.09 12.14 7.80
CA GLN A 46 -5.18 11.09 8.81
C GLN A 46 -4.36 9.87 8.40
N GLY A 47 -4.44 8.81 9.19
CA GLY A 47 -3.70 7.60 8.90
C GLY A 47 -4.48 6.34 9.22
N LEU A 48 -4.55 5.42 8.27
CA LEU A 48 -5.28 4.17 8.45
C LEU A 48 -4.32 3.00 8.60
N VAL A 49 -4.36 2.36 9.77
CA VAL A 49 -3.49 1.23 10.06
C VAL A 49 -4.30 -0.06 10.18
N PHE A 50 -3.76 -1.14 9.64
CA PHE A 50 -4.43 -2.44 9.70
C PHE A 50 -3.43 -3.57 9.84
N THR A 51 -3.53 -4.32 10.93
CA THR A 51 -2.63 -5.44 11.19
C THR A 51 -3.16 -6.73 10.58
N LEU A 52 -2.59 -7.14 9.47
CA LEU A 52 -2.99 -8.36 8.79
C LEU A 52 -1.78 -9.17 8.32
N PRO A 53 -1.94 -10.50 8.28
CA PRO A 53 -0.87 -11.40 7.86
C PRO A 53 -0.58 -11.30 6.36
N LEU A 54 0.53 -11.90 5.93
CA LEU A 54 0.91 -11.86 4.52
C LEU A 54 0.35 -13.07 3.78
N THR A 55 -0.89 -12.95 3.31
CA THR A 55 -1.55 -14.02 2.58
C THR A 55 -2.10 -13.53 1.25
N ASP A 56 -3.02 -12.58 1.32
CA ASP A 56 -3.63 -12.02 0.12
C ASP A 56 -2.71 -11.00 -0.54
N GLN A 57 -3.20 -10.33 -1.57
CA GLN A 57 -2.42 -9.33 -2.28
C GLN A 57 -2.72 -7.93 -1.77
N VAL A 58 -2.13 -6.92 -2.41
CA VAL A 58 -2.34 -5.54 -2.01
C VAL A 58 -3.82 -5.16 -2.11
N SER A 59 -4.56 -5.91 -2.91
CA SER A 59 -5.98 -5.65 -3.09
C SER A 59 -6.69 -5.49 -1.75
N VAL A 60 -6.43 -6.42 -0.84
CA VAL A 60 -7.03 -6.40 0.49
C VAL A 60 -6.78 -5.06 1.18
N ILE A 61 -5.73 -4.37 0.75
CA ILE A 61 -5.38 -3.08 1.33
C ILE A 61 -6.24 -1.97 0.75
N LYS A 62 -6.56 -2.08 -0.53
CA LYS A 62 -7.39 -1.09 -1.22
C LYS A 62 -8.85 -1.21 -0.78
N VAL A 63 -9.36 -2.45 -0.76
CA VAL A 63 -10.73 -2.70 -0.36
C VAL A 63 -11.03 -2.10 1.00
N LYS A 64 -10.09 -2.24 1.92
CA LYS A 64 -10.25 -1.72 3.28
C LYS A 64 -10.37 -0.20 3.26
N ILE A 65 -9.38 0.46 2.67
CA ILE A 65 -9.39 1.91 2.57
C ILE A 65 -10.70 2.43 2.00
N HIS A 66 -11.19 1.77 0.96
CA HIS A 66 -12.44 2.15 0.32
C HIS A 66 -13.63 1.89 1.25
N GLU A 67 -13.53 0.82 2.04
CA GLU A 67 -14.60 0.46 2.97
C GLU A 67 -14.80 1.54 4.02
N ALA A 68 -13.72 2.26 4.34
CA ALA A 68 -13.78 3.32 5.33
C ALA A 68 -13.99 4.68 4.67
N THR A 69 -13.12 5.01 3.71
CA THR A 69 -13.22 6.28 2.99
C THR A 69 -13.95 6.11 1.67
N GLY A 70 -14.48 7.22 1.15
CA GLY A 70 -15.20 7.17 -0.12
C GLY A 70 -14.29 6.83 -1.28
N MET A 71 -12.99 6.84 -1.03
CA MET A 71 -12.01 6.54 -2.08
C MET A 71 -12.20 5.13 -2.61
N PRO A 72 -12.39 5.02 -3.93
CA PRO A 72 -12.59 3.73 -4.60
C PRO A 72 -11.33 2.86 -4.60
N ALA A 73 -11.51 1.55 -4.62
CA ALA A 73 -10.38 0.63 -4.62
C ALA A 73 -9.81 0.46 -6.02
N GLY A 74 -9.21 1.54 -6.53
CA GLY A 74 -8.62 1.50 -7.86
C GLY A 74 -7.90 2.78 -8.21
N LYS A 75 -8.64 3.89 -8.21
CA LYS A 75 -8.06 5.19 -8.53
C LYS A 75 -6.89 5.51 -7.60
N GLN A 76 -7.03 5.14 -6.33
CA GLN A 76 -5.98 5.40 -5.34
C GLN A 76 -4.74 4.56 -5.64
N LYS A 77 -3.59 5.22 -5.65
CA LYS A 77 -2.32 4.54 -5.92
C LYS A 77 -1.51 4.36 -4.64
N LEU A 78 -1.27 3.12 -4.27
CA LEU A 78 -0.50 2.81 -3.06
C LEU A 78 1.00 2.78 -3.36
N GLN A 79 1.74 3.70 -2.75
CA GLN A 79 3.18 3.77 -2.96
C GLN A 79 3.93 3.29 -1.72
N TYR A 80 4.70 2.22 -1.88
CA TYR A 80 5.46 1.66 -0.77
C TYR A 80 6.93 2.06 -0.87
N GLU A 81 7.33 3.04 -0.07
CA GLU A 81 8.71 3.52 -0.07
C GLU A 81 9.15 3.92 -1.48
N GLY A 82 8.21 4.47 -2.24
CA GLY A 82 8.52 4.89 -3.60
C GLY A 82 7.98 3.93 -4.64
N ILE A 83 7.94 2.66 -4.29
CA ILE A 83 7.45 1.63 -5.21
C ILE A 83 5.94 1.76 -5.42
N PHE A 84 5.50 1.54 -6.65
CA PHE A 84 4.09 1.63 -6.98
C PHE A 84 3.43 0.26 -6.93
N ILE A 85 3.11 -0.19 -5.73
CA ILE A 85 2.48 -1.49 -5.54
C ILE A 85 1.02 -1.46 -6.00
N LYS A 86 0.57 -2.57 -6.58
CA LYS A 86 -0.80 -2.68 -7.07
C LYS A 86 -1.46 -3.95 -6.54
N ASP A 87 -2.78 -4.04 -6.73
CA ASP A 87 -3.53 -5.21 -6.28
C ASP A 87 -3.03 -6.48 -6.97
N SER A 88 -2.50 -6.32 -8.18
CA SER A 88 -2.00 -7.46 -8.94
C SER A 88 -0.78 -8.07 -8.26
N ASN A 89 0.01 -7.23 -7.58
CA ASN A 89 1.20 -7.68 -6.89
C ASN A 89 0.88 -8.07 -5.44
N SER A 90 1.42 -9.19 -4.99
CA SER A 90 1.19 -9.67 -3.64
C SER A 90 2.17 -9.02 -2.67
N LEU A 91 1.74 -8.85 -1.42
CA LEU A 91 2.58 -8.25 -0.39
C LEU A 91 3.82 -9.09 -0.14
N ALA A 92 3.62 -10.39 0.03
CA ALA A 92 4.72 -11.31 0.28
C ALA A 92 5.82 -11.13 -0.77
N TYR A 93 5.45 -11.23 -2.04
CA TYR A 93 6.41 -11.07 -3.13
C TYR A 93 7.41 -9.96 -2.84
N TYR A 94 6.89 -8.75 -2.63
CA TYR A 94 7.74 -7.61 -2.34
C TYR A 94 8.61 -7.86 -1.13
N ASN A 95 8.07 -8.60 -0.16
CA ASN A 95 8.81 -8.93 1.05
C ASN A 95 8.90 -7.72 1.97
N MET A 96 7.77 -7.06 2.20
CA MET A 96 7.73 -5.89 3.07
C MET A 96 8.20 -6.22 4.48
N ALA A 97 8.30 -5.21 5.32
CA ALA A 97 8.74 -5.40 6.70
C ALA A 97 7.75 -4.79 7.68
N SER A 98 7.49 -5.50 8.78
CA SER A 98 6.56 -5.03 9.80
C SER A 98 6.67 -3.52 9.98
N GLY A 99 5.59 -2.90 10.43
CA GLY A 99 5.58 -1.46 10.64
C GLY A 99 5.81 -0.69 9.37
N ALA A 100 5.25 -1.18 8.26
CA ALA A 100 5.39 -0.52 6.97
C ALA A 100 4.54 0.75 6.90
N VAL A 101 4.72 1.52 5.84
CA VAL A 101 3.98 2.75 5.64
C VAL A 101 3.64 2.98 4.17
N ILE A 102 2.38 2.78 3.83
CA ILE A 102 1.92 2.95 2.46
C ILE A 102 1.43 4.38 2.22
N HIS A 103 2.13 5.11 1.37
CA HIS A 103 1.76 6.49 1.06
C HIS A 103 0.66 6.53 0.01
N LEU A 104 -0.39 7.31 0.28
CA LEU A 104 -1.51 7.43 -0.65
C LEU A 104 -1.28 8.58 -1.62
N ALA A 105 -1.63 8.35 -2.89
CA ALA A 105 -1.47 9.38 -3.91
C ALA A 105 -2.53 9.22 -5.01
N LEU A 106 -2.77 10.30 -5.74
CA LEU A 106 -3.76 10.27 -6.82
C LEU A 106 -3.15 9.68 -8.09
N LYS A 107 -3.83 8.71 -8.66
CA LYS A 107 -3.37 8.05 -9.88
C LYS A 107 -3.29 9.05 -11.03
N GLU A 108 -2.34 8.83 -11.94
CA GLU A 108 -2.16 9.72 -13.09
C GLU A 108 -2.45 8.98 -14.39
N ARG A 109 -3.51 9.38 -15.07
CA ARG A 109 -3.91 8.77 -16.33
C ARG A 109 -4.83 9.69 -17.12
N SER A 110 -4.75 9.60 -18.45
CA SER A 110 -5.57 10.42 -19.32
C SER A 110 -6.97 10.58 -18.74
N GLY A 111 -7.60 9.47 -18.39
CA GLY A 111 -8.94 9.51 -17.83
C GLY A 111 -9.97 8.83 -18.72
N PRO A 112 -10.47 7.68 -18.27
CA PRO A 112 -11.46 6.91 -19.02
C PRO A 112 -12.82 7.59 -19.06
N SER A 113 -13.17 8.14 -20.21
CA SER A 113 -14.44 8.82 -20.38
C SER A 113 -15.60 7.95 -19.92
N SER A 114 -15.72 6.77 -20.52
CA SER A 114 -16.78 5.84 -20.17
C SER A 114 -16.21 4.51 -19.70
N GLY A 115 -16.88 3.90 -18.72
CA GLY A 115 -16.41 2.62 -18.20
C GLY A 115 -16.87 2.39 -16.77
N GLY A 1 34.72 0.05 9.14
CA GLY A 1 34.57 -0.55 7.83
C GLY A 1 33.18 -0.33 7.25
N SER A 2 33.13 0.21 6.03
CA SER A 2 31.85 0.48 5.37
C SER A 2 31.50 -0.65 4.41
N SER A 3 30.20 -0.85 4.20
CA SER A 3 29.71 -1.90 3.31
C SER A 3 28.31 -1.59 2.82
N GLY A 4 28.05 -1.90 1.55
CA GLY A 4 26.73 -1.65 0.98
C GLY A 4 26.51 -2.42 -0.30
N SER A 5 25.25 -2.68 -0.61
CA SER A 5 24.90 -3.41 -1.83
C SER A 5 24.47 -2.46 -2.94
N SER A 6 24.33 -3.00 -4.14
CA SER A 6 23.94 -2.20 -5.30
C SER A 6 22.48 -2.47 -5.68
N GLY A 7 21.58 -1.60 -5.23
CA GLY A 7 20.17 -1.77 -5.53
C GLY A 7 19.46 -2.61 -4.49
N THR A 8 18.57 -1.97 -3.73
CA THR A 8 17.81 -2.67 -2.69
C THR A 8 16.86 -3.70 -3.29
N GLU A 9 16.01 -3.24 -4.21
CA GLU A 9 15.05 -4.13 -4.85
C GLU A 9 15.71 -4.91 -5.98
N ASP A 10 16.93 -5.37 -5.73
CA ASP A 10 17.67 -6.14 -6.72
C ASP A 10 17.73 -7.62 -6.33
N SER A 11 18.09 -7.89 -5.09
CA SER A 11 18.18 -9.26 -4.60
C SER A 11 17.10 -9.53 -3.56
N LEU A 12 15.89 -9.09 -3.85
CA LEU A 12 14.76 -9.29 -2.94
C LEU A 12 14.55 -10.77 -2.66
N MET A 13 14.16 -11.09 -1.42
CA MET A 13 13.93 -12.46 -1.03
C MET A 13 12.73 -13.04 -1.78
N PRO A 14 12.63 -14.38 -1.79
CA PRO A 14 11.54 -15.09 -2.46
C PRO A 14 10.20 -14.90 -1.75
N GLU A 15 9.20 -15.67 -2.17
CA GLU A 15 7.87 -15.58 -1.57
C GLU A 15 7.69 -16.65 -0.49
N GLU A 16 8.10 -17.87 -0.80
CA GLU A 16 7.98 -18.98 0.15
C GLU A 16 8.79 -18.70 1.41
N GLU A 17 10.09 -18.44 1.23
CA GLU A 17 10.97 -18.16 2.36
C GLU A 17 10.50 -16.92 3.12
N PHE A 18 10.24 -15.85 2.38
CA PHE A 18 9.79 -14.61 2.99
C PHE A 18 8.87 -14.88 4.18
N LEU A 19 7.75 -15.54 3.92
CA LEU A 19 6.79 -15.86 4.97
C LEU A 19 7.50 -16.42 6.20
N ARG A 20 8.53 -17.22 5.96
CA ARG A 20 9.29 -17.82 7.05
C ARG A 20 10.00 -16.76 7.87
N ARG A 21 10.45 -15.70 7.20
CA ARG A 21 11.14 -14.61 7.87
C ARG A 21 10.19 -13.83 8.77
N ASN A 22 9.18 -13.22 8.16
CA ASN A 22 8.20 -12.44 8.91
C ASN A 22 7.13 -13.34 9.52
N LYS A 23 6.96 -13.22 10.83
CA LYS A 23 5.97 -14.03 11.55
C LYS A 23 4.56 -13.52 11.28
N GLY A 24 4.41 -12.20 11.21
CA GLY A 24 3.10 -11.62 10.95
C GLY A 24 2.14 -11.83 12.10
N PRO A 25 1.01 -11.12 12.06
CA PRO A 25 0.69 -10.18 10.97
C PRO A 25 1.57 -8.94 11.01
N VAL A 26 1.43 -8.09 9.99
CA VAL A 26 2.23 -6.86 9.91
C VAL A 26 1.34 -5.64 10.06
N SER A 27 1.91 -4.57 10.60
CA SER A 27 1.17 -3.33 10.80
C SER A 27 1.63 -2.26 9.81
N ILE A 28 0.79 -1.99 8.81
CA ILE A 28 1.10 -1.00 7.79
C ILE A 28 0.29 0.27 8.00
N LYS A 29 0.95 1.41 7.89
CA LYS A 29 0.29 2.71 8.07
C LYS A 29 -0.01 3.35 6.72
N VAL A 30 -1.29 3.67 6.49
CA VAL A 30 -1.71 4.30 5.25
C VAL A 30 -1.81 5.81 5.40
N GLN A 31 -0.86 6.52 4.78
CA GLN A 31 -0.84 7.98 4.85
C GLN A 31 -1.92 8.58 3.96
N VAL A 32 -2.98 9.08 4.59
CA VAL A 32 -4.09 9.68 3.85
C VAL A 32 -3.90 11.19 3.73
N PRO A 33 -3.63 11.66 2.50
CA PRO A 33 -3.43 13.08 2.22
C PRO A 33 -4.72 13.89 2.33
N ASN A 34 -4.58 15.20 2.50
CA ASN A 34 -5.73 16.08 2.62
C ASN A 34 -6.10 16.69 1.28
N MET A 35 -7.29 16.34 0.78
CA MET A 35 -7.77 16.86 -0.50
C MET A 35 -8.92 17.84 -0.30
N GLN A 36 -8.58 19.13 -0.25
CA GLN A 36 -9.59 20.17 -0.06
C GLN A 36 -10.02 20.76 -1.40
N ASP A 37 -9.06 20.94 -2.29
CA ASP A 37 -9.34 21.50 -3.61
C ASP A 37 -10.71 21.06 -4.10
N LYS A 38 -10.82 19.78 -4.44
CA LYS A 38 -12.08 19.23 -4.94
C LYS A 38 -11.98 17.72 -5.10
N THR A 39 -12.82 16.98 -4.39
CA THR A 39 -12.83 15.52 -4.46
C THR A 39 -13.98 14.94 -3.64
N GLU A 40 -14.41 13.74 -4.03
CA GLU A 40 -15.51 13.07 -3.32
C GLU A 40 -14.97 11.89 -2.50
N TRP A 41 -13.91 12.12 -1.76
CA TRP A 41 -13.31 11.08 -0.93
C TRP A 41 -13.05 11.58 0.48
N LYS A 42 -13.08 10.68 1.45
CA LYS A 42 -12.84 11.03 2.84
C LYS A 42 -11.36 11.27 3.10
N LEU A 43 -10.75 12.13 2.29
CA LEU A 43 -9.34 12.44 2.42
C LEU A 43 -9.14 13.75 3.18
N ASN A 44 -8.90 13.64 4.48
CA ASN A 44 -8.69 14.82 5.31
C ASN A 44 -7.50 14.64 6.25
N GLY A 45 -6.31 14.68 5.68
CA GLY A 45 -5.10 14.51 6.48
C GLY A 45 -5.31 13.57 7.65
N GLN A 46 -5.16 12.28 7.42
CA GLN A 46 -5.34 11.28 8.46
C GLN A 46 -4.52 10.02 8.17
N GLY A 47 -4.52 9.08 9.10
CA GLY A 47 -3.78 7.85 8.93
C GLY A 47 -4.63 6.62 9.20
N LEU A 48 -4.57 5.66 8.29
CA LEU A 48 -5.34 4.43 8.43
C LEU A 48 -4.42 3.23 8.61
N VAL A 49 -4.49 2.59 9.78
CA VAL A 49 -3.67 1.42 10.06
C VAL A 49 -4.50 0.16 10.10
N PHE A 50 -3.95 -0.92 9.56
CA PHE A 50 -4.64 -2.21 9.52
C PHE A 50 -3.64 -3.37 9.56
N THR A 51 -3.69 -4.14 10.63
CA THR A 51 -2.79 -5.28 10.78
C THR A 51 -3.36 -6.52 10.12
N LEU A 52 -2.59 -7.11 9.21
CA LEU A 52 -3.02 -8.31 8.49
C LEU A 52 -1.83 -9.16 8.10
N PRO A 53 -2.03 -10.50 8.08
CA PRO A 53 -0.97 -11.45 7.72
C PRO A 53 -0.62 -11.39 6.24
N LEU A 54 0.50 -11.99 5.87
CA LEU A 54 0.94 -12.02 4.49
C LEU A 54 0.45 -13.27 3.77
N THR A 55 -0.77 -13.21 3.26
CA THR A 55 -1.36 -14.34 2.55
C THR A 55 -1.87 -13.92 1.16
N ASP A 56 -2.83 -13.00 1.15
CA ASP A 56 -3.39 -12.51 -0.11
C ASP A 56 -2.53 -11.41 -0.70
N GLN A 57 -3.00 -10.82 -1.79
CA GLN A 57 -2.27 -9.75 -2.46
C GLN A 57 -2.57 -8.40 -1.83
N VAL A 58 -2.05 -7.33 -2.41
CA VAL A 58 -2.26 -5.98 -1.90
C VAL A 58 -3.70 -5.55 -2.11
N SER A 59 -4.43 -6.28 -2.93
CA SER A 59 -5.83 -5.97 -3.22
C SER A 59 -6.66 -5.98 -1.93
N VAL A 60 -6.14 -6.64 -0.90
CA VAL A 60 -6.83 -6.72 0.37
C VAL A 60 -6.57 -5.47 1.23
N ILE A 61 -5.51 -4.74 0.89
CA ILE A 61 -5.16 -3.53 1.61
C ILE A 61 -5.96 -2.33 1.10
N LYS A 62 -6.34 -2.40 -0.18
CA LYS A 62 -7.11 -1.32 -0.79
C LYS A 62 -8.58 -1.40 -0.39
N VAL A 63 -9.17 -2.57 -0.54
CA VAL A 63 -10.57 -2.78 -0.19
C VAL A 63 -10.91 -2.12 1.14
N LYS A 64 -9.98 -2.18 2.09
CA LYS A 64 -10.18 -1.60 3.40
C LYS A 64 -10.42 -0.09 3.28
N ILE A 65 -9.57 0.59 2.53
CA ILE A 65 -9.70 2.02 2.33
C ILE A 65 -11.12 2.41 1.99
N HIS A 66 -11.65 1.85 0.91
CA HIS A 66 -13.01 2.13 0.47
C HIS A 66 -14.00 1.89 1.61
N GLU A 67 -13.72 0.88 2.43
CA GLU A 67 -14.59 0.55 3.55
C GLU A 67 -14.78 1.76 4.47
N ALA A 68 -13.67 2.27 4.99
CA ALA A 68 -13.71 3.43 5.89
C ALA A 68 -13.94 4.72 5.09
N THR A 69 -13.04 5.00 4.15
CA THR A 69 -13.14 6.19 3.33
C THR A 69 -13.93 5.93 2.06
N GLY A 70 -14.49 6.99 1.48
CA GLY A 70 -15.27 6.84 0.26
C GLY A 70 -14.39 6.83 -0.98
N MET A 71 -13.18 6.31 -0.84
CA MET A 71 -12.24 6.23 -1.96
C MET A 71 -12.26 4.84 -2.59
N PRO A 72 -12.31 4.81 -3.94
CA PRO A 72 -12.33 3.56 -4.69
C PRO A 72 -11.01 2.81 -4.62
N ALA A 73 -11.04 1.53 -4.97
CA ALA A 73 -9.83 0.71 -4.96
C ALA A 73 -9.14 0.71 -6.32
N GLY A 74 -8.96 1.90 -6.89
CA GLY A 74 -8.32 2.01 -8.18
C GLY A 74 -7.49 3.28 -8.31
N LYS A 75 -8.18 4.40 -8.51
CA LYS A 75 -7.51 5.69 -8.65
C LYS A 75 -6.39 5.84 -7.63
N GLN A 76 -6.68 5.48 -6.38
CA GLN A 76 -5.70 5.57 -5.31
C GLN A 76 -4.43 4.80 -5.67
N LYS A 77 -3.27 5.42 -5.44
CA LYS A 77 -1.99 4.79 -5.73
C LYS A 77 -1.19 4.58 -4.45
N LEU A 78 -0.94 3.32 -4.12
CA LEU A 78 -0.18 2.97 -2.92
C LEU A 78 1.32 3.02 -3.20
N GLN A 79 2.05 3.72 -2.34
CA GLN A 79 3.50 3.84 -2.50
C GLN A 79 4.23 3.25 -1.30
N TYR A 80 5.18 2.36 -1.57
CA TYR A 80 5.94 1.73 -0.50
C TYR A 80 7.42 1.60 -0.90
N GLU A 81 8.29 2.26 -0.14
CA GLU A 81 9.72 2.22 -0.41
C GLU A 81 10.00 2.58 -1.86
N GLY A 82 9.31 3.59 -2.38
CA GLY A 82 9.50 4.00 -3.75
C GLY A 82 8.93 3.02 -4.75
N ILE A 83 7.96 2.22 -4.30
CA ILE A 83 7.33 1.23 -5.16
C ILE A 83 5.84 1.48 -5.28
N PHE A 84 5.30 1.25 -6.48
CA PHE A 84 3.88 1.45 -6.73
C PHE A 84 3.12 0.14 -6.65
N ILE A 85 3.34 -0.60 -5.57
CA ILE A 85 2.68 -1.89 -5.37
C ILE A 85 1.28 -1.88 -5.97
N LYS A 86 0.94 -2.95 -6.70
CA LYS A 86 -0.37 -3.07 -7.32
C LYS A 86 -1.22 -4.11 -6.61
N ASP A 87 -2.50 -4.14 -6.94
CA ASP A 87 -3.43 -5.09 -6.33
C ASP A 87 -3.10 -6.52 -6.77
N SER A 88 -2.78 -6.69 -8.04
CA SER A 88 -2.46 -8.00 -8.58
C SER A 88 -1.17 -8.54 -7.96
N ASN A 89 -0.29 -7.63 -7.56
CA ASN A 89 0.98 -8.02 -6.95
C ASN A 89 0.76 -8.53 -5.52
N SER A 90 1.59 -9.49 -5.12
CA SER A 90 1.49 -10.06 -3.78
C SER A 90 2.45 -9.38 -2.81
N LEU A 91 2.05 -9.31 -1.55
CA LEU A 91 2.88 -8.68 -0.53
C LEU A 91 4.19 -9.44 -0.33
N ALA A 92 4.09 -10.76 -0.18
CA ALA A 92 5.26 -11.59 0.01
C ALA A 92 6.34 -11.27 -1.03
N TYR A 93 5.95 -11.26 -2.30
CA TYR A 93 6.88 -10.97 -3.38
C TYR A 93 7.70 -9.72 -3.07
N TYR A 94 7.02 -8.65 -2.67
CA TYR A 94 7.69 -7.40 -2.34
C TYR A 94 8.59 -7.57 -1.11
N ASN A 95 8.24 -8.53 -0.26
CA ASN A 95 9.01 -8.78 0.95
C ASN A 95 8.97 -7.59 1.88
N MET A 96 7.77 -7.13 2.21
CA MET A 96 7.59 -5.99 3.10
C MET A 96 8.03 -6.34 4.52
N ALA A 97 8.04 -5.33 5.39
CA ALA A 97 8.43 -5.54 6.78
C ALA A 97 7.40 -4.93 7.74
N SER A 98 7.17 -5.61 8.85
CA SER A 98 6.21 -5.14 9.84
C SER A 98 6.37 -3.65 10.09
N GLY A 99 5.38 -3.05 10.76
CA GLY A 99 5.42 -1.63 11.04
C GLY A 99 5.77 -0.81 9.82
N ALA A 100 5.23 -1.20 8.67
CA ALA A 100 5.47 -0.49 7.43
C ALA A 100 4.59 0.75 7.31
N VAL A 101 4.80 1.53 6.25
CA VAL A 101 4.02 2.75 6.03
C VAL A 101 3.71 2.93 4.55
N ILE A 102 2.46 2.70 4.18
CA ILE A 102 2.04 2.85 2.79
C ILE A 102 1.59 4.28 2.50
N HIS A 103 2.38 5.00 1.71
CA HIS A 103 2.06 6.38 1.36
C HIS A 103 1.05 6.42 0.22
N LEU A 104 -0.08 7.07 0.46
CA LEU A 104 -1.13 7.18 -0.55
C LEU A 104 -0.89 8.38 -1.45
N ALA A 105 -1.10 8.19 -2.76
CA ALA A 105 -0.90 9.25 -3.72
C ALA A 105 -2.03 9.28 -4.75
N LEU A 106 -2.60 10.46 -4.97
CA LEU A 106 -3.68 10.61 -5.93
C LEU A 106 -3.18 10.49 -7.37
N LYS A 107 -3.56 9.40 -8.03
CA LYS A 107 -3.15 9.16 -9.41
C LYS A 107 -3.76 10.19 -10.35
N GLU A 108 -3.02 10.54 -11.40
CA GLU A 108 -3.49 11.52 -12.37
C GLU A 108 -4.00 10.83 -13.63
N ARG A 109 -5.31 10.85 -13.84
CA ARG A 109 -5.92 10.23 -15.00
C ARG A 109 -6.37 11.28 -16.01
N SER A 110 -6.53 10.86 -17.26
CA SER A 110 -6.96 11.76 -18.32
C SER A 110 -7.92 12.82 -17.78
N GLY A 111 -7.41 14.03 -17.57
CA GLY A 111 -8.24 15.11 -17.06
C GLY A 111 -9.63 15.08 -17.65
N PRO A 112 -10.62 14.67 -16.83
CA PRO A 112 -12.02 14.60 -17.25
C PRO A 112 -12.64 15.98 -17.46
N SER A 113 -13.87 16.00 -17.94
CA SER A 113 -14.58 17.26 -18.18
C SER A 113 -15.73 17.44 -17.20
N SER A 114 -15.87 18.65 -16.69
CA SER A 114 -16.94 18.95 -15.73
C SER A 114 -18.31 18.68 -16.34
N GLY A 115 -18.92 17.57 -15.94
CA GLY A 115 -20.23 17.21 -16.45
C GLY A 115 -21.28 17.12 -15.36
N GLY A 1 23.07 -1.14 13.76
CA GLY A 1 23.13 -0.18 12.69
C GLY A 1 22.21 1.01 12.91
N SER A 2 21.96 1.77 11.85
CA SER A 2 21.10 2.94 11.94
C SER A 2 19.82 2.74 11.14
N SER A 3 18.75 3.41 11.55
CA SER A 3 17.47 3.30 10.88
C SER A 3 17.62 3.52 9.37
N GLY A 4 16.70 2.95 8.61
CA GLY A 4 16.75 3.09 7.16
C GLY A 4 16.67 1.76 6.45
N SER A 5 15.58 1.55 5.72
CA SER A 5 15.38 0.29 4.99
C SER A 5 16.01 0.37 3.59
N SER A 6 16.93 -0.54 3.32
CA SER A 6 17.62 -0.57 2.03
C SER A 6 16.63 -0.39 0.89
N GLY A 7 17.15 -0.14 -0.30
CA GLY A 7 16.29 0.05 -1.46
C GLY A 7 16.75 -0.76 -2.66
N THR A 8 16.10 -1.91 -2.88
CA THR A 8 16.45 -2.78 -3.99
C THR A 8 15.23 -3.52 -4.51
N GLU A 9 14.99 -3.42 -5.82
CA GLU A 9 13.85 -4.09 -6.45
C GLU A 9 14.29 -5.35 -7.17
N ASP A 10 15.30 -5.22 -8.02
CA ASP A 10 15.82 -6.35 -8.78
C ASP A 10 16.24 -7.49 -7.85
N SER A 11 16.94 -7.13 -6.78
CA SER A 11 17.41 -8.13 -5.81
C SER A 11 16.40 -8.30 -4.68
N LEU A 12 15.14 -8.53 -5.05
CA LEU A 12 14.08 -8.71 -4.07
C LEU A 12 14.00 -10.17 -3.61
N MET A 13 13.53 -10.38 -2.39
CA MET A 13 13.39 -11.72 -1.85
C MET A 13 12.21 -12.44 -2.47
N PRO A 14 12.21 -13.79 -2.36
CA PRO A 14 11.14 -14.63 -2.91
C PRO A 14 9.83 -14.47 -2.14
N GLU A 15 8.92 -15.42 -2.34
CA GLU A 15 7.63 -15.38 -1.67
C GLU A 15 7.51 -16.52 -0.65
N GLU A 16 7.92 -17.70 -1.06
CA GLU A 16 7.87 -18.88 -0.18
C GLU A 16 8.67 -18.64 1.09
N GLU A 17 9.99 -18.52 0.94
CA GLU A 17 10.87 -18.29 2.08
C GLU A 17 10.42 -17.06 2.88
N PHE A 18 10.28 -15.94 2.20
CA PHE A 18 9.85 -14.71 2.84
C PHE A 18 8.89 -14.99 3.99
N LEU A 19 7.78 -15.65 3.68
CA LEU A 19 6.78 -15.98 4.68
C LEU A 19 7.42 -16.62 5.90
N ARG A 20 8.37 -17.53 5.66
CA ARG A 20 9.07 -18.22 6.74
C ARG A 20 9.80 -17.22 7.63
N ARG A 21 10.23 -16.11 7.04
CA ARG A 21 10.95 -15.08 7.79
C ARG A 21 9.98 -14.26 8.65
N ASN A 22 9.06 -13.57 8.00
CA ASN A 22 8.09 -12.74 8.70
C ASN A 22 6.72 -13.43 8.73
N LYS A 23 6.28 -13.80 9.93
CA LYS A 23 4.99 -14.46 10.10
C LYS A 23 3.87 -13.44 10.26
N GLY A 24 4.22 -12.27 10.79
CA GLY A 24 3.24 -11.22 10.99
C GLY A 24 2.31 -11.51 12.16
N PRO A 25 1.14 -10.87 12.16
CA PRO A 25 0.74 -9.94 11.09
C PRO A 25 1.55 -8.64 11.12
N VAL A 26 1.54 -7.93 10.01
CA VAL A 26 2.28 -6.67 9.91
C VAL A 26 1.33 -5.47 10.00
N SER A 27 1.77 -4.44 10.72
CA SER A 27 0.96 -3.23 10.88
C SER A 27 1.38 -2.16 9.89
N ILE A 28 0.56 -1.93 8.88
CA ILE A 28 0.85 -0.92 7.86
C ILE A 28 0.06 0.36 8.12
N LYS A 29 0.65 1.49 7.77
CA LYS A 29 0.01 2.78 7.96
C LYS A 29 -0.34 3.42 6.62
N VAL A 30 -1.61 3.71 6.41
CA VAL A 30 -2.07 4.33 5.17
C VAL A 30 -2.14 5.85 5.30
N GLN A 31 -1.20 6.54 4.66
CA GLN A 31 -1.16 8.00 4.70
C GLN A 31 -2.25 8.60 3.81
N VAL A 32 -3.31 9.09 4.43
CA VAL A 32 -4.41 9.69 3.71
C VAL A 32 -4.18 11.19 3.50
N PRO A 33 -3.94 11.58 2.24
CA PRO A 33 -3.70 12.98 1.88
C PRO A 33 -4.96 13.83 2.01
N ASN A 34 -4.77 15.12 2.27
CA ASN A 34 -5.89 16.05 2.41
C ASN A 34 -6.26 16.67 1.07
N MET A 35 -7.42 16.29 0.54
CA MET A 35 -7.89 16.80 -0.73
C MET A 35 -8.88 17.95 -0.53
N GLN A 36 -8.39 19.18 -0.71
CA GLN A 36 -9.23 20.36 -0.53
C GLN A 36 -10.37 20.38 -1.56
N ASP A 37 -10.09 19.85 -2.75
CA ASP A 37 -11.09 19.80 -3.81
C ASP A 37 -12.47 19.49 -3.24
N LYS A 38 -12.51 18.80 -2.11
CA LYS A 38 -13.77 18.45 -1.47
C LYS A 38 -14.55 17.45 -2.31
N THR A 39 -13.88 16.39 -2.73
CA THR A 39 -14.51 15.36 -3.55
C THR A 39 -15.34 14.42 -2.69
N GLU A 40 -15.88 13.36 -3.31
CA GLU A 40 -16.68 12.38 -2.60
C GLU A 40 -15.80 11.34 -1.93
N TRP A 41 -14.61 11.75 -1.51
CA TRP A 41 -13.68 10.84 -0.84
C TRP A 41 -13.32 11.35 0.54
N LYS A 42 -13.28 10.46 1.52
CA LYS A 42 -12.95 10.81 2.89
C LYS A 42 -11.47 11.17 3.01
N LEU A 43 -11.10 12.33 2.48
CA LEU A 43 -9.71 12.79 2.53
C LEU A 43 -9.60 14.09 3.32
N ASN A 44 -9.18 13.98 4.57
CA ASN A 44 -9.03 15.15 5.44
C ASN A 44 -7.71 15.09 6.21
N GLY A 45 -6.63 14.84 5.48
CA GLY A 45 -5.32 14.77 6.11
C GLY A 45 -5.33 13.92 7.37
N GLN A 46 -5.12 12.62 7.21
CA GLN A 46 -5.11 11.70 8.34
C GLN A 46 -4.37 10.41 7.99
N GLY A 47 -4.23 9.52 8.97
CA GLY A 47 -3.55 8.26 8.75
C GLY A 47 -4.29 7.09 9.35
N LEU A 48 -4.39 6.00 8.60
CA LEU A 48 -5.07 4.80 9.07
C LEU A 48 -4.08 3.67 9.34
N VAL A 49 -4.48 2.72 10.18
CA VAL A 49 -3.63 1.60 10.52
C VAL A 49 -4.41 0.29 10.50
N PHE A 50 -3.80 -0.76 9.95
CA PHE A 50 -4.44 -2.06 9.87
C PHE A 50 -3.42 -3.19 10.05
N THR A 51 -3.81 -4.22 10.79
CA THR A 51 -2.94 -5.35 11.05
C THR A 51 -3.46 -6.62 10.36
N LEU A 52 -2.76 -7.03 9.31
CA LEU A 52 -3.14 -8.22 8.56
C LEU A 52 -1.92 -9.07 8.21
N PRO A 53 -2.09 -10.40 8.27
CA PRO A 53 -1.02 -11.35 7.95
C PRO A 53 -0.65 -11.35 6.46
N LEU A 54 0.50 -11.91 6.15
CA LEU A 54 0.97 -11.98 4.77
C LEU A 54 0.46 -13.25 4.08
N THR A 55 -0.75 -13.18 3.54
CA THR A 55 -1.35 -14.32 2.86
C THR A 55 -1.83 -13.94 1.47
N ASP A 56 -2.74 -12.96 1.41
CA ASP A 56 -3.28 -12.50 0.13
C ASP A 56 -2.39 -11.42 -0.47
N GLN A 57 -2.84 -10.85 -1.58
CA GLN A 57 -2.08 -9.80 -2.27
C GLN A 57 -2.45 -8.42 -1.72
N VAL A 58 -1.85 -7.39 -2.30
CA VAL A 58 -2.11 -6.02 -1.88
C VAL A 58 -3.58 -5.66 -2.06
N SER A 59 -4.28 -6.46 -2.84
CA SER A 59 -5.70 -6.22 -3.10
C SER A 59 -6.48 -6.13 -1.79
N VAL A 60 -6.14 -6.99 -0.84
CA VAL A 60 -6.81 -7.00 0.46
C VAL A 60 -6.51 -5.73 1.24
N ILE A 61 -5.49 -4.99 0.80
CA ILE A 61 -5.11 -3.76 1.46
C ILE A 61 -5.92 -2.57 0.93
N LYS A 62 -6.30 -2.65 -0.34
CA LYS A 62 -7.08 -1.58 -0.96
C LYS A 62 -8.54 -1.66 -0.54
N VAL A 63 -9.09 -2.87 -0.55
CA VAL A 63 -10.48 -3.09 -0.17
C VAL A 63 -10.80 -2.38 1.16
N LYS A 64 -9.85 -2.44 2.08
CA LYS A 64 -10.02 -1.80 3.38
C LYS A 64 -10.28 -0.31 3.24
N ILE A 65 -9.43 0.36 2.46
CA ILE A 65 -9.58 1.80 2.24
C ILE A 65 -11.03 2.15 1.88
N HIS A 66 -11.49 1.63 0.75
CA HIS A 66 -12.85 1.89 0.29
C HIS A 66 -13.85 1.68 1.42
N GLU A 67 -13.50 0.80 2.36
CA GLU A 67 -14.37 0.51 3.50
C GLU A 67 -14.60 1.75 4.35
N ALA A 68 -13.51 2.29 4.89
CA ALA A 68 -13.59 3.48 5.73
C ALA A 68 -13.86 4.72 4.89
N THR A 69 -12.97 5.02 3.96
CA THR A 69 -13.12 6.18 3.09
C THR A 69 -13.90 5.84 1.83
N GLY A 70 -14.48 6.84 1.21
CA GLY A 70 -15.26 6.63 0.00
C GLY A 70 -14.39 6.54 -1.24
N MET A 71 -13.16 6.07 -1.07
CA MET A 71 -12.22 5.94 -2.18
C MET A 71 -12.26 4.53 -2.75
N PRO A 72 -12.39 4.43 -4.09
CA PRO A 72 -12.44 3.15 -4.79
C PRO A 72 -11.09 2.43 -4.77
N ALA A 73 -11.11 1.13 -5.07
CA ALA A 73 -9.90 0.33 -5.09
C ALA A 73 -9.21 0.41 -6.45
N GLY A 74 -9.25 1.59 -7.06
CA GLY A 74 -8.63 1.78 -8.36
C GLY A 74 -7.96 3.13 -8.49
N LYS A 75 -8.75 4.16 -8.77
CA LYS A 75 -8.24 5.52 -8.91
C LYS A 75 -7.11 5.77 -7.92
N GLN A 76 -7.30 5.32 -6.69
CA GLN A 76 -6.29 5.51 -5.65
C GLN A 76 -4.99 4.80 -6.02
N LYS A 77 -3.89 5.22 -5.38
CA LYS A 77 -2.58 4.62 -5.64
C LYS A 77 -1.84 4.37 -4.34
N LEU A 78 -1.29 3.16 -4.20
CA LEU A 78 -0.55 2.80 -3.00
C LEU A 78 0.95 2.84 -3.26
N GLN A 79 1.65 3.72 -2.55
CA GLN A 79 3.09 3.86 -2.70
C GLN A 79 3.82 3.28 -1.48
N TYR A 80 4.86 2.50 -1.75
CA TYR A 80 5.65 1.88 -0.68
C TYR A 80 7.14 2.12 -0.89
N GLU A 81 7.70 3.06 -0.14
CA GLU A 81 9.12 3.39 -0.25
C GLU A 81 9.46 3.86 -1.66
N GLY A 82 8.52 4.55 -2.29
CA GLY A 82 8.75 5.05 -3.64
C GLY A 82 8.12 4.16 -4.70
N ILE A 83 7.98 2.89 -4.39
CA ILE A 83 7.39 1.92 -5.31
C ILE A 83 5.88 2.09 -5.38
N PHE A 84 5.29 1.64 -6.49
CA PHE A 84 3.85 1.73 -6.68
C PHE A 84 3.20 0.36 -6.62
N ILE A 85 3.20 -0.24 -5.43
CA ILE A 85 2.60 -1.56 -5.24
C ILE A 85 1.19 -1.62 -5.81
N LYS A 86 0.87 -2.72 -6.48
CA LYS A 86 -0.45 -2.91 -7.07
C LYS A 86 -1.19 -4.06 -6.41
N ASP A 87 -2.51 -4.03 -6.48
CA ASP A 87 -3.33 -5.08 -5.88
C ASP A 87 -2.95 -6.45 -6.44
N SER A 88 -2.60 -6.49 -7.72
CA SER A 88 -2.21 -7.73 -8.36
C SER A 88 -0.93 -8.30 -7.74
N ASN A 89 -0.07 -7.41 -7.28
CA ASN A 89 1.19 -7.82 -6.66
C ASN A 89 0.96 -8.31 -5.24
N SER A 90 1.79 -9.25 -4.80
CA SER A 90 1.66 -9.82 -3.46
C SER A 90 2.60 -9.10 -2.49
N LEU A 91 2.21 -9.07 -1.22
CA LEU A 91 3.02 -8.41 -0.19
C LEU A 91 4.35 -9.13 0.00
N ALA A 92 4.29 -10.46 0.11
CA ALA A 92 5.49 -11.26 0.29
C ALA A 92 6.55 -10.92 -0.77
N TYR A 93 6.17 -11.12 -2.03
CA TYR A 93 7.08 -10.85 -3.14
C TYR A 93 7.91 -9.59 -2.88
N TYR A 94 7.22 -8.51 -2.51
CA TYR A 94 7.88 -7.25 -2.22
C TYR A 94 8.85 -7.39 -1.06
N ASN A 95 8.48 -8.21 -0.09
CA ASN A 95 9.33 -8.44 1.08
C ASN A 95 9.27 -7.24 2.03
N MET A 96 8.06 -6.86 2.42
CA MET A 96 7.88 -5.72 3.32
C MET A 96 8.21 -6.12 4.75
N ALA A 97 8.10 -5.15 5.67
CA ALA A 97 8.40 -5.40 7.08
C ALA A 97 7.34 -4.75 7.98
N SER A 98 7.10 -5.37 9.12
CA SER A 98 6.12 -4.86 10.07
C SER A 98 6.27 -3.35 10.26
N GLY A 99 5.23 -2.71 10.77
CA GLY A 99 5.27 -1.28 10.99
C GLY A 99 5.55 -0.50 9.71
N ALA A 100 5.01 -0.99 8.60
CA ALA A 100 5.21 -0.34 7.31
C ALA A 100 4.27 0.85 7.15
N VAL A 101 4.51 1.65 6.12
CA VAL A 101 3.67 2.82 5.84
C VAL A 101 3.41 2.98 4.35
N ILE A 102 2.16 2.79 3.96
CA ILE A 102 1.78 2.91 2.55
C ILE A 102 1.14 4.27 2.28
N HIS A 103 1.81 5.08 1.46
CA HIS A 103 1.30 6.40 1.12
C HIS A 103 0.22 6.30 0.04
N LEU A 104 -0.89 7.00 0.27
CA LEU A 104 -2.00 7.00 -0.68
C LEU A 104 -1.91 8.17 -1.64
N ALA A 105 -2.21 7.93 -2.91
CA ALA A 105 -2.17 8.97 -3.92
C ALA A 105 -3.31 8.81 -4.92
N LEU A 106 -3.53 9.84 -5.73
CA LEU A 106 -4.59 9.81 -6.74
C LEU A 106 -4.01 9.62 -8.13
N LYS A 107 -4.22 8.44 -8.71
CA LYS A 107 -3.72 8.13 -10.04
C LYS A 107 -4.36 9.04 -11.08
N GLU A 108 -3.57 9.44 -12.09
CA GLU A 108 -4.06 10.31 -13.14
C GLU A 108 -5.19 9.65 -13.91
N ARG A 109 -6.39 10.21 -13.80
CA ARG A 109 -7.56 9.67 -14.48
C ARG A 109 -8.34 10.78 -15.19
N SER A 110 -8.34 10.75 -16.51
CA SER A 110 -9.04 11.75 -17.31
C SER A 110 -10.42 12.05 -16.72
N GLY A 111 -10.68 13.31 -16.43
CA GLY A 111 -11.95 13.70 -15.86
C GLY A 111 -11.85 14.09 -14.41
N PRO A 112 -11.13 15.19 -14.13
CA PRO A 112 -10.94 15.69 -12.76
C PRO A 112 -12.22 16.27 -12.18
N SER A 113 -12.90 17.10 -12.95
CA SER A 113 -14.13 17.73 -12.51
C SER A 113 -15.12 17.87 -13.67
N SER A 114 -16.39 18.04 -13.33
CA SER A 114 -17.44 18.17 -14.34
C SER A 114 -18.61 18.98 -13.80
N GLY A 115 -19.07 19.95 -14.58
CA GLY A 115 -20.18 20.79 -14.17
C GLY A 115 -20.16 22.15 -14.82
N GLY A 1 36.43 4.64 2.22
CA GLY A 1 35.23 3.97 2.71
C GLY A 1 33.97 4.75 2.42
N SER A 2 33.81 5.16 1.17
CA SER A 2 32.63 5.93 0.76
C SER A 2 31.36 5.28 1.27
N SER A 3 30.34 6.10 1.53
CA SER A 3 29.07 5.60 2.02
C SER A 3 27.91 6.12 1.17
N GLY A 4 27.02 5.22 0.78
CA GLY A 4 25.88 5.60 -0.04
C GLY A 4 24.88 4.48 -0.20
N SER A 5 23.61 4.84 -0.40
CA SER A 5 22.55 3.85 -0.57
C SER A 5 22.17 3.71 -2.04
N SER A 6 22.17 2.48 -2.53
CA SER A 6 21.82 2.21 -3.92
C SER A 6 21.49 0.73 -4.12
N GLY A 7 20.63 0.45 -5.10
CA GLY A 7 20.25 -0.92 -5.38
C GLY A 7 19.69 -1.63 -4.16
N THR A 8 18.46 -1.30 -3.80
CA THR A 8 17.81 -1.91 -2.64
C THR A 8 16.85 -3.00 -3.06
N GLU A 9 15.86 -2.64 -3.88
CA GLU A 9 14.87 -3.60 -4.35
C GLU A 9 15.35 -4.29 -5.64
N ASP A 10 16.63 -4.65 -5.67
CA ASP A 10 17.21 -5.31 -6.82
C ASP A 10 17.28 -6.82 -6.60
N SER A 11 17.82 -7.23 -5.46
CA SER A 11 17.94 -8.64 -5.13
C SER A 11 16.96 -9.03 -4.03
N LEU A 12 15.74 -8.50 -4.12
CA LEU A 12 14.71 -8.80 -3.13
C LEU A 12 14.59 -10.31 -2.90
N MET A 13 14.10 -10.68 -1.73
CA MET A 13 13.93 -12.08 -1.38
C MET A 13 12.66 -12.65 -2.02
N PRO A 14 12.59 -13.99 -2.10
CA PRO A 14 11.44 -14.69 -2.69
C PRO A 14 10.19 -14.57 -1.84
N GLU A 15 9.19 -15.40 -2.14
CA GLU A 15 7.94 -15.39 -1.40
C GLU A 15 7.95 -16.45 -0.30
N GLU A 16 8.34 -17.67 -0.66
CA GLU A 16 8.39 -18.76 0.30
C GLU A 16 9.14 -18.35 1.56
N GLU A 17 10.43 -18.08 1.41
CA GLU A 17 11.27 -17.69 2.54
C GLU A 17 10.60 -16.57 3.34
N PHE A 18 10.30 -15.47 2.66
CA PHE A 18 9.65 -14.34 3.31
C PHE A 18 8.67 -14.80 4.38
N LEU A 19 7.63 -15.51 3.96
CA LEU A 19 6.62 -16.01 4.88
C LEU A 19 7.26 -16.60 6.12
N ARG A 20 8.36 -17.34 5.94
CA ARG A 20 9.07 -17.95 7.04
C ARG A 20 9.71 -16.89 7.94
N ARG A 21 10.13 -15.79 7.33
CA ARG A 21 10.77 -14.70 8.07
C ARG A 21 9.71 -13.81 8.72
N ASN A 22 8.87 -13.19 7.89
CA ASN A 22 7.81 -12.31 8.38
C ASN A 22 6.44 -12.94 8.19
N LYS A 23 6.11 -13.89 9.05
CA LYS A 23 4.83 -14.58 8.98
C LYS A 23 3.67 -13.59 9.15
N GLY A 24 3.83 -12.65 10.07
CA GLY A 24 2.81 -11.66 10.32
C GLY A 24 1.91 -12.01 11.49
N PRO A 25 0.75 -11.35 11.58
CA PRO A 25 0.34 -10.33 10.61
C PRO A 25 1.18 -9.07 10.71
N VAL A 26 1.30 -8.35 9.59
CA VAL A 26 2.07 -7.11 9.56
C VAL A 26 1.16 -5.90 9.49
N SER A 27 1.38 -4.95 10.40
CA SER A 27 0.57 -3.73 10.44
C SER A 27 1.11 -2.68 9.47
N ILE A 28 0.30 -2.34 8.48
CA ILE A 28 0.70 -1.34 7.48
C ILE A 28 -0.10 -0.06 7.65
N LYS A 29 0.60 1.08 7.60
CA LYS A 29 -0.03 2.38 7.74
C LYS A 29 -0.49 2.91 6.38
N VAL A 30 -1.39 3.88 6.42
CA VAL A 30 -1.91 4.48 5.19
C VAL A 30 -1.95 6.01 5.30
N GLN A 31 -1.05 6.67 4.58
CA GLN A 31 -0.98 8.12 4.60
C GLN A 31 -2.05 8.72 3.70
N VAL A 32 -3.17 9.12 4.31
CA VAL A 32 -4.27 9.71 3.57
C VAL A 32 -4.05 11.20 3.34
N PRO A 33 -4.00 11.60 2.06
CA PRO A 33 -3.79 12.99 1.66
C PRO A 33 -4.99 13.87 1.99
N ASN A 34 -4.82 15.18 1.82
CA ASN A 34 -5.89 16.14 2.09
C ASN A 34 -6.43 16.74 0.81
N MET A 35 -7.48 16.13 0.27
CA MET A 35 -8.09 16.61 -0.97
C MET A 35 -9.29 17.50 -0.67
N GLN A 36 -9.07 18.81 -0.63
CA GLN A 36 -10.14 19.76 -0.35
C GLN A 36 -10.72 20.32 -1.65
N ASP A 37 -9.87 20.47 -2.65
CA ASP A 37 -10.29 20.99 -3.95
C ASP A 37 -11.70 20.50 -4.30
N LYS A 38 -11.80 19.21 -4.59
CA LYS A 38 -13.08 18.61 -4.95
C LYS A 38 -12.94 17.10 -5.14
N THR A 39 -13.41 16.33 -4.16
CA THR A 39 -13.34 14.88 -4.22
C THR A 39 -14.42 14.24 -3.36
N GLU A 40 -15.06 13.19 -3.89
CA GLU A 40 -16.11 12.49 -3.17
C GLU A 40 -15.52 11.38 -2.29
N TRP A 41 -14.37 11.65 -1.70
CA TRP A 41 -13.70 10.68 -0.84
C TRP A 41 -13.33 11.31 0.50
N LYS A 42 -13.01 10.46 1.48
CA LYS A 42 -12.64 10.92 2.80
C LYS A 42 -11.13 11.14 2.90
N LEU A 43 -10.65 12.24 2.33
CA LEU A 43 -9.23 12.56 2.36
C LEU A 43 -8.98 13.88 3.08
N ASN A 44 -8.63 13.80 4.36
CA ASN A 44 -8.37 14.98 5.16
C ASN A 44 -7.09 14.81 5.99
N GLY A 45 -5.95 14.75 5.31
CA GLY A 45 -4.68 14.59 5.99
C GLY A 45 -4.81 13.76 7.25
N GLN A 46 -4.70 12.44 7.10
CA GLN A 46 -4.80 11.52 8.23
C GLN A 46 -4.04 10.23 7.96
N GLY A 47 -3.96 9.38 8.97
CA GLY A 47 -3.26 8.12 8.82
C GLY A 47 -4.05 6.94 9.36
N LEU A 48 -4.22 5.92 8.53
CA LEU A 48 -4.97 4.73 8.93
C LEU A 48 -4.02 3.57 9.23
N VAL A 49 -4.50 2.62 10.02
CA VAL A 49 -3.71 1.45 10.37
C VAL A 49 -4.51 0.16 10.24
N PHE A 50 -3.87 -0.88 9.74
CA PHE A 50 -4.53 -2.17 9.55
C PHE A 50 -3.53 -3.32 9.69
N THR A 51 -3.99 -4.43 10.25
CA THR A 51 -3.15 -5.61 10.45
C THR A 51 -3.64 -6.78 9.62
N LEU A 52 -2.86 -7.18 8.62
CA LEU A 52 -3.22 -8.29 7.76
C LEU A 52 -2.00 -9.14 7.43
N PRO A 53 -2.17 -10.47 7.45
CA PRO A 53 -1.10 -11.42 7.15
C PRO A 53 -0.70 -11.40 5.68
N LEU A 54 0.37 -12.11 5.35
CA LEU A 54 0.86 -12.18 3.97
C LEU A 54 0.28 -13.40 3.25
N THR A 55 -0.92 -13.23 2.71
CA THR A 55 -1.58 -14.31 1.99
C THR A 55 -2.06 -13.85 0.61
N ASP A 56 -2.87 -12.81 0.59
CA ASP A 56 -3.38 -12.27 -0.67
C ASP A 56 -2.47 -11.17 -1.20
N GLN A 57 -2.89 -10.53 -2.29
CA GLN A 57 -2.10 -9.47 -2.91
C GLN A 57 -2.54 -8.10 -2.38
N VAL A 58 -1.74 -7.08 -2.67
CA VAL A 58 -2.05 -5.72 -2.24
C VAL A 58 -3.51 -5.40 -2.44
N SER A 59 -4.12 -6.02 -3.46
CA SER A 59 -5.52 -5.79 -3.77
C SER A 59 -6.37 -5.80 -2.50
N VAL A 60 -6.07 -6.74 -1.60
CA VAL A 60 -6.80 -6.85 -0.34
C VAL A 60 -6.65 -5.59 0.49
N ILE A 61 -5.47 -4.97 0.42
CA ILE A 61 -5.20 -3.76 1.17
C ILE A 61 -6.15 -2.63 0.78
N LYS A 62 -6.74 -2.76 -0.40
CA LYS A 62 -7.68 -1.75 -0.90
C LYS A 62 -8.98 -1.80 -0.12
N VAL A 63 -9.55 -2.99 0.00
CA VAL A 63 -10.81 -3.18 0.72
C VAL A 63 -10.78 -2.43 2.06
N LYS A 64 -9.61 -2.38 2.68
CA LYS A 64 -9.45 -1.71 3.95
C LYS A 64 -9.79 -0.22 3.83
N ILE A 65 -9.19 0.44 2.84
CA ILE A 65 -9.44 1.86 2.61
C ILE A 65 -10.91 2.12 2.32
N HIS A 66 -11.39 1.58 1.20
CA HIS A 66 -12.78 1.77 0.81
C HIS A 66 -13.71 1.67 2.02
N GLU A 67 -13.36 0.80 2.96
CA GLU A 67 -14.16 0.62 4.17
C GLU A 67 -14.38 1.96 4.87
N ALA A 68 -13.30 2.53 5.39
CA ALA A 68 -13.36 3.81 6.09
C ALA A 68 -13.73 4.94 5.14
N THR A 69 -12.86 5.20 4.17
CA THR A 69 -13.09 6.25 3.20
C THR A 69 -13.84 5.72 1.98
N GLY A 70 -14.55 6.61 1.29
CA GLY A 70 -15.29 6.22 0.11
C GLY A 70 -14.44 6.23 -1.14
N MET A 71 -13.23 5.69 -1.04
CA MET A 71 -12.32 5.64 -2.17
C MET A 71 -12.35 4.26 -2.82
N PRO A 72 -12.53 4.25 -4.15
CA PRO A 72 -12.58 3.00 -4.93
C PRO A 72 -11.23 2.32 -5.02
N ALA A 73 -11.23 1.03 -5.33
CA ALA A 73 -10.00 0.26 -5.45
C ALA A 73 -9.47 0.30 -6.88
N GLY A 74 -9.41 1.49 -7.46
CA GLY A 74 -8.92 1.64 -8.82
C GLY A 74 -8.11 2.91 -9.00
N LYS A 75 -8.76 4.06 -8.83
CA LYS A 75 -8.09 5.34 -8.98
C LYS A 75 -6.92 5.46 -8.01
N GLN A 76 -7.22 5.37 -6.72
CA GLN A 76 -6.19 5.46 -5.69
C GLN A 76 -4.96 4.67 -6.08
N LYS A 77 -3.78 5.18 -5.70
CA LYS A 77 -2.52 4.51 -6.02
C LYS A 77 -1.70 4.29 -4.75
N LEU A 78 -1.55 3.03 -4.36
CA LEU A 78 -0.78 2.69 -3.16
C LEU A 78 0.71 2.61 -3.48
N GLN A 79 1.52 3.17 -2.59
CA GLN A 79 2.97 3.16 -2.78
C GLN A 79 3.68 2.68 -1.52
N TYR A 80 4.83 2.05 -1.69
CA TYR A 80 5.61 1.54 -0.57
C TYR A 80 7.10 1.71 -0.81
N GLU A 81 7.79 2.26 0.19
CA GLU A 81 9.23 2.47 0.09
C GLU A 81 9.61 2.97 -1.30
N GLY A 82 8.82 3.90 -1.82
CA GLY A 82 9.08 4.45 -3.15
C GLY A 82 8.79 3.46 -4.25
N ILE A 83 7.78 2.62 -4.05
CA ILE A 83 7.41 1.61 -5.03
C ILE A 83 5.93 1.73 -5.39
N PHE A 84 5.64 1.79 -6.68
CA PHE A 84 4.27 1.90 -7.16
C PHE A 84 3.56 0.55 -7.08
N ILE A 85 3.61 -0.07 -5.91
CA ILE A 85 2.96 -1.37 -5.70
C ILE A 85 1.60 -1.42 -6.38
N LYS A 86 1.31 -2.56 -7.00
CA LYS A 86 0.03 -2.75 -7.69
C LYS A 86 -0.77 -3.88 -7.04
N ASP A 87 -2.08 -3.87 -7.29
CA ASP A 87 -2.96 -4.90 -6.74
C ASP A 87 -2.57 -6.28 -7.25
N SER A 88 -2.12 -6.34 -8.50
CA SER A 88 -1.72 -7.61 -9.10
C SER A 88 -0.43 -8.13 -8.47
N ASN A 89 0.31 -7.23 -7.83
CA ASN A 89 1.57 -7.61 -7.18
C ASN A 89 1.31 -8.16 -5.77
N SER A 90 1.92 -9.29 -5.47
CA SER A 90 1.76 -9.93 -4.17
C SER A 90 2.46 -9.12 -3.08
N LEU A 91 1.99 -9.26 -1.84
CA LEU A 91 2.57 -8.55 -0.71
C LEU A 91 3.87 -9.22 -0.26
N ALA A 92 3.90 -10.55 -0.31
CA ALA A 92 5.07 -11.31 0.09
C ALA A 92 6.25 -11.04 -0.85
N TYR A 93 5.96 -11.00 -2.14
CA TYR A 93 6.99 -10.74 -3.14
C TYR A 93 7.82 -9.52 -2.78
N TYR A 94 7.14 -8.46 -2.37
CA TYR A 94 7.82 -7.23 -1.99
C TYR A 94 8.67 -7.42 -0.74
N ASN A 95 8.27 -8.38 0.10
CA ASN A 95 8.99 -8.68 1.33
C ASN A 95 9.00 -7.48 2.26
N MET A 96 7.81 -6.92 2.51
CA MET A 96 7.68 -5.77 3.39
C MET A 96 8.00 -6.14 4.83
N ALA A 97 7.95 -5.16 5.72
CA ALA A 97 8.24 -5.39 7.13
C ALA A 97 7.13 -4.83 8.02
N SER A 98 6.88 -5.51 9.12
CA SER A 98 5.84 -5.08 10.06
C SER A 98 5.84 -3.57 10.23
N GLY A 99 4.72 -3.02 10.66
CA GLY A 99 4.61 -1.59 10.86
C GLY A 99 5.02 -0.80 9.63
N ALA A 100 4.67 -1.31 8.46
CA ALA A 100 5.01 -0.65 7.20
C ALA A 100 4.20 0.63 7.03
N VAL A 101 4.48 1.37 5.96
CA VAL A 101 3.79 2.61 5.67
C VAL A 101 3.50 2.76 4.18
N ILE A 102 2.22 2.67 3.82
CA ILE A 102 1.81 2.79 2.42
C ILE A 102 1.36 4.21 2.11
N HIS A 103 2.15 4.92 1.33
CA HIS A 103 1.82 6.29 0.94
C HIS A 103 0.75 6.32 -0.14
N LEU A 104 -0.35 6.99 0.15
CA LEU A 104 -1.47 7.09 -0.80
C LEU A 104 -1.27 8.26 -1.73
N ALA A 105 -1.64 8.08 -3.00
CA ALA A 105 -1.52 9.14 -4.00
C ALA A 105 -2.64 9.06 -5.02
N LEU A 106 -3.21 10.21 -5.37
CA LEU A 106 -4.29 10.27 -6.35
C LEU A 106 -3.76 10.08 -7.76
N LYS A 107 -4.06 8.93 -8.35
CA LYS A 107 -3.62 8.63 -9.70
C LYS A 107 -4.32 9.53 -10.73
N GLU A 108 -3.54 10.36 -11.41
CA GLU A 108 -4.09 11.27 -12.41
C GLU A 108 -3.85 10.73 -13.82
N ARG A 109 -4.86 10.04 -14.35
CA ARG A 109 -4.78 9.47 -15.69
C ARG A 109 -5.05 10.54 -16.75
N SER A 110 -4.70 10.22 -18.00
CA SER A 110 -4.90 11.15 -19.10
C SER A 110 -6.18 10.83 -19.86
N GLY A 111 -7.11 11.79 -19.89
CA GLY A 111 -8.37 11.59 -20.58
C GLY A 111 -9.44 12.54 -20.10
N PRO A 112 -10.20 13.10 -21.06
CA PRO A 112 -11.27 14.05 -20.76
C PRO A 112 -12.47 13.38 -20.09
N SER A 113 -13.35 14.17 -19.50
CA SER A 113 -14.53 13.65 -18.81
C SER A 113 -15.80 14.26 -19.38
N SER A 114 -16.24 13.73 -20.52
CA SER A 114 -17.45 14.23 -21.18
C SER A 114 -18.68 13.97 -20.32
N GLY A 115 -19.76 14.68 -20.62
CA GLY A 115 -20.99 14.51 -19.86
C GLY A 115 -21.09 15.45 -18.68
N GLY A 1 21.19 -8.82 10.74
CA GLY A 1 20.04 -8.09 11.23
C GLY A 1 19.83 -6.78 10.51
N SER A 2 18.74 -6.69 9.76
CA SER A 2 18.43 -5.48 9.00
C SER A 2 18.34 -4.27 9.93
N SER A 3 18.95 -3.17 9.50
CA SER A 3 18.96 -1.95 10.29
C SER A 3 19.45 -0.76 9.46
N GLY A 4 19.09 0.45 9.90
CA GLY A 4 19.52 1.64 9.18
C GLY A 4 18.45 2.13 8.21
N SER A 5 18.61 1.80 6.94
CA SER A 5 17.66 2.21 5.92
C SER A 5 16.31 1.54 6.11
N SER A 6 15.25 2.22 5.69
CA SER A 6 13.90 1.69 5.84
C SER A 6 13.31 1.33 4.48
N GLY A 7 14.13 0.73 3.63
CA GLY A 7 13.68 0.35 2.30
C GLY A 7 14.78 -0.27 1.46
N THR A 8 14.50 -1.43 0.87
CA THR A 8 15.48 -2.12 0.04
C THR A 8 14.80 -2.89 -1.09
N GLU A 9 15.25 -2.66 -2.32
CA GLU A 9 14.68 -3.33 -3.48
C GLU A 9 15.66 -4.36 -4.04
N ASP A 10 16.93 -3.99 -4.08
CA ASP A 10 17.97 -4.88 -4.59
C ASP A 10 18.03 -6.17 -3.78
N SER A 11 18.00 -6.02 -2.46
CA SER A 11 18.05 -7.18 -1.56
C SER A 11 16.65 -7.59 -1.12
N LEU A 12 15.79 -7.90 -2.08
CA LEU A 12 14.43 -8.31 -1.79
C LEU A 12 14.35 -9.82 -1.53
N MET A 13 13.68 -10.19 -0.44
CA MET A 13 13.54 -11.59 -0.09
C MET A 13 12.57 -12.30 -1.04
N PRO A 14 12.61 -13.63 -1.05
CA PRO A 14 11.74 -14.45 -1.91
C PRO A 14 10.28 -14.41 -1.46
N GLU A 15 9.50 -15.35 -1.95
CA GLU A 15 8.08 -15.42 -1.61
C GLU A 15 7.78 -16.64 -0.72
N GLU A 16 8.46 -17.75 -1.03
CA GLU A 16 8.27 -18.98 -0.27
C GLU A 16 9.03 -18.93 1.06
N GLU A 17 10.34 -18.72 0.97
CA GLU A 17 11.18 -18.65 2.16
C GLU A 17 10.83 -17.42 3.00
N PHE A 18 10.51 -16.32 2.33
CA PHE A 18 10.15 -15.09 3.01
C PHE A 18 9.14 -15.35 4.12
N LEU A 19 7.98 -15.89 3.74
CA LEU A 19 6.93 -16.19 4.71
C LEU A 19 7.50 -16.92 5.92
N ARG A 20 8.40 -17.86 5.68
CA ARG A 20 9.02 -18.63 6.75
C ARG A 20 9.77 -17.71 7.71
N ARG A 21 10.38 -16.66 7.16
CA ARG A 21 11.14 -15.71 7.96
C ARG A 21 10.21 -14.68 8.59
N ASN A 22 9.54 -13.90 7.75
CA ASN A 22 8.63 -12.86 8.24
C ASN A 22 7.17 -13.29 8.02
N LYS A 23 6.56 -13.85 9.06
CA LYS A 23 5.18 -14.30 8.98
C LYS A 23 4.23 -13.16 9.33
N GLY A 24 4.63 -12.33 10.30
CA GLY A 24 3.80 -11.21 10.71
C GLY A 24 3.22 -11.42 12.10
N PRO A 25 2.06 -10.78 12.35
CA PRO A 25 1.38 -9.94 11.36
C PRO A 25 2.15 -8.64 11.08
N VAL A 26 1.72 -7.92 10.05
CA VAL A 26 2.36 -6.67 9.67
C VAL A 26 1.37 -5.52 9.71
N SER A 27 1.78 -4.41 10.34
CA SER A 27 0.93 -3.23 10.45
C SER A 27 1.42 -2.11 9.53
N ILE A 28 0.60 -1.75 8.56
CA ILE A 28 0.94 -0.70 7.61
C ILE A 28 0.15 0.57 7.89
N LYS A 29 0.78 1.72 7.67
CA LYS A 29 0.13 3.01 7.90
C LYS A 29 -0.21 3.68 6.57
N VAL A 30 -1.50 3.97 6.38
CA VAL A 30 -1.96 4.62 5.17
C VAL A 30 -2.12 6.12 5.35
N GLN A 31 -1.21 6.89 4.75
CA GLN A 31 -1.24 8.34 4.86
C GLN A 31 -2.34 8.93 3.98
N VAL A 32 -3.39 9.44 4.61
CA VAL A 32 -4.51 10.03 3.88
C VAL A 32 -4.33 11.53 3.75
N PRO A 33 -4.08 11.99 2.51
CA PRO A 33 -3.89 13.42 2.21
C PRO A 33 -5.19 14.21 2.34
N ASN A 34 -5.07 15.54 2.27
CA ASN A 34 -6.23 16.41 2.38
C ASN A 34 -6.66 16.94 1.01
N MET A 35 -7.85 16.57 0.59
CA MET A 35 -8.38 17.00 -0.70
C MET A 35 -9.47 18.06 -0.52
N GLN A 36 -9.12 19.31 -0.83
CA GLN A 36 -10.06 20.41 -0.69
C GLN A 36 -10.77 20.69 -2.02
N ASP A 37 -10.43 19.90 -3.04
CA ASP A 37 -11.03 20.07 -4.35
C ASP A 37 -12.44 19.49 -4.38
N LYS A 38 -13.22 19.80 -3.36
CA LYS A 38 -14.58 19.31 -3.26
C LYS A 38 -14.70 17.90 -3.82
N THR A 39 -13.88 16.99 -3.29
CA THR A 39 -13.89 15.61 -3.74
C THR A 39 -14.88 14.77 -2.94
N GLU A 40 -15.45 13.76 -3.58
CA GLU A 40 -16.42 12.88 -2.92
C GLU A 40 -15.71 11.77 -2.15
N TRP A 41 -14.49 12.05 -1.73
CA TRP A 41 -13.70 11.06 -0.99
C TRP A 41 -13.40 11.56 0.42
N LYS A 42 -13.40 10.65 1.38
CA LYS A 42 -13.13 11.00 2.77
C LYS A 42 -11.64 11.24 2.99
N LEU A 43 -11.15 12.36 2.49
CA LEU A 43 -9.73 12.71 2.63
C LEU A 43 -9.56 14.06 3.34
N ASN A 44 -9.31 14.00 4.63
CA ASN A 44 -9.12 15.22 5.42
C ASN A 44 -7.91 15.09 6.34
N GLY A 45 -6.72 15.11 5.75
CA GLY A 45 -5.51 15.00 6.53
C GLY A 45 -5.65 14.06 7.71
N GLN A 46 -5.47 12.77 7.47
CA GLN A 46 -5.58 11.77 8.52
C GLN A 46 -4.70 10.55 8.22
N GLY A 47 -4.73 9.57 9.11
CA GLY A 47 -3.93 8.38 8.92
C GLY A 47 -4.67 7.12 9.36
N LEU A 48 -4.62 6.09 8.51
CA LEU A 48 -5.28 4.82 8.81
C LEU A 48 -4.27 3.74 9.11
N VAL A 49 -4.64 2.81 9.99
CA VAL A 49 -3.76 1.71 10.36
C VAL A 49 -4.52 0.38 10.36
N PHE A 50 -3.88 -0.65 9.81
CA PHE A 50 -4.49 -1.98 9.74
C PHE A 50 -3.42 -3.07 9.88
N THR A 51 -3.72 -4.07 10.71
CA THR A 51 -2.79 -5.17 10.92
C THR A 51 -3.29 -6.44 10.24
N LEU A 52 -2.67 -6.79 9.12
CA LEU A 52 -3.04 -7.98 8.37
C LEU A 52 -1.80 -8.78 7.96
N PRO A 53 -1.92 -10.11 8.01
CA PRO A 53 -0.82 -11.01 7.64
C PRO A 53 -0.53 -10.99 6.15
N LEU A 54 0.73 -11.25 5.79
CA LEU A 54 1.15 -11.26 4.40
C LEU A 54 0.86 -12.62 3.75
N THR A 55 -0.37 -12.77 3.26
CA THR A 55 -0.77 -14.02 2.61
C THR A 55 -1.36 -13.76 1.22
N ASP A 56 -2.25 -12.78 1.15
CA ASP A 56 -2.88 -12.42 -0.12
C ASP A 56 -2.15 -11.26 -0.80
N GLN A 57 -2.69 -10.79 -1.90
CA GLN A 57 -2.09 -9.68 -2.64
C GLN A 57 -2.47 -8.33 -2.02
N VAL A 58 -2.07 -7.26 -2.68
CA VAL A 58 -2.37 -5.91 -2.19
C VAL A 58 -3.85 -5.59 -2.36
N SER A 59 -4.54 -6.41 -3.14
CA SER A 59 -5.97 -6.19 -3.38
C SER A 59 -6.76 -6.29 -2.09
N VAL A 60 -6.14 -6.85 -1.05
CA VAL A 60 -6.79 -6.99 0.25
C VAL A 60 -6.55 -5.76 1.12
N ILE A 61 -5.58 -4.94 0.73
CA ILE A 61 -5.25 -3.73 1.47
C ILE A 61 -6.05 -2.54 0.96
N LYS A 62 -6.46 -2.61 -0.31
CA LYS A 62 -7.23 -1.54 -0.92
C LYS A 62 -8.69 -1.57 -0.43
N VAL A 63 -9.23 -2.78 -0.30
CA VAL A 63 -10.60 -2.96 0.16
C VAL A 63 -10.84 -2.22 1.47
N LYS A 64 -9.88 -2.31 2.38
CA LYS A 64 -10.00 -1.65 3.68
C LYS A 64 -10.23 -0.15 3.51
N ILE A 65 -9.44 0.46 2.64
CA ILE A 65 -9.55 1.90 2.38
C ILE A 65 -10.99 2.28 2.03
N HIS A 66 -11.49 1.71 0.93
CA HIS A 66 -12.85 1.99 0.48
C HIS A 66 -13.84 1.80 1.62
N GLU A 67 -13.61 0.77 2.43
CA GLU A 67 -14.49 0.47 3.56
C GLU A 67 -14.55 1.65 4.52
N ALA A 68 -13.39 2.23 4.82
CA ALA A 68 -13.31 3.36 5.73
C ALA A 68 -13.64 4.67 5.01
N THR A 69 -12.83 5.02 4.02
CA THR A 69 -13.03 6.24 3.26
C THR A 69 -13.90 5.98 2.04
N GLY A 70 -14.52 7.04 1.52
CA GLY A 70 -15.37 6.90 0.35
C GLY A 70 -14.59 6.90 -0.94
N MET A 71 -13.38 6.34 -0.89
CA MET A 71 -12.53 6.28 -2.08
C MET A 71 -12.54 4.88 -2.67
N PRO A 72 -12.65 4.81 -4.01
CA PRO A 72 -12.69 3.53 -4.74
C PRO A 72 -11.33 2.83 -4.72
N ALA A 73 -11.36 1.50 -4.73
CA ALA A 73 -10.13 0.71 -4.73
C ALA A 73 -9.47 0.70 -6.10
N GLY A 74 -9.35 1.88 -6.70
CA GLY A 74 -8.74 1.99 -8.00
C GLY A 74 -8.04 3.33 -8.21
N LYS A 75 -8.80 4.41 -8.08
CA LYS A 75 -8.25 5.75 -8.24
C LYS A 75 -7.10 6.00 -7.27
N GLN A 76 -7.32 5.67 -6.01
CA GLN A 76 -6.30 5.85 -4.98
C GLN A 76 -5.06 5.03 -5.30
N LYS A 77 -3.91 5.71 -5.42
CA LYS A 77 -2.66 5.05 -5.72
C LYS A 77 -1.85 4.80 -4.45
N LEU A 78 -1.60 3.53 -4.15
CA LEU A 78 -0.84 3.16 -2.96
C LEU A 78 0.66 3.20 -3.23
N GLN A 79 1.40 3.82 -2.31
CA GLN A 79 2.85 3.93 -2.47
C GLN A 79 3.56 3.38 -1.23
N TYR A 80 4.42 2.40 -1.44
CA TYR A 80 5.17 1.79 -0.34
C TYR A 80 6.64 2.18 -0.40
N GLU A 81 7.02 3.14 0.43
CA GLU A 81 8.41 3.60 0.48
C GLU A 81 8.87 4.05 -0.90
N GLY A 82 7.92 4.46 -1.74
CA GLY A 82 8.26 4.91 -3.08
C GLY A 82 7.68 4.00 -4.16
N ILE A 83 7.65 2.70 -3.88
CA ILE A 83 7.12 1.73 -4.82
C ILE A 83 5.63 1.92 -5.03
N PHE A 84 5.17 1.70 -6.26
CA PHE A 84 3.77 1.84 -6.60
C PHE A 84 3.06 0.48 -6.64
N ILE A 85 3.27 -0.31 -5.60
CA ILE A 85 2.67 -1.63 -5.52
C ILE A 85 1.22 -1.61 -5.99
N LYS A 86 0.78 -2.70 -6.61
CA LYS A 86 -0.58 -2.80 -7.12
C LYS A 86 -1.26 -4.06 -6.59
N ASP A 87 -2.56 -4.19 -6.85
CA ASP A 87 -3.32 -5.35 -6.41
C ASP A 87 -2.83 -6.61 -7.11
N SER A 88 -2.31 -6.45 -8.33
CA SER A 88 -1.81 -7.59 -9.09
C SER A 88 -0.57 -8.19 -8.44
N ASN A 89 0.22 -7.34 -7.79
CA ASN A 89 1.44 -7.78 -7.13
C ASN A 89 1.14 -8.30 -5.73
N SER A 90 1.89 -9.31 -5.30
CA SER A 90 1.69 -9.91 -3.99
C SER A 90 2.55 -9.20 -2.94
N LEU A 91 2.13 -9.28 -1.69
CA LEU A 91 2.85 -8.64 -0.59
C LEU A 91 4.15 -9.39 -0.29
N ALA A 92 4.02 -10.68 -0.01
CA ALA A 92 5.18 -11.51 0.29
C ALA A 92 6.33 -11.22 -0.67
N TYR A 93 6.01 -11.11 -1.95
CA TYR A 93 7.02 -10.83 -2.97
C TYR A 93 7.88 -9.63 -2.57
N TYR A 94 7.23 -8.53 -2.24
CA TYR A 94 7.92 -7.32 -1.85
C TYR A 94 8.64 -7.51 -0.52
N ASN A 95 8.25 -8.55 0.21
CA ASN A 95 8.86 -8.85 1.51
C ASN A 95 8.66 -7.69 2.48
N MET A 96 7.45 -7.15 2.51
CA MET A 96 7.14 -6.03 3.40
C MET A 96 7.30 -6.43 4.85
N ALA A 97 7.69 -5.48 5.69
CA ALA A 97 7.88 -5.72 7.11
C ALA A 97 6.83 -4.99 7.94
N SER A 98 6.65 -5.45 9.19
CA SER A 98 5.68 -4.83 10.09
C SER A 98 5.93 -3.33 10.22
N GLY A 99 5.10 -2.68 11.03
CA GLY A 99 5.25 -1.24 11.22
C GLY A 99 5.61 -0.52 9.94
N ALA A 100 4.88 -0.79 8.86
CA ALA A 100 5.13 -0.17 7.57
C ALA A 100 4.27 1.07 7.39
N VAL A 101 4.62 1.89 6.40
CA VAL A 101 3.87 3.11 6.12
C VAL A 101 3.61 3.27 4.63
N ILE A 102 2.37 3.01 4.22
CA ILE A 102 1.99 3.11 2.82
C ILE A 102 1.47 4.51 2.50
N HIS A 103 2.30 5.30 1.83
CA HIS A 103 1.92 6.67 1.46
C HIS A 103 0.87 6.65 0.34
N LEU A 104 -0.21 7.39 0.55
CA LEU A 104 -1.28 7.46 -0.43
C LEU A 104 -1.01 8.56 -1.45
N ALA A 105 -1.24 8.24 -2.73
CA ALA A 105 -1.03 9.21 -3.80
C ALA A 105 -2.24 9.31 -4.70
N LEU A 106 -2.57 10.52 -5.13
CA LEU A 106 -3.72 10.76 -6.00
C LEU A 106 -3.35 10.52 -7.45
N LYS A 107 -4.28 9.96 -8.22
CA LYS A 107 -4.06 9.68 -9.63
C LYS A 107 -3.87 10.97 -10.42
N GLU A 108 -2.67 11.14 -10.99
CA GLU A 108 -2.36 12.34 -11.77
C GLU A 108 -3.10 12.32 -13.10
N ARG A 109 -3.76 13.43 -13.41
CA ARG A 109 -4.50 13.55 -14.66
C ARG A 109 -4.95 14.99 -14.90
N SER A 110 -4.67 15.50 -16.08
CA SER A 110 -5.04 16.88 -16.43
C SER A 110 -6.55 17.00 -16.58
N GLY A 111 -7.15 16.05 -17.27
CA GLY A 111 -8.59 16.07 -17.48
C GLY A 111 -8.98 16.75 -18.78
N PRO A 112 -10.28 17.06 -18.92
CA PRO A 112 -10.80 17.71 -20.13
C PRO A 112 -10.33 19.16 -20.26
N SER A 113 -10.20 19.61 -21.50
CA SER A 113 -9.75 20.98 -21.76
C SER A 113 -10.69 22.00 -21.11
N SER A 114 -10.16 22.78 -20.19
CA SER A 114 -10.95 23.79 -19.49
C SER A 114 -11.63 24.73 -20.49
N GLY A 115 -10.83 25.29 -21.40
CA GLY A 115 -11.36 26.20 -22.39
C GLY A 115 -11.76 27.54 -21.80
N GLY A 1 26.37 -10.64 16.29
CA GLY A 1 25.16 -9.85 16.17
C GLY A 1 25.36 -8.59 15.35
N SER A 2 24.82 -8.59 14.14
CA SER A 2 24.95 -7.44 13.24
C SER A 2 23.98 -6.33 13.63
N SER A 3 24.36 -5.08 13.37
CA SER A 3 23.52 -3.94 13.68
C SER A 3 23.26 -3.09 12.44
N GLY A 4 22.21 -2.28 12.50
CA GLY A 4 21.88 -1.43 11.38
C GLY A 4 20.97 -2.12 10.38
N SER A 5 19.78 -1.54 10.16
CA SER A 5 18.82 -2.11 9.24
C SER A 5 19.29 -1.97 7.79
N SER A 6 18.52 -2.52 6.86
CA SER A 6 18.87 -2.46 5.45
C SER A 6 17.71 -1.91 4.63
N GLY A 7 18.00 -1.53 3.38
CA GLY A 7 16.97 -1.01 2.51
C GLY A 7 17.43 -0.89 1.08
N THR A 8 17.29 -1.98 0.32
CA THR A 8 17.70 -1.99 -1.07
C THR A 8 16.83 -2.95 -1.89
N GLU A 9 16.28 -2.45 -2.99
CA GLU A 9 15.43 -3.26 -3.85
C GLU A 9 16.24 -3.89 -4.97
N ASP A 10 17.46 -4.29 -4.65
CA ASP A 10 18.35 -4.91 -5.64
C ASP A 10 18.25 -6.44 -5.56
N SER A 11 18.31 -6.98 -4.35
CA SER A 11 18.24 -8.41 -4.14
C SER A 11 17.07 -8.77 -3.22
N LEU A 12 15.89 -8.31 -3.59
CA LEU A 12 14.68 -8.58 -2.80
C LEU A 12 14.57 -10.07 -2.46
N MET A 13 14.00 -10.37 -1.31
CA MET A 13 13.83 -11.75 -0.88
C MET A 13 12.72 -12.44 -1.67
N PRO A 14 12.75 -13.78 -1.68
CA PRO A 14 11.75 -14.59 -2.41
C PRO A 14 10.38 -14.52 -1.76
N GLU A 15 9.51 -15.46 -2.12
CA GLU A 15 8.15 -15.50 -1.58
C GLU A 15 7.99 -16.67 -0.62
N GLU A 16 8.38 -17.86 -1.07
CA GLU A 16 8.27 -19.06 -0.24
C GLU A 16 8.99 -18.87 1.10
N GLU A 17 10.31 -18.73 1.04
CA GLU A 17 11.11 -18.55 2.24
C GLU A 17 10.63 -17.33 3.02
N PHE A 18 10.51 -16.19 2.34
CA PHE A 18 10.06 -14.97 2.98
C PHE A 18 9.03 -15.26 4.07
N LEU A 19 7.93 -15.90 3.67
CA LEU A 19 6.87 -16.23 4.62
C LEU A 19 7.44 -16.88 5.86
N ARG A 20 8.43 -17.75 5.68
CA ARG A 20 9.06 -18.45 6.79
C ARG A 20 9.74 -17.46 7.73
N ARG A 21 10.20 -16.34 7.17
CA ARG A 21 10.87 -15.32 7.96
C ARG A 21 9.88 -14.26 8.45
N ASN A 22 9.28 -13.55 7.50
CA ASN A 22 8.31 -12.51 7.83
C ASN A 22 6.91 -12.92 7.38
N LYS A 23 6.14 -13.48 8.32
CA LYS A 23 4.77 -13.91 8.03
C LYS A 23 3.77 -12.84 8.45
N GLY A 24 4.08 -12.14 9.53
CA GLY A 24 3.19 -11.10 10.03
C GLY A 24 2.53 -11.48 11.33
N PRO A 25 1.45 -10.76 11.68
CA PRO A 25 0.93 -9.66 10.87
C PRO A 25 1.86 -8.45 10.85
N VAL A 26 1.55 -7.48 10.00
CA VAL A 26 2.36 -6.28 9.89
C VAL A 26 1.50 -5.03 10.05
N SER A 27 1.97 -4.09 10.88
CA SER A 27 1.24 -2.85 11.12
C SER A 27 1.67 -1.77 10.13
N ILE A 28 0.80 -1.50 9.16
CA ILE A 28 1.09 -0.48 8.15
C ILE A 28 0.27 0.78 8.40
N LYS A 29 0.82 1.92 8.00
CA LYS A 29 0.14 3.20 8.16
C LYS A 29 -0.19 3.82 6.81
N VAL A 30 -1.47 4.14 6.61
CA VAL A 30 -1.92 4.75 5.36
C VAL A 30 -2.01 6.26 5.49
N GLN A 31 -1.08 6.97 4.85
CA GLN A 31 -1.06 8.43 4.89
C GLN A 31 -2.21 9.02 4.07
N VAL A 32 -3.18 9.61 4.76
CA VAL A 32 -4.32 10.20 4.09
C VAL A 32 -4.13 11.71 3.92
N PRO A 33 -3.79 12.12 2.69
CA PRO A 33 -3.57 13.54 2.36
C PRO A 33 -4.87 14.34 2.38
N ASN A 34 -4.80 15.56 2.91
CA ASN A 34 -5.97 16.43 2.99
C ASN A 34 -6.30 17.01 1.62
N MET A 35 -7.20 16.35 0.91
CA MET A 35 -7.61 16.81 -0.42
C MET A 35 -8.69 17.89 -0.32
N GLN A 36 -8.26 19.15 -0.35
CA GLN A 36 -9.19 20.27 -0.25
C GLN A 36 -9.55 20.79 -1.64
N ASP A 37 -8.57 20.78 -2.55
CA ASP A 37 -8.78 21.26 -3.90
C ASP A 37 -10.16 20.84 -4.42
N LYS A 38 -10.31 19.55 -4.68
CA LYS A 38 -11.58 19.01 -5.18
C LYS A 38 -11.56 17.49 -5.20
N THR A 39 -12.51 16.87 -4.52
CA THR A 39 -12.60 15.42 -4.47
C THR A 39 -13.86 14.97 -3.73
N GLU A 40 -14.32 13.76 -4.04
CA GLU A 40 -15.52 13.22 -3.40
C GLU A 40 -15.18 11.99 -2.55
N TRP A 41 -14.13 12.11 -1.75
CA TRP A 41 -13.70 11.02 -0.88
C TRP A 41 -13.43 11.52 0.54
N LYS A 42 -13.21 10.58 1.45
CA LYS A 42 -12.95 10.92 2.85
C LYS A 42 -11.45 11.11 3.08
N LEU A 43 -10.94 12.29 2.71
CA LEU A 43 -9.53 12.60 2.88
C LEU A 43 -9.35 13.94 3.60
N ASN A 44 -9.08 13.87 4.89
CA ASN A 44 -8.88 15.08 5.69
C ASN A 44 -7.67 14.94 6.60
N GLY A 45 -6.47 15.00 6.00
CA GLY A 45 -5.25 14.88 6.77
C GLY A 45 -5.39 13.93 7.94
N GLN A 46 -5.21 12.64 7.68
CA GLN A 46 -5.31 11.63 8.72
C GLN A 46 -4.48 10.39 8.37
N GLY A 47 -4.55 9.38 9.23
CA GLY A 47 -3.80 8.16 9.00
C GLY A 47 -4.57 6.91 9.36
N LEU A 48 -4.65 5.97 8.42
CA LEU A 48 -5.37 4.72 8.65
C LEU A 48 -4.41 3.54 8.76
N VAL A 49 -4.43 2.89 9.92
CA VAL A 49 -3.56 1.74 10.15
C VAL A 49 -4.37 0.46 10.31
N PHE A 50 -3.84 -0.64 9.79
CA PHE A 50 -4.52 -1.92 9.86
C PHE A 50 -3.50 -3.06 9.96
N THR A 51 -3.81 -4.06 10.79
CA THR A 51 -2.93 -5.20 10.97
C THR A 51 -3.44 -6.41 10.21
N LEU A 52 -2.72 -6.79 9.16
CA LEU A 52 -3.09 -7.94 8.34
C LEU A 52 -1.87 -8.74 7.93
N PRO A 53 -1.99 -10.08 7.98
CA PRO A 53 -0.90 -10.98 7.62
C PRO A 53 -0.61 -10.98 6.12
N LEU A 54 0.60 -11.38 5.76
CA LEU A 54 1.01 -11.41 4.35
C LEU A 54 0.69 -12.77 3.73
N THR A 55 -0.54 -12.92 3.25
CA THR A 55 -0.97 -14.17 2.62
C THR A 55 -1.56 -13.91 1.25
N ASP A 56 -2.34 -12.85 1.14
CA ASP A 56 -2.98 -12.49 -0.13
C ASP A 56 -2.23 -11.35 -0.81
N GLN A 57 -2.78 -10.87 -1.93
CA GLN A 57 -2.16 -9.78 -2.67
C GLN A 57 -2.48 -8.43 -2.02
N VAL A 58 -2.03 -7.35 -2.66
CA VAL A 58 -2.26 -6.01 -2.15
C VAL A 58 -3.73 -5.63 -2.28
N SER A 59 -4.46 -6.38 -3.10
CA SER A 59 -5.88 -6.10 -3.32
C SER A 59 -6.64 -6.11 -2.00
N VAL A 60 -6.32 -7.07 -1.13
CA VAL A 60 -6.97 -7.19 0.16
C VAL A 60 -6.70 -5.97 1.03
N ILE A 61 -5.67 -5.21 0.65
CA ILE A 61 -5.30 -4.01 1.40
C ILE A 61 -6.09 -2.79 0.91
N LYS A 62 -6.32 -2.73 -0.40
CA LYS A 62 -7.07 -1.63 -0.99
C LYS A 62 -8.55 -1.70 -0.61
N VAL A 63 -9.09 -2.92 -0.60
CA VAL A 63 -10.48 -3.12 -0.25
C VAL A 63 -10.82 -2.49 1.09
N LYS A 64 -9.89 -2.60 2.04
CA LYS A 64 -10.10 -2.04 3.37
C LYS A 64 -10.32 -0.53 3.29
N ILE A 65 -9.45 0.16 2.55
CA ILE A 65 -9.55 1.60 2.39
C ILE A 65 -10.98 2.01 2.05
N HIS A 66 -11.43 1.64 0.85
CA HIS A 66 -12.77 1.97 0.40
C HIS A 66 -13.79 1.73 1.50
N GLU A 67 -13.50 0.76 2.38
CA GLU A 67 -14.39 0.43 3.48
C GLU A 67 -14.62 1.65 4.37
N ALA A 68 -13.53 2.22 4.87
CA ALA A 68 -13.61 3.38 5.74
C ALA A 68 -13.83 4.66 4.93
N THR A 69 -12.93 4.91 3.97
CA THR A 69 -13.03 6.09 3.13
C THR A 69 -13.75 5.79 1.83
N GLY A 70 -14.35 6.80 1.23
CA GLY A 70 -15.07 6.62 -0.02
C GLY A 70 -14.15 6.62 -1.22
N MET A 71 -12.98 6.00 -1.07
CA MET A 71 -12.01 5.92 -2.15
C MET A 71 -11.99 4.52 -2.77
N PRO A 72 -12.13 4.46 -4.10
CA PRO A 72 -12.12 3.19 -4.84
C PRO A 72 -10.75 2.52 -4.84
N ALA A 73 -10.74 1.23 -5.16
CA ALA A 73 -9.48 0.48 -5.20
C ALA A 73 -8.87 0.52 -6.60
N GLY A 74 -8.53 1.71 -7.05
CA GLY A 74 -7.94 1.86 -8.37
C GLY A 74 -7.32 3.23 -8.59
N LYS A 75 -8.05 4.27 -8.23
CA LYS A 75 -7.57 5.64 -8.38
C LYS A 75 -6.48 5.94 -7.35
N GLN A 76 -6.62 5.38 -6.16
CA GLN A 76 -5.64 5.58 -5.09
C GLN A 76 -4.36 4.80 -5.37
N LYS A 77 -3.24 5.52 -5.40
CA LYS A 77 -1.94 4.89 -5.64
C LYS A 77 -1.22 4.59 -4.34
N LEU A 78 -1.08 3.29 -4.04
CA LEU A 78 -0.41 2.87 -2.82
C LEU A 78 1.10 2.76 -3.03
N GLN A 79 1.84 3.65 -2.39
CA GLN A 79 3.30 3.66 -2.50
C GLN A 79 3.95 3.11 -1.24
N TYR A 80 4.97 2.27 -1.40
CA TYR A 80 5.67 1.68 -0.28
C TYR A 80 7.18 1.72 -0.50
N GLU A 81 7.86 2.55 0.28
CA GLU A 81 9.31 2.69 0.17
C GLU A 81 9.71 3.12 -1.23
N GLY A 82 9.04 4.16 -1.74
CA GLY A 82 9.35 4.65 -3.07
C GLY A 82 9.03 3.64 -4.15
N ILE A 83 8.04 2.78 -3.90
CA ILE A 83 7.65 1.76 -4.85
C ILE A 83 6.17 1.87 -5.20
N PHE A 84 5.81 1.48 -6.42
CA PHE A 84 4.43 1.54 -6.86
C PHE A 84 3.79 0.15 -6.82
N ILE A 85 3.30 -0.23 -5.64
CA ILE A 85 2.66 -1.53 -5.46
C ILE A 85 1.24 -1.52 -6.00
N LYS A 86 0.83 -2.64 -6.58
CA LYS A 86 -0.52 -2.77 -7.14
C LYS A 86 -1.23 -3.98 -6.56
N ASP A 87 -2.51 -4.13 -6.90
CA ASP A 87 -3.31 -5.25 -6.42
C ASP A 87 -2.91 -6.54 -7.13
N SER A 88 -2.53 -6.41 -8.40
CA SER A 88 -2.14 -7.57 -9.20
C SER A 88 -0.88 -8.22 -8.64
N ASN A 89 -0.07 -7.43 -7.94
CA ASN A 89 1.16 -7.93 -7.36
C ASN A 89 0.92 -8.43 -5.93
N SER A 90 1.60 -9.52 -5.58
CA SER A 90 1.46 -10.10 -4.25
C SER A 90 2.30 -9.34 -3.22
N LEU A 91 1.93 -9.46 -1.95
CA LEU A 91 2.65 -8.80 -0.88
C LEU A 91 3.99 -9.47 -0.62
N ALA A 92 3.94 -10.73 -0.21
CA ALA A 92 5.14 -11.50 0.07
C ALA A 92 6.23 -11.20 -0.95
N TYR A 93 5.87 -11.28 -2.22
CA TYR A 93 6.83 -11.02 -3.30
C TYR A 93 7.64 -9.77 -3.01
N TYR A 94 6.98 -8.73 -2.51
CA TYR A 94 7.65 -7.48 -2.19
C TYR A 94 8.54 -7.62 -0.97
N ASN A 95 8.18 -8.56 -0.10
CA ASN A 95 8.94 -8.81 1.12
C ASN A 95 8.93 -7.58 2.03
N MET A 96 7.73 -7.10 2.33
CA MET A 96 7.58 -5.92 3.19
C MET A 96 8.02 -6.23 4.62
N ALA A 97 7.90 -5.24 5.50
CA ALA A 97 8.29 -5.42 6.90
C ALA A 97 7.30 -4.72 7.83
N SER A 98 7.09 -5.30 9.00
CA SER A 98 6.17 -4.74 9.98
C SER A 98 6.43 -3.24 10.18
N GLY A 99 5.54 -2.58 10.92
CA GLY A 99 5.69 -1.16 11.18
C GLY A 99 5.98 -0.37 9.91
N ALA A 100 5.38 -0.80 8.80
CA ALA A 100 5.57 -0.12 7.52
C ALA A 100 4.63 1.06 7.38
N VAL A 101 4.77 1.80 6.29
CA VAL A 101 3.94 2.97 6.03
C VAL A 101 3.58 3.07 4.56
N ILE A 102 2.28 2.98 4.26
CA ILE A 102 1.81 3.06 2.89
C ILE A 102 1.33 4.48 2.56
N HIS A 103 2.11 5.19 1.75
CA HIS A 103 1.77 6.55 1.36
C HIS A 103 0.67 6.55 0.31
N LEU A 104 -0.39 7.31 0.57
CA LEU A 104 -1.52 7.39 -0.35
C LEU A 104 -1.27 8.46 -1.41
N ALA A 105 -1.61 8.14 -2.65
CA ALA A 105 -1.43 9.07 -3.76
C ALA A 105 -2.62 9.04 -4.71
N LEU A 106 -2.60 9.91 -5.70
CA LEU A 106 -3.69 9.98 -6.68
C LEU A 106 -3.20 9.60 -8.07
N LYS A 107 -3.74 8.50 -8.60
CA LYS A 107 -3.37 8.03 -9.92
C LYS A 107 -3.58 9.11 -10.98
N GLU A 108 -2.56 9.34 -11.81
CA GLU A 108 -2.64 10.34 -12.85
C GLU A 108 -4.02 10.35 -13.51
N ARG A 109 -4.58 11.54 -13.69
CA ARG A 109 -5.90 11.67 -14.30
C ARG A 109 -5.82 11.51 -15.81
N SER A 110 -6.98 11.40 -16.45
CA SER A 110 -7.04 11.24 -17.90
C SER A 110 -7.75 12.42 -18.56
N GLY A 111 -8.96 12.71 -18.09
CA GLY A 111 -9.72 13.82 -18.64
C GLY A 111 -10.75 14.34 -17.67
N PRO A 112 -10.32 15.23 -16.75
CA PRO A 112 -11.21 15.82 -15.75
C PRO A 112 -12.20 16.80 -16.36
N SER A 113 -13.43 16.34 -16.55
CA SER A 113 -14.48 17.18 -17.13
C SER A 113 -15.46 17.63 -16.06
N SER A 114 -15.54 18.95 -15.86
CA SER A 114 -16.43 19.52 -14.86
C SER A 114 -16.74 20.98 -15.17
N GLY A 115 -17.84 21.48 -14.62
CA GLY A 115 -18.23 22.86 -14.85
C GLY A 115 -18.98 23.04 -16.15
N GLY A 1 32.00 -4.53 6.57
CA GLY A 1 31.28 -3.50 7.28
C GLY A 1 30.82 -2.38 6.37
N SER A 2 29.60 -2.48 5.87
CA SER A 2 29.04 -1.47 4.97
C SER A 2 27.64 -1.08 5.40
N SER A 3 27.33 0.21 5.30
CA SER A 3 26.02 0.72 5.68
C SER A 3 25.35 1.44 4.50
N GLY A 4 24.31 0.82 3.95
CA GLY A 4 23.61 1.41 2.82
C GLY A 4 23.77 0.62 1.55
N SER A 5 22.66 0.22 0.96
CA SER A 5 22.69 -0.55 -0.28
C SER A 5 22.29 0.31 -1.47
N SER A 6 23.04 0.20 -2.55
CA SER A 6 22.78 0.97 -3.76
C SER A 6 21.31 0.86 -4.17
N GLY A 7 20.79 -0.37 -4.15
CA GLY A 7 19.40 -0.59 -4.51
C GLY A 7 18.78 -1.73 -3.73
N THR A 8 17.71 -1.43 -3.00
CA THR A 8 17.02 -2.44 -2.21
C THR A 8 16.19 -3.36 -3.09
N GLU A 9 15.47 -2.78 -4.04
CA GLU A 9 14.63 -3.56 -4.95
C GLU A 9 15.45 -4.08 -6.13
N ASP A 10 16.70 -4.46 -5.84
CA ASP A 10 17.59 -4.98 -6.87
C ASP A 10 17.72 -6.50 -6.75
N SER A 11 17.98 -6.97 -5.54
CA SER A 11 18.14 -8.40 -5.30
C SER A 11 17.19 -8.87 -4.19
N LEU A 12 15.93 -8.47 -4.29
CA LEU A 12 14.92 -8.84 -3.30
C LEU A 12 14.90 -10.36 -3.10
N MET A 13 14.26 -10.79 -2.02
CA MET A 13 14.16 -12.21 -1.70
C MET A 13 12.92 -12.82 -2.34
N PRO A 14 12.86 -14.16 -2.34
CA PRO A 14 11.72 -14.90 -2.91
C PRO A 14 10.45 -14.74 -2.08
N GLU A 15 9.45 -15.55 -2.39
CA GLU A 15 8.17 -15.51 -1.67
C GLU A 15 8.09 -16.63 -0.63
N GLU A 16 8.35 -17.85 -1.08
CA GLU A 16 8.30 -19.01 -0.18
C GLU A 16 9.08 -18.74 1.10
N GLU A 17 10.38 -18.54 0.96
CA GLU A 17 11.24 -18.28 2.11
C GLU A 17 10.71 -17.10 2.93
N PHE A 18 10.41 -16.00 2.24
CA PHE A 18 9.90 -14.81 2.91
C PHE A 18 8.97 -15.18 4.05
N LEU A 19 7.88 -15.87 3.73
CA LEU A 19 6.91 -16.29 4.73
C LEU A 19 7.61 -16.94 5.92
N ARG A 20 8.67 -17.69 5.64
CA ARG A 20 9.42 -18.38 6.69
C ARG A 20 10.07 -17.38 7.63
N ARG A 21 10.53 -16.26 7.08
CA ARG A 21 11.17 -15.23 7.88
C ARG A 21 10.14 -14.48 8.73
N ASN A 22 9.04 -14.09 8.11
CA ASN A 22 7.98 -13.38 8.82
C ASN A 22 6.61 -13.92 8.43
N LYS A 23 5.67 -13.88 9.38
CA LYS A 23 4.32 -14.36 9.15
C LYS A 23 3.30 -13.26 9.38
N GLY A 24 3.54 -12.44 10.40
CA GLY A 24 2.63 -11.36 10.73
C GLY A 24 1.86 -11.59 12.01
N PRO A 25 0.75 -10.87 12.19
CA PRO A 25 0.28 -9.89 11.20
C PRO A 25 1.18 -8.66 11.12
N VAL A 26 1.13 -7.97 9.98
CA VAL A 26 1.94 -6.77 9.78
C VAL A 26 1.09 -5.51 9.85
N SER A 27 1.55 -4.53 10.63
CA SER A 27 0.84 -3.27 10.78
C SER A 27 1.35 -2.23 9.79
N ILE A 28 0.44 -1.68 8.99
CA ILE A 28 0.80 -0.68 8.00
C ILE A 28 0.01 0.61 8.23
N LYS A 29 0.66 1.74 7.99
CA LYS A 29 0.03 3.04 8.16
C LYS A 29 -0.26 3.69 6.81
N VAL A 30 -1.54 3.94 6.55
CA VAL A 30 -1.95 4.55 5.28
C VAL A 30 -2.02 6.07 5.42
N GLN A 31 -1.06 6.75 4.80
CA GLN A 31 -1.02 8.21 4.85
C GLN A 31 -2.10 8.81 3.96
N VAL A 32 -3.19 9.26 4.58
CA VAL A 32 -4.30 9.86 3.86
C VAL A 32 -4.09 11.36 3.68
N PRO A 33 -4.00 11.79 2.41
CA PRO A 33 -3.81 13.22 2.07
C PRO A 33 -5.03 14.07 2.40
N ASN A 34 -4.92 15.36 2.14
CA ASN A 34 -6.02 16.28 2.41
C ASN A 34 -6.42 17.04 1.14
N MET A 35 -7.44 16.54 0.46
CA MET A 35 -7.92 17.17 -0.77
C MET A 35 -8.93 18.27 -0.46
N GLN A 36 -8.46 19.50 -0.43
CA GLN A 36 -9.33 20.65 -0.14
C GLN A 36 -9.96 21.17 -1.42
N ASP A 37 -9.18 21.23 -2.50
CA ASP A 37 -9.67 21.72 -3.78
C ASP A 37 -11.00 21.06 -4.14
N LYS A 38 -10.94 19.77 -4.44
CA LYS A 38 -12.14 19.02 -4.81
C LYS A 38 -11.82 17.54 -4.99
N THR A 39 -12.72 16.68 -4.51
CA THR A 39 -12.53 15.24 -4.62
C THR A 39 -13.76 14.49 -4.11
N GLU A 40 -13.92 13.25 -4.55
CA GLU A 40 -15.04 12.42 -4.13
C GLU A 40 -14.59 11.32 -3.19
N TRP A 41 -13.71 11.68 -2.26
CA TRP A 41 -13.19 10.71 -1.29
C TRP A 41 -13.05 11.35 0.09
N LYS A 42 -12.68 10.54 1.08
CA LYS A 42 -12.50 11.02 2.44
C LYS A 42 -11.04 11.37 2.71
N LEU A 43 -10.60 12.51 2.19
CA LEU A 43 -9.23 12.96 2.37
C LEU A 43 -9.18 14.23 3.22
N ASN A 44 -8.86 14.06 4.50
CA ASN A 44 -8.77 15.20 5.42
C ASN A 44 -7.51 15.11 6.27
N GLY A 45 -6.37 14.86 5.62
CA GLY A 45 -5.11 14.77 6.34
C GLY A 45 -5.23 13.89 7.57
N GLN A 46 -5.00 12.60 7.40
CA GLN A 46 -5.07 11.66 8.51
C GLN A 46 -4.31 10.37 8.19
N GLY A 47 -4.40 9.39 9.08
CA GLY A 47 -3.71 8.13 8.89
C GLY A 47 -4.56 6.94 9.28
N LEU A 48 -4.62 5.93 8.41
CA LEU A 48 -5.40 4.74 8.68
C LEU A 48 -4.50 3.52 8.82
N VAL A 49 -4.51 2.90 9.99
CA VAL A 49 -3.70 1.72 10.25
C VAL A 49 -4.55 0.45 10.24
N PHE A 50 -4.01 -0.61 9.66
CA PHE A 50 -4.72 -1.89 9.59
C PHE A 50 -3.77 -3.05 9.85
N THR A 51 -4.19 -3.96 10.74
CA THR A 51 -3.37 -5.13 11.07
C THR A 51 -3.85 -6.36 10.32
N LEU A 52 -3.11 -6.72 9.27
CA LEU A 52 -3.45 -7.88 8.45
C LEU A 52 -2.20 -8.65 8.06
N PRO A 53 -2.29 -9.99 8.09
CA PRO A 53 -1.17 -10.87 7.73
C PRO A 53 -0.85 -10.83 6.24
N LEU A 54 0.30 -11.36 5.87
CA LEU A 54 0.73 -11.39 4.47
C LEU A 54 0.41 -12.74 3.84
N THR A 55 -0.81 -12.88 3.33
CA THR A 55 -1.25 -14.11 2.69
C THR A 55 -1.81 -13.84 1.29
N ASP A 56 -2.68 -12.84 1.21
CA ASP A 56 -3.30 -12.48 -0.08
C ASP A 56 -2.51 -11.36 -0.75
N GLN A 57 -3.04 -10.87 -1.87
CA GLN A 57 -2.40 -9.80 -2.61
C GLN A 57 -2.64 -8.45 -1.96
N VAL A 58 -2.17 -7.38 -2.60
CA VAL A 58 -2.35 -6.04 -2.07
C VAL A 58 -3.83 -5.65 -2.01
N SER A 59 -4.64 -6.35 -2.80
CA SER A 59 -6.07 -6.08 -2.83
C SER A 59 -6.65 -6.04 -1.41
N VAL A 60 -6.42 -7.09 -0.66
CA VAL A 60 -6.91 -7.18 0.71
C VAL A 60 -6.62 -5.90 1.49
N ILE A 61 -5.61 -5.16 1.03
CA ILE A 61 -5.22 -3.91 1.67
C ILE A 61 -5.99 -2.73 1.09
N LYS A 62 -6.25 -2.78 -0.21
CA LYS A 62 -6.99 -1.72 -0.90
C LYS A 62 -8.44 -1.69 -0.45
N VAL A 63 -9.02 -2.87 -0.25
CA VAL A 63 -10.41 -2.98 0.17
C VAL A 63 -10.66 -2.17 1.44
N LYS A 64 -9.71 -2.24 2.37
CA LYS A 64 -9.82 -1.51 3.64
C LYS A 64 -10.07 -0.02 3.38
N ILE A 65 -9.26 0.56 2.50
CA ILE A 65 -9.39 1.98 2.18
C ILE A 65 -10.82 2.32 1.77
N HIS A 66 -11.35 1.58 0.80
CA HIS A 66 -12.71 1.80 0.33
C HIS A 66 -13.72 1.62 1.46
N GLU A 67 -13.45 0.66 2.35
CA GLU A 67 -14.33 0.39 3.47
C GLU A 67 -14.48 1.63 4.35
N ALA A 68 -13.36 2.26 4.66
CA ALA A 68 -13.37 3.46 5.49
C ALA A 68 -13.71 4.70 4.68
N THR A 69 -12.88 4.99 3.67
CA THR A 69 -13.10 6.15 2.82
C THR A 69 -13.88 5.77 1.57
N GLY A 70 -14.51 6.76 0.95
CA GLY A 70 -15.29 6.52 -0.24
C GLY A 70 -14.44 6.46 -1.50
N MET A 71 -13.19 6.03 -1.34
CA MET A 71 -12.26 5.93 -2.47
C MET A 71 -12.29 4.53 -3.07
N PRO A 72 -12.29 4.47 -4.40
CA PRO A 72 -12.31 3.20 -5.14
C PRO A 72 -10.99 2.43 -5.00
N ALA A 73 -11.05 1.12 -5.22
CA ALA A 73 -9.87 0.27 -5.11
C ALA A 73 -9.02 0.37 -6.38
N GLY A 74 -8.81 1.59 -6.86
CA GLY A 74 -8.02 1.80 -8.06
C GLY A 74 -7.30 3.13 -8.05
N LYS A 75 -8.06 4.21 -8.08
CA LYS A 75 -7.50 5.55 -8.08
C LYS A 75 -6.44 5.70 -6.99
N GLN A 76 -6.74 5.17 -5.80
CA GLN A 76 -5.80 5.24 -4.69
C GLN A 76 -4.52 4.49 -4.99
N LYS A 77 -3.46 5.24 -5.28
CA LYS A 77 -2.16 4.64 -5.60
C LYS A 77 -1.34 4.44 -4.33
N LEU A 78 -1.20 3.19 -3.91
CA LEU A 78 -0.43 2.86 -2.71
C LEU A 78 1.07 2.82 -3.02
N GLN A 79 1.80 3.79 -2.49
CA GLN A 79 3.24 3.86 -2.70
C GLN A 79 4.00 3.31 -1.50
N TYR A 80 4.96 2.44 -1.77
CA TYR A 80 5.76 1.84 -0.70
C TYR A 80 7.22 1.73 -1.12
N GLU A 81 8.10 2.37 -0.36
CA GLU A 81 9.53 2.34 -0.65
C GLU A 81 9.80 2.66 -2.12
N GLY A 82 9.16 3.71 -2.61
CA GLY A 82 9.34 4.11 -3.99
C GLY A 82 8.80 3.08 -4.96
N ILE A 83 7.75 2.36 -4.55
CA ILE A 83 7.15 1.34 -5.39
C ILE A 83 5.65 1.60 -5.56
N PHE A 84 5.14 1.27 -6.74
CA PHE A 84 3.72 1.46 -7.04
C PHE A 84 2.95 0.16 -6.84
N ILE A 85 3.09 -0.45 -5.67
CA ILE A 85 2.41 -1.70 -5.36
C ILE A 85 0.96 -1.67 -5.83
N LYS A 86 0.52 -2.76 -6.44
CA LYS A 86 -0.86 -2.85 -6.93
C LYS A 86 -1.51 -4.14 -6.46
N ASP A 87 -2.80 -4.28 -6.73
CA ASP A 87 -3.55 -5.46 -6.34
C ASP A 87 -3.18 -6.66 -7.21
N SER A 88 -2.56 -6.38 -8.35
CA SER A 88 -2.15 -7.43 -9.28
C SER A 88 -0.96 -8.21 -8.73
N ASN A 89 -0.12 -7.53 -7.95
CA ASN A 89 1.05 -8.16 -7.36
C ASN A 89 0.79 -8.56 -5.91
N SER A 90 1.50 -9.57 -5.43
CA SER A 90 1.34 -10.04 -4.06
C SER A 90 2.23 -9.27 -3.10
N LEU A 91 1.94 -9.36 -1.82
CA LEU A 91 2.72 -8.67 -0.80
C LEU A 91 4.06 -9.37 -0.56
N ALA A 92 3.99 -10.64 -0.19
CA ALA A 92 5.20 -11.43 0.07
C ALA A 92 6.29 -11.10 -0.94
N TYR A 93 5.96 -11.23 -2.22
CA TYR A 93 6.92 -10.95 -3.29
C TYR A 93 7.78 -9.74 -2.95
N TYR A 94 7.13 -8.61 -2.70
CA TYR A 94 7.83 -7.38 -2.35
C TYR A 94 8.70 -7.57 -1.12
N ASN A 95 8.23 -8.40 -0.19
CA ASN A 95 8.97 -8.67 1.04
C ASN A 95 8.92 -7.47 1.97
N MET A 96 7.71 -7.01 2.27
CA MET A 96 7.52 -5.86 3.16
C MET A 96 7.87 -6.23 4.59
N ALA A 97 7.83 -5.24 5.48
CA ALA A 97 8.13 -5.46 6.89
C ALA A 97 7.07 -4.84 7.79
N SER A 98 6.76 -5.52 8.89
CA SER A 98 5.76 -5.04 9.83
C SER A 98 5.93 -3.55 10.10
N GLY A 99 4.95 -2.96 10.78
CA GLY A 99 5.01 -1.55 11.09
C GLY A 99 5.38 -0.70 9.89
N ALA A 100 5.00 -1.18 8.70
CA ALA A 100 5.30 -0.46 7.46
C ALA A 100 4.43 0.78 7.34
N VAL A 101 4.68 1.58 6.29
CA VAL A 101 3.92 2.79 6.06
C VAL A 101 3.59 2.95 4.58
N ILE A 102 2.31 2.83 4.25
CA ILE A 102 1.86 2.97 2.86
C ILE A 102 1.38 4.38 2.58
N HIS A 103 2.16 5.11 1.78
CA HIS A 103 1.82 6.48 1.43
C HIS A 103 0.79 6.51 0.30
N LEU A 104 -0.35 7.15 0.55
CA LEU A 104 -1.41 7.25 -0.44
C LEU A 104 -1.21 8.46 -1.34
N ALA A 105 -1.50 8.30 -2.63
CA ALA A 105 -1.37 9.39 -3.59
C ALA A 105 -2.48 9.36 -4.62
N LEU A 106 -2.49 10.36 -5.50
CA LEU A 106 -3.50 10.44 -6.55
C LEU A 106 -2.93 10.06 -7.90
N LYS A 107 -3.60 9.12 -8.58
CA LYS A 107 -3.15 8.67 -9.89
C LYS A 107 -3.56 9.66 -10.98
N GLU A 108 -2.76 9.75 -12.03
CA GLU A 108 -3.04 10.65 -13.14
C GLU A 108 -4.54 10.72 -13.41
N ARG A 109 -5.02 11.92 -13.74
CA ARG A 109 -6.44 12.12 -14.01
C ARG A 109 -6.79 11.62 -15.42
N SER A 110 -7.89 10.89 -15.52
CA SER A 110 -8.34 10.35 -16.79
C SER A 110 -9.51 11.16 -17.35
N GLY A 111 -10.48 11.44 -16.49
CA GLY A 111 -11.65 12.20 -16.90
C GLY A 111 -12.87 11.89 -16.07
N PRO A 112 -13.09 12.67 -15.01
CA PRO A 112 -14.23 12.50 -14.11
C PRO A 112 -15.55 12.87 -14.77
N SER A 113 -16.65 12.42 -14.19
CA SER A 113 -17.98 12.69 -14.72
C SER A 113 -18.96 13.02 -13.60
N SER A 114 -20.06 13.67 -13.96
CA SER A 114 -21.07 14.05 -12.97
C SER A 114 -22.48 13.69 -13.48
N GLY A 115 -23.22 12.97 -12.66
CA GLY A 115 -24.56 12.57 -13.04
C GLY A 115 -24.75 11.06 -13.04
N GLY A 1 23.20 -6.30 8.82
CA GLY A 1 24.45 -6.40 8.10
C GLY A 1 24.47 -5.58 6.82
N SER A 2 23.74 -6.04 5.82
CA SER A 2 23.68 -5.35 4.54
C SER A 2 22.51 -4.37 4.51
N SER A 3 22.83 -3.08 4.49
CA SER A 3 21.80 -2.04 4.48
C SER A 3 21.59 -1.51 3.06
N GLY A 4 20.50 -1.94 2.43
CA GLY A 4 20.20 -1.51 1.08
C GLY A 4 18.72 -1.24 0.87
N SER A 5 18.37 0.02 0.67
CA SER A 5 16.97 0.40 0.46
C SER A 5 16.45 -0.16 -0.86
N SER A 6 15.14 -0.40 -0.90
CA SER A 6 14.52 -0.95 -2.11
C SER A 6 14.51 0.09 -3.23
N GLY A 7 14.97 -0.32 -4.40
CA GLY A 7 15.01 0.57 -5.54
C GLY A 7 15.22 -0.16 -6.85
N THR A 8 16.27 -0.97 -6.91
CA THR A 8 16.58 -1.73 -8.12
C THR A 8 15.40 -2.60 -8.54
N GLU A 9 14.93 -3.42 -7.62
CA GLU A 9 13.80 -4.31 -7.89
C GLU A 9 14.14 -5.30 -8.99
N ASP A 10 15.33 -5.88 -8.91
CA ASP A 10 15.79 -6.85 -9.89
C ASP A 10 15.72 -8.28 -9.34
N SER A 11 16.19 -8.44 -8.11
CA SER A 11 16.19 -9.75 -7.46
C SER A 11 15.64 -9.65 -6.04
N LEU A 12 14.32 -9.50 -5.93
CA LEU A 12 13.68 -9.40 -4.63
C LEU A 12 13.28 -10.78 -4.10
N MET A 13 13.68 -11.08 -2.88
CA MET A 13 13.36 -12.36 -2.26
C MET A 13 11.96 -12.83 -2.68
N PRO A 14 11.82 -14.14 -2.92
CA PRO A 14 10.55 -14.74 -3.32
C PRO A 14 9.52 -14.74 -2.19
N GLU A 15 8.42 -15.44 -2.40
CA GLU A 15 7.36 -15.52 -1.40
C GLU A 15 7.50 -16.78 -0.56
N GLU A 16 7.58 -17.93 -1.23
CA GLU A 16 7.70 -19.21 -0.53
C GLU A 16 8.73 -19.11 0.59
N GLU A 17 9.78 -18.34 0.37
CA GLU A 17 10.83 -18.16 1.37
C GLU A 17 10.44 -17.09 2.37
N PHE A 18 9.83 -16.01 1.88
CA PHE A 18 9.41 -14.91 2.74
C PHE A 18 8.70 -15.42 3.98
N LEU A 19 7.62 -16.16 3.77
CA LEU A 19 6.85 -16.72 4.88
C LEU A 19 7.76 -17.41 5.89
N ARG A 20 8.86 -17.96 5.39
CA ARG A 20 9.81 -18.66 6.25
C ARG A 20 10.69 -17.66 7.01
N ARG A 21 10.89 -16.49 6.42
CA ARG A 21 11.70 -15.45 7.04
C ARG A 21 10.85 -14.51 7.88
N ASN A 22 9.95 -13.78 7.22
CA ASN A 22 9.07 -12.84 7.91
C ASN A 22 7.67 -13.42 8.05
N LYS A 23 6.88 -12.84 8.96
CA LYS A 23 5.52 -13.29 9.19
C LYS A 23 4.76 -12.31 10.08
N GLY A 24 3.57 -11.92 9.63
CA GLY A 24 2.76 -10.98 10.40
C GLY A 24 2.48 -11.48 11.80
N PRO A 25 1.53 -10.82 12.48
CA PRO A 25 0.79 -9.68 11.91
C PRO A 25 1.66 -8.45 11.75
N VAL A 26 1.44 -7.71 10.67
CA VAL A 26 2.20 -6.50 10.40
C VAL A 26 1.32 -5.26 10.47
N SER A 27 1.81 -4.22 11.12
CA SER A 27 1.07 -2.97 11.27
C SER A 27 1.53 -1.94 10.24
N ILE A 28 0.71 -1.71 9.22
CA ILE A 28 1.03 -0.75 8.17
C ILE A 28 0.23 0.53 8.35
N LYS A 29 0.84 1.66 8.02
CA LYS A 29 0.20 2.96 8.12
C LYS A 29 -0.13 3.52 6.75
N VAL A 30 -1.41 3.72 6.48
CA VAL A 30 -1.85 4.25 5.19
C VAL A 30 -1.97 5.78 5.25
N GLN A 31 -1.04 6.47 4.59
CA GLN A 31 -1.05 7.93 4.57
C GLN A 31 -2.17 8.44 3.68
N VAL A 32 -3.24 8.92 4.31
CA VAL A 32 -4.39 9.45 3.57
C VAL A 32 -4.29 10.96 3.43
N PRO A 33 -3.99 11.42 2.21
CA PRO A 33 -3.87 12.86 1.90
C PRO A 33 -5.21 13.58 1.97
N ASN A 34 -5.16 14.91 1.88
CA ASN A 34 -6.37 15.71 1.93
C ASN A 34 -6.66 16.34 0.56
N MET A 35 -7.74 15.91 -0.07
CA MET A 35 -8.13 16.43 -1.38
C MET A 35 -9.41 17.25 -1.27
N GLN A 36 -9.27 18.58 -1.36
CA GLN A 36 -10.41 19.47 -1.27
C GLN A 36 -10.89 19.86 -2.66
N ASP A 37 -10.22 19.35 -3.69
CA ASP A 37 -10.59 19.64 -5.07
C ASP A 37 -11.92 19.00 -5.43
N LYS A 38 -12.99 19.51 -4.83
CA LYS A 38 -14.34 18.99 -5.09
C LYS A 38 -14.29 17.49 -5.40
N THR A 39 -13.70 16.72 -4.49
CA THR A 39 -13.58 15.28 -4.67
C THR A 39 -14.61 14.54 -3.83
N GLU A 40 -15.16 13.47 -4.38
CA GLU A 40 -16.16 12.68 -3.67
C GLU A 40 -15.49 11.58 -2.84
N TRP A 41 -14.34 11.90 -2.27
CA TRP A 41 -13.60 10.94 -1.45
C TRP A 41 -13.41 11.47 -0.03
N LYS A 42 -13.30 10.56 0.93
CA LYS A 42 -13.10 10.93 2.33
C LYS A 42 -11.64 11.26 2.60
N LEU A 43 -11.13 12.27 1.91
CA LEU A 43 -9.74 12.69 2.09
C LEU A 43 -9.66 13.98 2.90
N ASN A 44 -9.36 13.83 4.19
CA ASN A 44 -9.25 14.98 5.08
C ASN A 44 -8.00 14.87 5.95
N GLY A 45 -6.87 14.61 5.31
CA GLY A 45 -5.62 14.49 6.04
C GLY A 45 -5.74 13.61 7.27
N GLN A 46 -5.55 12.31 7.09
CA GLN A 46 -5.66 11.36 8.19
C GLN A 46 -4.81 10.12 7.93
N GLY A 47 -4.72 9.25 8.93
CA GLY A 47 -3.94 8.03 8.78
C GLY A 47 -4.75 6.78 9.09
N LEU A 48 -4.76 5.83 8.15
CA LEU A 48 -5.49 4.60 8.33
C LEU A 48 -4.54 3.41 8.51
N VAL A 49 -4.55 2.83 9.71
CA VAL A 49 -3.70 1.70 10.02
C VAL A 49 -4.49 0.39 10.04
N PHE A 50 -3.88 -0.68 9.55
CA PHE A 50 -4.54 -1.98 9.52
C PHE A 50 -3.52 -3.10 9.75
N THR A 51 -3.79 -3.93 10.75
CA THR A 51 -2.90 -5.04 11.08
C THR A 51 -3.39 -6.34 10.44
N LEU A 52 -2.62 -6.84 9.48
CA LEU A 52 -2.96 -8.07 8.78
C LEU A 52 -1.72 -8.90 8.46
N PRO A 53 -1.85 -10.23 8.52
CA PRO A 53 -0.74 -11.14 8.24
C PRO A 53 -0.36 -11.16 6.77
N LEU A 54 0.78 -11.77 6.46
CA LEU A 54 1.26 -11.85 5.08
C LEU A 54 0.64 -13.05 4.36
N THR A 55 -0.57 -12.86 3.83
CA THR A 55 -1.26 -13.92 3.11
C THR A 55 -1.70 -13.45 1.73
N ASP A 56 -2.75 -12.63 1.69
CA ASP A 56 -3.27 -12.11 0.44
C ASP A 56 -2.33 -11.06 -0.15
N GLN A 57 -2.74 -10.46 -1.25
CA GLN A 57 -1.94 -9.44 -1.92
C GLN A 57 -2.39 -8.04 -1.52
N VAL A 58 -1.69 -7.02 -2.02
CA VAL A 58 -2.02 -5.64 -1.72
C VAL A 58 -3.50 -5.37 -1.95
N SER A 59 -4.11 -6.14 -2.83
CA SER A 59 -5.53 -5.99 -3.15
C SER A 59 -6.36 -5.84 -1.87
N VAL A 60 -6.14 -6.76 -0.93
CA VAL A 60 -6.86 -6.74 0.34
C VAL A 60 -6.63 -5.42 1.09
N ILE A 61 -5.50 -4.78 0.78
CA ILE A 61 -5.16 -3.51 1.43
C ILE A 61 -6.08 -2.39 0.94
N LYS A 62 -6.52 -2.49 -0.30
CA LYS A 62 -7.39 -1.49 -0.90
C LYS A 62 -8.80 -1.59 -0.31
N VAL A 63 -9.41 -2.77 -0.43
CA VAL A 63 -10.75 -3.00 0.09
C VAL A 63 -10.93 -2.35 1.45
N LYS A 64 -9.85 -2.27 2.21
CA LYS A 64 -9.88 -1.68 3.54
C LYS A 64 -10.06 -0.16 3.46
N ILE A 65 -9.36 0.45 2.51
CA ILE A 65 -9.44 1.90 2.32
C ILE A 65 -10.85 2.32 1.91
N HIS A 66 -11.35 1.73 0.82
CA HIS A 66 -12.69 2.05 0.34
C HIS A 66 -13.74 1.80 1.42
N GLU A 67 -13.52 0.75 2.21
CA GLU A 67 -14.45 0.41 3.28
C GLU A 67 -14.66 1.59 4.22
N ALA A 68 -13.58 2.31 4.50
CA ALA A 68 -13.65 3.48 5.38
C ALA A 68 -13.88 4.75 4.59
N THR A 69 -12.97 5.06 3.68
CA THR A 69 -13.08 6.25 2.86
C THR A 69 -13.88 5.99 1.59
N GLY A 70 -14.43 7.05 1.01
CA GLY A 70 -15.22 6.90 -0.20
C GLY A 70 -14.36 6.84 -1.45
N MET A 71 -13.14 6.32 -1.30
CA MET A 71 -12.22 6.21 -2.42
C MET A 71 -12.25 4.80 -3.01
N PRO A 72 -12.32 4.72 -4.35
CA PRO A 72 -12.35 3.44 -5.06
C PRO A 72 -11.02 2.70 -5.00
N ALA A 73 -11.06 1.40 -5.23
CA ALA A 73 -9.85 0.59 -5.20
C ALA A 73 -9.17 0.56 -6.56
N GLY A 74 -9.14 1.72 -7.22
CA GLY A 74 -8.53 1.81 -8.54
C GLY A 74 -7.81 3.12 -8.75
N LYS A 75 -8.55 4.22 -8.67
CA LYS A 75 -7.99 5.55 -8.85
C LYS A 75 -6.80 5.77 -7.92
N GLN A 76 -6.97 5.40 -6.65
CA GLN A 76 -5.92 5.56 -5.65
C GLN A 76 -4.75 4.61 -5.94
N LYS A 77 -3.54 5.17 -5.95
CA LYS A 77 -2.34 4.37 -6.22
C LYS A 77 -1.53 4.18 -4.94
N LEU A 78 -1.35 2.94 -4.53
CA LEU A 78 -0.59 2.62 -3.33
C LEU A 78 0.91 2.61 -3.62
N GLN A 79 1.67 3.39 -2.86
CA GLN A 79 3.11 3.47 -3.03
C GLN A 79 3.84 3.08 -1.75
N TYR A 80 4.84 2.21 -1.89
CA TYR A 80 5.61 1.75 -0.74
C TYR A 80 7.11 1.79 -1.04
N GLU A 81 7.87 2.37 -0.13
CA GLU A 81 9.32 2.48 -0.30
C GLU A 81 9.67 2.95 -1.71
N GLY A 82 8.94 3.95 -2.19
CA GLY A 82 9.18 4.47 -3.52
C GLY A 82 8.89 3.45 -4.61
N ILE A 83 7.87 2.63 -4.38
CA ILE A 83 7.48 1.61 -5.36
C ILE A 83 6.01 1.72 -5.72
N PHE A 84 5.67 1.29 -6.92
CA PHE A 84 4.28 1.34 -7.39
C PHE A 84 3.60 0.00 -7.19
N ILE A 85 3.67 -0.52 -5.97
CA ILE A 85 3.05 -1.81 -5.65
C ILE A 85 1.68 -1.92 -6.28
N LYS A 86 1.40 -3.08 -6.88
CA LYS A 86 0.11 -3.33 -7.52
C LYS A 86 -0.67 -4.40 -6.78
N ASP A 87 -2.00 -4.32 -6.85
CA ASP A 87 -2.86 -5.29 -6.18
C ASP A 87 -2.43 -6.72 -6.51
N SER A 88 -1.97 -6.92 -7.75
CA SER A 88 -1.53 -8.24 -8.19
C SER A 88 -0.28 -8.68 -7.44
N ASN A 89 0.52 -7.70 -7.00
CA ASN A 89 1.75 -7.99 -6.27
C ASN A 89 1.45 -8.26 -4.80
N SER A 90 2.03 -9.34 -4.28
CA SER A 90 1.83 -9.72 -2.88
C SER A 90 2.76 -8.93 -1.96
N LEU A 91 2.38 -8.83 -0.70
CA LEU A 91 3.18 -8.11 0.29
C LEU A 91 4.46 -8.88 0.61
N ALA A 92 4.33 -10.19 0.79
CA ALA A 92 5.47 -11.04 1.12
C ALA A 92 6.51 -10.99 0.01
N TYR A 93 6.05 -10.85 -1.22
CA TYR A 93 6.95 -10.80 -2.38
C TYR A 93 7.84 -9.56 -2.31
N TYR A 94 7.25 -8.44 -1.92
CA TYR A 94 8.00 -7.18 -1.83
C TYR A 94 8.93 -7.20 -0.62
N ASN A 95 8.81 -8.25 0.20
CA ASN A 95 9.64 -8.38 1.38
C ASN A 95 9.28 -7.33 2.42
N MET A 96 7.99 -7.11 2.62
CA MET A 96 7.50 -6.14 3.58
C MET A 96 7.72 -6.62 5.02
N ALA A 97 7.79 -5.69 5.96
CA ALA A 97 7.99 -6.03 7.35
C ALA A 97 7.07 -5.22 8.26
N SER A 98 6.87 -5.70 9.49
CA SER A 98 6.01 -5.02 10.44
C SER A 98 6.42 -3.55 10.60
N GLY A 99 5.49 -2.74 11.10
CA GLY A 99 5.76 -1.33 11.29
C GLY A 99 6.05 -0.62 9.99
N ALA A 100 5.30 -0.96 8.94
CA ALA A 100 5.49 -0.35 7.63
C ALA A 100 4.54 0.84 7.45
N VAL A 101 4.73 1.58 6.36
CA VAL A 101 3.91 2.74 6.06
C VAL A 101 3.60 2.83 4.57
N ILE A 102 2.32 2.66 4.23
CA ILE A 102 1.90 2.72 2.83
C ILE A 102 1.46 4.14 2.46
N HIS A 103 2.27 4.81 1.65
CA HIS A 103 1.96 6.16 1.21
C HIS A 103 0.96 6.16 0.07
N LEU A 104 -0.12 6.91 0.23
CA LEU A 104 -1.16 6.98 -0.80
C LEU A 104 -0.90 8.13 -1.76
N ALA A 105 -1.17 7.89 -3.05
CA ALA A 105 -0.96 8.92 -4.07
C ALA A 105 -2.07 8.87 -5.12
N LEU A 106 -2.61 10.04 -5.44
CA LEU A 106 -3.68 10.14 -6.43
C LEU A 106 -3.14 9.92 -7.83
N LYS A 107 -3.83 9.07 -8.60
CA LYS A 107 -3.42 8.77 -9.97
C LYS A 107 -3.86 9.87 -10.92
N GLU A 108 -2.95 10.30 -11.80
CA GLU A 108 -3.25 11.35 -12.76
C GLU A 108 -4.07 10.80 -13.92
N ARG A 109 -5.38 10.72 -13.74
CA ARG A 109 -6.27 10.22 -14.77
C ARG A 109 -7.44 11.17 -14.99
N SER A 110 -7.68 11.52 -16.26
CA SER A 110 -8.77 12.42 -16.60
C SER A 110 -9.31 12.11 -18.00
N GLY A 111 -10.38 12.79 -18.37
CA GLY A 111 -10.98 12.57 -19.68
C GLY A 111 -11.18 11.10 -19.98
N PRO A 112 -12.26 10.52 -19.45
CA PRO A 112 -12.59 9.11 -19.67
C PRO A 112 -13.01 8.82 -21.10
N SER A 113 -13.20 9.87 -21.88
CA SER A 113 -13.61 9.74 -23.28
C SER A 113 -14.90 8.93 -23.38
N SER A 114 -15.84 9.22 -22.48
CA SER A 114 -17.13 8.52 -22.47
C SER A 114 -17.82 8.63 -23.82
N GLY A 115 -17.89 9.85 -24.36
CA GLY A 115 -18.52 10.06 -25.64
C GLY A 115 -19.79 9.24 -25.81
N GLY A 1 22.48 -14.94 9.22
CA GLY A 1 22.36 -13.61 8.63
C GLY A 1 23.45 -13.33 7.61
N SER A 2 24.20 -12.26 7.83
CA SER A 2 25.27 -11.87 6.91
C SER A 2 24.70 -11.48 5.55
N SER A 3 23.61 -10.72 5.56
CA SER A 3 22.97 -10.28 4.33
C SER A 3 21.90 -9.24 4.62
N GLY A 4 21.80 -8.24 3.74
CA GLY A 4 20.81 -7.20 3.92
C GLY A 4 20.96 -6.07 2.91
N SER A 5 19.95 -5.91 2.06
CA SER A 5 19.98 -4.86 1.04
C SER A 5 19.68 -3.50 1.64
N SER A 6 19.83 -2.46 0.83
CA SER A 6 19.58 -1.10 1.29
C SER A 6 18.43 -0.46 0.51
N GLY A 7 18.52 -0.51 -0.82
CA GLY A 7 17.48 0.05 -1.65
C GLY A 7 17.64 -0.33 -3.11
N THR A 8 17.40 -1.60 -3.42
CA THR A 8 17.51 -2.08 -4.79
C THR A 8 16.52 -3.21 -5.06
N GLU A 9 15.75 -3.06 -6.13
CA GLU A 9 14.75 -4.06 -6.50
C GLU A 9 15.32 -5.04 -7.54
N ASP A 10 16.58 -5.40 -7.37
CA ASP A 10 17.23 -6.31 -8.30
C ASP A 10 17.25 -7.74 -7.74
N SER A 11 17.69 -7.88 -6.49
CA SER A 11 17.76 -9.18 -5.85
C SER A 11 16.82 -9.24 -4.65
N LEU A 12 15.52 -9.13 -4.91
CA LEU A 12 14.52 -9.18 -3.85
C LEU A 12 14.22 -10.61 -3.44
N MET A 13 13.82 -10.79 -2.18
CA MET A 13 13.50 -12.12 -1.67
C MET A 13 12.10 -12.55 -2.11
N PRO A 14 11.96 -13.84 -2.46
CA PRO A 14 10.68 -14.40 -2.90
C PRO A 14 9.65 -14.49 -1.77
N GLU A 15 8.54 -15.13 -2.06
CA GLU A 15 7.47 -15.28 -1.06
C GLU A 15 7.72 -16.50 -0.19
N GLU A 16 7.89 -17.66 -0.83
CA GLU A 16 8.12 -18.90 -0.10
C GLU A 16 8.97 -18.65 1.14
N GLU A 17 10.22 -18.27 0.92
CA GLU A 17 11.14 -18.00 2.04
C GLU A 17 10.57 -16.92 2.96
N PHE A 18 10.34 -15.74 2.40
CA PHE A 18 9.81 -14.62 3.17
C PHE A 18 8.80 -15.11 4.20
N LEU A 19 7.74 -15.77 3.73
CA LEU A 19 6.70 -16.29 4.60
C LEU A 19 7.31 -17.02 5.79
N ARG A 20 8.39 -17.75 5.53
CA ARG A 20 9.07 -18.51 6.59
C ARG A 20 9.76 -17.56 7.57
N ARG A 21 10.14 -16.39 7.10
CA ARG A 21 10.80 -15.40 7.94
C ARG A 21 9.78 -14.50 8.62
N ASN A 22 9.02 -13.75 7.82
CA ASN A 22 8.01 -12.85 8.35
C ASN A 22 6.66 -13.54 8.46
N LYS A 23 6.33 -13.99 9.67
CA LYS A 23 5.06 -14.67 9.91
C LYS A 23 3.94 -13.66 10.18
N GLY A 24 4.33 -12.46 10.60
CA GLY A 24 3.34 -11.43 10.87
C GLY A 24 2.50 -11.75 12.09
N PRO A 25 1.32 -11.12 12.19
CA PRO A 25 0.85 -10.17 11.18
C PRO A 25 1.65 -8.87 11.18
N VAL A 26 1.72 -8.24 10.01
CA VAL A 26 2.47 -6.98 9.88
C VAL A 26 1.51 -5.79 9.82
N SER A 27 1.83 -4.75 10.60
CA SER A 27 1.01 -3.56 10.65
C SER A 27 1.48 -2.54 9.62
N ILE A 28 0.52 -1.89 8.96
CA ILE A 28 0.83 -0.89 7.95
C ILE A 28 0.14 0.44 8.25
N LYS A 29 0.60 1.50 7.61
CA LYS A 29 0.02 2.82 7.80
C LYS A 29 -0.36 3.46 6.47
N VAL A 30 -1.66 3.71 6.29
CA VAL A 30 -2.15 4.31 5.05
C VAL A 30 -2.20 5.83 5.17
N GLN A 31 -1.28 6.51 4.48
CA GLN A 31 -1.23 7.96 4.50
C GLN A 31 -2.34 8.56 3.65
N VAL A 32 -3.40 9.03 4.32
CA VAL A 32 -4.53 9.63 3.63
C VAL A 32 -4.27 11.11 3.32
N PRO A 33 -4.09 11.43 2.04
CA PRO A 33 -3.84 12.81 1.59
C PRO A 33 -5.06 13.70 1.76
N ASN A 34 -4.84 15.01 1.76
CA ASN A 34 -5.92 15.97 1.91
C ASN A 34 -6.54 16.30 0.55
N MET A 35 -7.64 15.63 0.23
CA MET A 35 -8.33 15.85 -1.02
C MET A 35 -8.95 17.24 -1.07
N GLN A 36 -8.23 18.19 -1.66
CA GLN A 36 -8.71 19.56 -1.77
C GLN A 36 -9.78 19.68 -2.84
N ASP A 37 -10.00 18.59 -3.57
CA ASP A 37 -11.00 18.57 -4.64
C ASP A 37 -12.40 18.47 -4.06
N LYS A 38 -12.49 18.00 -2.81
CA LYS A 38 -13.79 17.85 -2.14
C LYS A 38 -14.62 16.78 -2.82
N THR A 39 -13.97 15.69 -3.22
CA THR A 39 -14.66 14.58 -3.87
C THR A 39 -15.45 13.75 -2.88
N GLU A 40 -16.03 12.65 -3.34
CA GLU A 40 -16.81 11.77 -2.49
C GLU A 40 -15.91 10.78 -1.77
N TRP A 41 -14.68 11.20 -1.47
CA TRP A 41 -13.72 10.35 -0.78
C TRP A 41 -13.35 10.93 0.57
N LYS A 42 -13.49 10.11 1.62
CA LYS A 42 -13.16 10.54 2.98
C LYS A 42 -11.66 10.76 3.13
N LEU A 43 -11.14 11.81 2.52
CA LEU A 43 -9.73 12.12 2.60
C LEU A 43 -9.50 13.50 3.19
N ASN A 44 -9.11 13.54 4.46
CA ASN A 44 -8.87 14.81 5.15
C ASN A 44 -7.58 14.74 5.96
N GLY A 45 -6.44 14.75 5.25
CA GLY A 45 -5.16 14.69 5.92
C GLY A 45 -5.19 13.86 7.19
N GLN A 46 -5.02 12.55 7.03
CA GLN A 46 -5.04 11.64 8.18
C GLN A 46 -4.26 10.36 7.86
N GLY A 47 -4.19 9.47 8.84
CA GLY A 47 -3.48 8.21 8.66
C GLY A 47 -4.20 7.03 9.29
N LEU A 48 -4.32 5.95 8.54
CA LEU A 48 -4.98 4.75 9.03
C LEU A 48 -3.98 3.62 9.26
N VAL A 49 -4.36 2.66 10.10
CA VAL A 49 -3.49 1.53 10.41
C VAL A 49 -4.28 0.22 10.40
N PHE A 50 -3.69 -0.82 9.82
CA PHE A 50 -4.34 -2.12 9.74
C PHE A 50 -3.31 -3.24 9.84
N THR A 51 -3.56 -4.18 10.74
CA THR A 51 -2.65 -5.31 10.94
C THR A 51 -3.19 -6.57 10.26
N LEU A 52 -2.46 -7.07 9.29
CA LEU A 52 -2.85 -8.27 8.56
C LEU A 52 -1.64 -9.12 8.19
N PRO A 53 -1.82 -10.44 8.18
CA PRO A 53 -0.75 -11.39 7.83
C PRO A 53 -0.38 -11.32 6.36
N LEU A 54 0.70 -12.01 5.99
CA LEU A 54 1.15 -12.04 4.61
C LEU A 54 0.56 -13.23 3.85
N THR A 55 -0.65 -13.05 3.33
CA THR A 55 -1.32 -14.11 2.59
C THR A 55 -1.79 -13.61 1.23
N ASP A 56 -2.75 -12.70 1.24
CA ASP A 56 -3.30 -12.15 -0.01
C ASP A 56 -2.32 -11.15 -0.62
N GLN A 57 -2.75 -10.49 -1.69
CA GLN A 57 -1.92 -9.51 -2.37
C GLN A 57 -2.29 -8.09 -1.94
N VAL A 58 -1.60 -7.11 -2.51
CA VAL A 58 -1.86 -5.71 -2.19
C VAL A 58 -3.32 -5.35 -2.44
N SER A 59 -3.99 -6.15 -3.26
CA SER A 59 -5.38 -5.92 -3.59
C SER A 59 -6.22 -5.76 -2.32
N VAL A 60 -5.87 -6.52 -1.29
CA VAL A 60 -6.58 -6.47 -0.02
C VAL A 60 -6.36 -5.13 0.69
N ILE A 61 -5.27 -4.45 0.31
CA ILE A 61 -4.96 -3.15 0.90
C ILE A 61 -5.92 -2.07 0.43
N LYS A 62 -6.49 -2.28 -0.75
CA LYS A 62 -7.44 -1.33 -1.33
C LYS A 62 -8.82 -1.49 -0.69
N VAL A 63 -9.36 -2.70 -0.79
CA VAL A 63 -10.68 -2.98 -0.22
C VAL A 63 -10.80 -2.42 1.19
N LYS A 64 -9.71 -2.47 1.93
CA LYS A 64 -9.69 -1.97 3.30
C LYS A 64 -10.03 -0.48 3.34
N ILE A 65 -9.41 0.29 2.46
CA ILE A 65 -9.64 1.73 2.39
C ILE A 65 -11.11 2.03 2.16
N HIS A 66 -11.64 1.57 1.03
CA HIS A 66 -13.04 1.79 0.68
C HIS A 66 -13.94 1.48 1.88
N GLU A 67 -13.52 0.53 2.70
CA GLU A 67 -14.30 0.14 3.87
C GLU A 67 -14.52 1.33 4.79
N ALA A 68 -13.43 1.93 5.26
CA ALA A 68 -13.50 3.08 6.15
C ALA A 68 -13.85 4.34 5.38
N THR A 69 -13.05 4.66 4.36
CA THR A 69 -13.27 5.84 3.55
C THR A 69 -14.14 5.52 2.34
N GLY A 70 -14.79 6.55 1.79
CA GLY A 70 -15.64 6.36 0.63
C GLY A 70 -14.86 6.38 -0.67
N MET A 71 -13.67 5.79 -0.66
CA MET A 71 -12.83 5.74 -1.86
C MET A 71 -12.85 4.36 -2.49
N PRO A 72 -12.96 4.32 -3.82
CA PRO A 72 -13.00 3.06 -4.57
C PRO A 72 -11.66 2.34 -4.56
N ALA A 73 -11.68 1.06 -4.94
CA ALA A 73 -10.47 0.26 -4.97
C ALA A 73 -9.88 0.20 -6.38
N GLY A 74 -9.76 1.37 -7.02
CA GLY A 74 -9.23 1.42 -8.36
C GLY A 74 -8.48 2.71 -8.63
N LYS A 75 -9.23 3.79 -8.84
CA LYS A 75 -8.64 5.09 -9.11
C LYS A 75 -7.45 5.36 -8.20
N GLN A 76 -7.57 4.92 -6.94
CA GLN A 76 -6.50 5.10 -5.97
C GLN A 76 -5.27 4.29 -6.35
N LYS A 77 -4.10 4.78 -5.94
CA LYS A 77 -2.85 4.09 -6.24
C LYS A 77 -2.02 3.89 -4.96
N LEU A 78 -1.74 2.64 -4.63
CA LEU A 78 -0.96 2.32 -3.44
C LEU A 78 0.54 2.32 -3.76
N GLN A 79 1.34 2.70 -2.77
CA GLN A 79 2.78 2.74 -2.94
C GLN A 79 3.50 2.41 -1.63
N TYR A 80 4.51 1.56 -1.72
CA TYR A 80 5.28 1.16 -0.54
C TYR A 80 6.77 1.37 -0.77
N GLU A 81 7.38 2.24 0.04
CA GLU A 81 8.80 2.52 -0.07
C GLU A 81 9.13 3.10 -1.44
N GLY A 82 8.31 4.03 -1.91
CA GLY A 82 8.53 4.65 -3.19
C GLY A 82 8.41 3.66 -4.34
N ILE A 83 7.55 2.65 -4.15
CA ILE A 83 7.34 1.64 -5.17
C ILE A 83 5.86 1.50 -5.51
N PHE A 84 5.52 1.66 -6.78
CA PHE A 84 4.14 1.55 -7.23
C PHE A 84 3.65 0.11 -7.11
N ILE A 85 3.23 -0.26 -5.90
CA ILE A 85 2.72 -1.60 -5.65
C ILE A 85 1.33 -1.79 -6.24
N LYS A 86 1.24 -2.63 -7.26
CA LYS A 86 -0.02 -2.91 -7.92
C LYS A 86 -0.81 -3.98 -7.16
N ASP A 87 -2.08 -4.14 -7.52
CA ASP A 87 -2.93 -5.13 -6.88
C ASP A 87 -2.54 -6.54 -7.30
N SER A 88 -2.01 -6.67 -8.51
CA SER A 88 -1.59 -7.96 -9.04
C SER A 88 -0.35 -8.47 -8.32
N ASN A 89 0.34 -7.56 -7.63
CA ASN A 89 1.55 -7.92 -6.89
C ASN A 89 1.22 -8.31 -5.47
N SER A 90 1.88 -9.37 -4.98
CA SER A 90 1.64 -9.85 -3.62
C SER A 90 2.37 -8.98 -2.60
N LEU A 91 1.91 -9.03 -1.36
CA LEU A 91 2.52 -8.25 -0.29
C LEU A 91 3.83 -8.88 0.17
N ALA A 92 3.82 -10.18 0.36
CA ALA A 92 5.01 -10.91 0.79
C ALA A 92 6.11 -10.84 -0.27
N TYR A 93 5.71 -10.80 -1.54
CA TYR A 93 6.65 -10.73 -2.63
C TYR A 93 7.59 -9.53 -2.48
N TYR A 94 7.02 -8.39 -2.13
CA TYR A 94 7.80 -7.16 -1.94
C TYR A 94 8.60 -7.22 -0.65
N ASN A 95 8.26 -8.17 0.22
CA ASN A 95 8.94 -8.34 1.49
C ASN A 95 8.77 -7.09 2.36
N MET A 96 7.53 -6.71 2.60
CA MET A 96 7.23 -5.53 3.41
C MET A 96 7.59 -5.79 4.86
N ALA A 97 7.92 -4.72 5.58
CA ALA A 97 8.28 -4.83 6.99
C ALA A 97 7.13 -4.40 7.89
N SER A 98 7.11 -4.93 9.11
CA SER A 98 6.06 -4.61 10.07
C SER A 98 5.85 -3.09 10.16
N GLY A 99 4.77 -2.69 10.82
CA GLY A 99 4.48 -1.27 10.96
C GLY A 99 4.84 -0.48 9.73
N ALA A 100 4.69 -1.10 8.56
CA ALA A 100 5.00 -0.44 7.29
C ALA A 100 4.13 0.79 7.09
N VAL A 101 4.32 1.46 5.96
CA VAL A 101 3.56 2.67 5.64
C VAL A 101 3.22 2.72 4.15
N ILE A 102 1.93 2.60 3.84
CA ILE A 102 1.48 2.64 2.46
C ILE A 102 0.98 4.04 2.08
N HIS A 103 1.73 4.70 1.19
CA HIS A 103 1.38 6.04 0.75
C HIS A 103 0.22 5.99 -0.26
N LEU A 104 -0.87 6.68 0.06
CA LEU A 104 -2.04 6.71 -0.80
C LEU A 104 -1.96 7.88 -1.78
N ALA A 105 -2.35 7.63 -3.02
CA ALA A 105 -2.33 8.67 -4.05
C ALA A 105 -3.48 8.50 -5.03
N LEU A 106 -3.85 9.58 -5.71
CA LEU A 106 -4.95 9.56 -6.66
C LEU A 106 -4.42 9.48 -8.09
N LYS A 107 -4.75 8.41 -8.79
CA LYS A 107 -4.31 8.22 -10.17
C LYS A 107 -4.99 9.21 -11.10
N GLU A 108 -4.24 9.75 -12.06
CA GLU A 108 -4.78 10.71 -13.01
C GLU A 108 -5.64 10.01 -14.06
N ARG A 109 -6.58 9.19 -13.60
CA ARG A 109 -7.46 8.46 -14.50
C ARG A 109 -8.33 9.42 -15.31
N SER A 110 -8.21 9.34 -16.63
CA SER A 110 -8.98 10.22 -17.52
C SER A 110 -10.44 9.78 -17.58
N GLY A 111 -11.32 10.61 -17.04
CA GLY A 111 -12.74 10.29 -17.04
C GLY A 111 -13.36 10.38 -15.66
N PRO A 112 -13.91 11.56 -15.33
CA PRO A 112 -14.54 11.80 -14.03
C PRO A 112 -15.84 11.04 -13.88
N SER A 113 -16.36 10.99 -12.64
CA SER A 113 -17.59 10.28 -12.36
C SER A 113 -18.41 11.02 -11.30
N SER A 114 -19.59 10.51 -11.00
CA SER A 114 -20.47 11.12 -10.01
C SER A 114 -21.69 10.25 -9.76
N GLY A 115 -22.34 10.47 -8.61
CA GLY A 115 -23.52 9.70 -8.27
C GLY A 115 -23.87 9.80 -6.80
N GLY A 1 21.08 0.89 11.69
CA GLY A 1 21.80 1.64 12.70
C GLY A 1 23.26 1.84 12.34
N SER A 2 23.91 0.77 11.90
CA SER A 2 25.32 0.84 11.52
C SER A 2 25.54 0.23 10.15
N SER A 3 25.16 -1.03 9.98
CA SER A 3 25.32 -1.72 8.71
C SER A 3 23.98 -1.88 8.00
N GLY A 4 23.68 -0.93 7.11
CA GLY A 4 22.44 -0.97 6.37
C GLY A 4 22.52 -0.29 5.03
N SER A 5 23.12 -0.98 4.06
CA SER A 5 23.28 -0.44 2.71
C SER A 5 22.15 -0.88 1.80
N SER A 6 21.61 0.05 1.02
CA SER A 6 20.51 -0.25 0.11
C SER A 6 21.04 -0.46 -1.31
N GLY A 7 20.22 -1.08 -2.15
CA GLY A 7 20.61 -1.32 -3.53
C GLY A 7 19.49 -1.05 -4.51
N THR A 8 18.57 -1.99 -4.62
CA THR A 8 17.44 -1.85 -5.54
C THR A 8 16.40 -2.95 -5.31
N GLU A 9 15.15 -2.66 -5.64
CA GLU A 9 14.08 -3.62 -5.48
C GLU A 9 14.04 -4.61 -6.65
N ASP A 10 15.23 -5.07 -7.05
CA ASP A 10 15.34 -6.02 -8.16
C ASP A 10 15.66 -7.41 -7.64
N SER A 11 16.65 -7.49 -6.75
CA SER A 11 17.06 -8.77 -6.19
C SER A 11 16.36 -9.02 -4.85
N LEU A 12 15.05 -8.82 -4.83
CA LEU A 12 14.25 -9.03 -3.62
C LEU A 12 14.11 -10.52 -3.32
N MET A 13 13.94 -10.84 -2.04
CA MET A 13 13.78 -12.23 -1.62
C MET A 13 12.53 -12.85 -2.25
N PRO A 14 12.50 -14.19 -2.28
CA PRO A 14 11.37 -14.93 -2.86
C PRO A 14 10.11 -14.83 -2.00
N GLU A 15 9.12 -15.64 -2.33
CA GLU A 15 7.85 -15.64 -1.60
C GLU A 15 7.84 -16.73 -0.53
N GLU A 16 8.25 -17.93 -0.92
CA GLU A 16 8.29 -19.06 0.00
C GLU A 16 9.06 -18.70 1.27
N GLU A 17 10.37 -18.52 1.12
CA GLU A 17 11.22 -18.18 2.26
C GLU A 17 10.63 -17.03 3.06
N PHE A 18 10.30 -15.95 2.37
CA PHE A 18 9.71 -14.78 3.02
C PHE A 18 8.79 -15.19 4.16
N LEU A 19 7.73 -15.92 3.81
CA LEU A 19 6.77 -16.37 4.80
C LEU A 19 7.47 -16.95 6.02
N ARG A 20 8.51 -17.73 5.79
CA ARG A 20 9.27 -18.34 6.87
C ARG A 20 9.95 -17.27 7.72
N ARG A 21 10.32 -16.16 7.09
CA ARG A 21 10.98 -15.07 7.79
C ARG A 21 9.96 -14.10 8.38
N ASN A 22 9.25 -13.40 7.51
CA ASN A 22 8.24 -12.44 7.95
C ASN A 22 6.88 -13.11 8.09
N LYS A 23 6.60 -13.63 9.29
CA LYS A 23 5.34 -14.30 9.55
C LYS A 23 4.24 -13.28 9.83
N GLY A 24 4.60 -12.18 10.48
CA GLY A 24 3.63 -11.15 10.80
C GLY A 24 2.84 -11.46 12.06
N PRO A 25 1.66 -10.84 12.17
CA PRO A 25 1.13 -9.91 11.17
C PRO A 25 1.92 -8.61 11.11
N VAL A 26 1.84 -7.91 9.98
CA VAL A 26 2.54 -6.65 9.80
C VAL A 26 1.57 -5.48 9.89
N SER A 27 1.94 -4.46 10.67
CA SER A 27 1.11 -3.28 10.83
C SER A 27 1.51 -2.19 9.85
N ILE A 28 0.61 -1.86 8.92
CA ILE A 28 0.88 -0.84 7.93
C ILE A 28 0.04 0.41 8.17
N LYS A 29 0.60 1.57 7.88
CA LYS A 29 -0.10 2.83 8.07
C LYS A 29 -0.37 3.52 6.74
N VAL A 30 -1.65 3.71 6.42
CA VAL A 30 -2.04 4.36 5.18
C VAL A 30 -2.16 5.87 5.34
N GLN A 31 -1.27 6.61 4.70
CA GLN A 31 -1.28 8.07 4.78
C GLN A 31 -2.30 8.66 3.82
N VAL A 32 -3.46 9.01 4.37
CA VAL A 32 -4.54 9.60 3.56
C VAL A 32 -4.37 11.11 3.44
N PRO A 33 -4.11 11.58 2.21
CA PRO A 33 -3.93 13.00 1.93
C PRO A 33 -5.23 13.79 2.06
N ASN A 34 -5.16 15.08 1.75
CA ASN A 34 -6.34 15.94 1.83
C ASN A 34 -6.72 16.48 0.45
N MET A 35 -7.73 15.86 -0.16
CA MET A 35 -8.19 16.27 -1.48
C MET A 35 -9.28 17.35 -1.36
N GLN A 36 -8.88 18.60 -1.59
CA GLN A 36 -9.82 19.71 -1.51
C GLN A 36 -10.47 19.97 -2.86
N ASP A 37 -10.11 19.16 -3.85
CA ASP A 37 -10.67 19.30 -5.19
C ASP A 37 -12.10 18.79 -5.25
N LYS A 38 -12.89 19.16 -4.25
CA LYS A 38 -14.29 18.74 -4.18
C LYS A 38 -14.46 17.35 -4.77
N THR A 39 -13.70 16.39 -4.26
CA THR A 39 -13.77 15.01 -4.73
C THR A 39 -14.71 14.17 -3.87
N GLU A 40 -15.20 13.08 -4.43
CA GLU A 40 -16.11 12.20 -3.71
C GLU A 40 -15.33 11.16 -2.89
N TRP A 41 -14.13 11.53 -2.47
CA TRP A 41 -13.29 10.63 -1.69
C TRP A 41 -13.02 11.22 -0.30
N LYS A 42 -13.29 10.41 0.73
CA LYS A 42 -13.08 10.84 2.10
C LYS A 42 -11.59 10.99 2.40
N LEU A 43 -11.01 12.08 1.92
CA LEU A 43 -9.60 12.36 2.13
C LEU A 43 -9.40 13.70 2.83
N ASN A 44 -9.21 13.66 4.15
CA ASN A 44 -9.00 14.87 4.93
C ASN A 44 -7.84 14.69 5.91
N GLY A 45 -6.62 14.72 5.39
CA GLY A 45 -5.45 14.57 6.23
C GLY A 45 -5.70 13.63 7.40
N GLN A 46 -5.54 12.33 7.16
CA GLN A 46 -5.76 11.33 8.20
C GLN A 46 -4.85 10.12 7.98
N GLY A 47 -4.76 9.26 8.99
CA GLY A 47 -3.92 8.08 8.89
C GLY A 47 -4.63 6.83 9.36
N LEU A 48 -4.58 5.78 8.56
CA LEU A 48 -5.22 4.52 8.89
C LEU A 48 -4.19 3.45 9.21
N VAL A 49 -4.56 2.50 10.07
CA VAL A 49 -3.67 1.42 10.46
C VAL A 49 -4.40 0.09 10.47
N PHE A 50 -3.74 -0.94 9.93
CA PHE A 50 -4.32 -2.28 9.88
C PHE A 50 -3.25 -3.35 10.07
N THR A 51 -3.53 -4.30 10.96
CA THR A 51 -2.59 -5.39 11.24
C THR A 51 -3.03 -6.68 10.57
N LEU A 52 -2.37 -7.04 9.48
CA LEU A 52 -2.69 -8.27 8.75
C LEU A 52 -1.42 -8.94 8.23
N PRO A 53 -1.41 -10.28 8.28
CA PRO A 53 -0.27 -11.07 7.82
C PRO A 53 -0.10 -11.03 6.30
N LEU A 54 1.03 -11.51 5.81
CA LEU A 54 1.31 -11.53 4.38
C LEU A 54 0.81 -12.82 3.74
N THR A 55 -0.47 -12.83 3.37
CA THR A 55 -1.07 -14.01 2.75
C THR A 55 -1.75 -13.64 1.44
N ASP A 56 -2.62 -12.63 1.49
CA ASP A 56 -3.34 -12.18 0.31
C ASP A 56 -2.53 -11.15 -0.46
N GLN A 57 -3.14 -10.58 -1.50
CA GLN A 57 -2.48 -9.58 -2.33
C GLN A 57 -2.73 -8.18 -1.78
N VAL A 58 -2.26 -7.17 -2.51
CA VAL A 58 -2.43 -5.78 -2.11
C VAL A 58 -3.90 -5.38 -2.15
N SER A 59 -4.72 -6.23 -2.75
CA SER A 59 -6.15 -5.96 -2.86
C SER A 59 -6.78 -5.78 -1.49
N VAL A 60 -6.58 -6.78 -0.62
CA VAL A 60 -7.13 -6.72 0.73
C VAL A 60 -6.76 -5.42 1.42
N ILE A 61 -5.71 -4.77 0.93
CA ILE A 61 -5.26 -3.50 1.51
C ILE A 61 -6.03 -2.33 0.91
N LYS A 62 -6.27 -2.39 -0.39
CA LYS A 62 -6.99 -1.33 -1.08
C LYS A 62 -8.46 -1.30 -0.67
N VAL A 63 -9.04 -2.49 -0.51
CA VAL A 63 -10.44 -2.60 -0.11
C VAL A 63 -10.69 -1.93 1.23
N LYS A 64 -9.70 -2.03 2.12
CA LYS A 64 -9.81 -1.43 3.45
C LYS A 64 -10.03 0.08 3.34
N ILE A 65 -9.17 0.75 2.58
CA ILE A 65 -9.28 2.19 2.40
C ILE A 65 -10.66 2.58 1.88
N HIS A 66 -11.14 1.85 0.89
CA HIS A 66 -12.46 2.11 0.31
C HIS A 66 -13.56 1.85 1.34
N GLU A 67 -13.35 0.85 2.18
CA GLU A 67 -14.33 0.49 3.20
C GLU A 67 -14.58 1.66 4.15
N ALA A 68 -13.50 2.32 4.56
CA ALA A 68 -13.60 3.46 5.46
C ALA A 68 -13.87 4.75 4.70
N THR A 69 -12.99 5.06 3.75
CA THR A 69 -13.12 6.27 2.95
C THR A 69 -13.94 6.00 1.69
N GLY A 70 -14.50 7.07 1.12
CA GLY A 70 -15.30 6.93 -0.08
C GLY A 70 -14.45 6.86 -1.33
N MET A 71 -13.22 6.38 -1.19
CA MET A 71 -12.30 6.25 -2.32
C MET A 71 -12.29 4.82 -2.86
N PRO A 72 -12.33 4.70 -4.20
CA PRO A 72 -12.32 3.39 -4.86
C PRO A 72 -10.97 2.68 -4.72
N ALA A 73 -10.99 1.35 -4.83
CA ALA A 73 -9.78 0.56 -4.72
C ALA A 73 -9.17 0.29 -6.10
N GLY A 74 -9.23 1.30 -6.96
CA GLY A 74 -8.69 1.16 -8.30
C GLY A 74 -7.97 2.40 -8.78
N LYS A 75 -8.61 3.55 -8.62
CA LYS A 75 -8.02 4.82 -9.03
C LYS A 75 -6.81 5.16 -8.18
N GLN A 76 -7.01 5.21 -6.86
CA GLN A 76 -5.92 5.52 -5.94
C GLN A 76 -4.77 4.54 -6.10
N LYS A 77 -3.54 5.07 -6.09
CA LYS A 77 -2.35 4.23 -6.23
C LYS A 77 -1.49 4.29 -4.98
N LEU A 78 -1.41 3.17 -4.27
CA LEU A 78 -0.63 3.08 -3.04
C LEU A 78 0.85 2.87 -3.37
N GLN A 79 1.70 3.77 -2.87
CA GLN A 79 3.13 3.68 -3.11
C GLN A 79 3.87 3.25 -1.84
N TYR A 80 4.84 2.37 -1.99
CA TYR A 80 5.60 1.88 -0.85
C TYR A 80 7.09 1.81 -1.19
N GLU A 81 7.91 2.36 -0.31
CA GLU A 81 9.37 2.37 -0.52
C GLU A 81 9.70 2.65 -1.97
N GLY A 82 9.03 3.64 -2.55
CA GLY A 82 9.27 4.00 -3.93
C GLY A 82 8.82 2.92 -4.90
N ILE A 83 7.74 2.22 -4.55
CA ILE A 83 7.21 1.16 -5.39
C ILE A 83 5.73 1.37 -5.67
N PHE A 84 5.26 0.79 -6.77
CA PHE A 84 3.86 0.92 -7.16
C PHE A 84 3.08 -0.34 -6.83
N ILE A 85 2.99 -0.65 -5.53
CA ILE A 85 2.27 -1.83 -5.07
C ILE A 85 0.84 -1.86 -5.62
N LYS A 86 0.50 -2.93 -6.31
CA LYS A 86 -0.84 -3.09 -6.87
C LYS A 86 -1.46 -4.41 -6.45
N ASP A 87 -2.78 -4.50 -6.58
CA ASP A 87 -3.50 -5.72 -6.20
C ASP A 87 -3.12 -6.88 -7.13
N SER A 88 -2.47 -6.56 -8.23
CA SER A 88 -2.05 -7.57 -9.20
C SER A 88 -0.86 -8.37 -8.66
N ASN A 89 -0.04 -7.71 -7.85
CA ASN A 89 1.14 -8.35 -7.28
C ASN A 89 0.93 -8.67 -5.81
N SER A 90 1.50 -9.79 -5.35
CA SER A 90 1.35 -10.21 -3.96
C SER A 90 2.30 -9.41 -3.07
N LEU A 91 1.91 -9.27 -1.80
CA LEU A 91 2.71 -8.52 -0.83
C LEU A 91 4.00 -9.27 -0.51
N ALA A 92 3.89 -10.58 -0.33
CA ALA A 92 5.05 -11.41 -0.02
C ALA A 92 6.19 -11.16 -1.01
N TYR A 93 5.84 -11.10 -2.28
CA TYR A 93 6.84 -10.87 -3.32
C TYR A 93 7.72 -9.67 -2.99
N TYR A 94 7.08 -8.58 -2.57
CA TYR A 94 7.81 -7.37 -2.21
C TYR A 94 8.68 -7.59 -0.98
N ASN A 95 8.31 -8.57 -0.17
CA ASN A 95 9.05 -8.89 1.03
C ASN A 95 9.10 -7.70 1.99
N MET A 96 7.91 -7.17 2.32
CA MET A 96 7.81 -6.03 3.21
C MET A 96 8.13 -6.44 4.64
N ALA A 97 8.07 -5.47 5.56
CA ALA A 97 8.35 -5.73 6.96
C ALA A 97 7.35 -5.02 7.86
N SER A 98 7.17 -5.56 9.07
CA SER A 98 6.23 -4.98 10.02
C SER A 98 6.45 -3.48 10.18
N GLY A 99 5.54 -2.82 10.87
CA GLY A 99 5.66 -1.39 11.09
C GLY A 99 5.92 -0.64 9.79
N ALA A 100 5.30 -1.08 8.71
CA ALA A 100 5.47 -0.44 7.41
C ALA A 100 4.55 0.76 7.25
N VAL A 101 4.71 1.49 6.16
CA VAL A 101 3.90 2.67 5.90
C VAL A 101 3.53 2.77 4.42
N ILE A 102 2.25 2.57 4.12
CA ILE A 102 1.77 2.63 2.74
C ILE A 102 1.32 4.05 2.39
N HIS A 103 2.16 4.76 1.65
CA HIS A 103 1.83 6.12 1.23
C HIS A 103 0.79 6.13 0.13
N LEU A 104 -0.21 7.00 0.26
CA LEU A 104 -1.27 7.11 -0.73
C LEU A 104 -0.89 8.08 -1.85
N ALA A 105 -1.03 7.62 -3.09
CA ALA A 105 -0.70 8.44 -4.24
C ALA A 105 -1.83 8.42 -5.27
N LEU A 106 -2.32 9.60 -5.64
CA LEU A 106 -3.39 9.71 -6.61
C LEU A 106 -2.88 9.44 -8.03
N LYS A 107 -3.47 8.44 -8.68
CA LYS A 107 -3.08 8.08 -10.03
C LYS A 107 -3.59 9.10 -11.04
N GLU A 108 -2.82 9.33 -12.09
CA GLU A 108 -3.20 10.28 -13.14
C GLU A 108 -4.13 9.63 -14.15
N ARG A 109 -5.16 10.37 -14.54
CA ARG A 109 -6.14 9.87 -15.52
C ARG A 109 -5.61 10.03 -16.93
N SER A 110 -5.81 8.99 -17.75
CA SER A 110 -5.34 9.01 -19.13
C SER A 110 -6.46 8.55 -20.08
N GLY A 111 -7.00 7.37 -19.82
CA GLY A 111 -8.06 6.85 -20.65
C GLY A 111 -8.72 5.62 -20.05
N PRO A 112 -9.34 5.80 -18.87
CA PRO A 112 -10.01 4.71 -18.16
C PRO A 112 -11.29 4.27 -18.87
N SER A 113 -12.00 5.23 -19.46
CA SER A 113 -13.24 4.94 -20.17
C SER A 113 -13.02 3.88 -21.24
N SER A 114 -14.11 3.38 -21.81
CA SER A 114 -14.03 2.36 -22.85
C SER A 114 -13.21 2.85 -24.03
N GLY A 115 -12.13 2.13 -24.34
CA GLY A 115 -11.28 2.51 -25.46
C GLY A 115 -10.24 3.53 -25.05
N GLY A 1 27.57 -14.77 12.72
CA GLY A 1 27.56 -13.33 12.70
C GLY A 1 27.14 -12.76 11.36
N SER A 2 25.95 -12.20 11.30
CA SER A 2 25.43 -11.62 10.06
C SER A 2 24.39 -10.54 10.35
N SER A 3 24.54 -9.40 9.68
CA SER A 3 23.63 -8.28 9.87
C SER A 3 22.49 -8.33 8.85
N GLY A 4 21.38 -7.67 9.18
CA GLY A 4 20.24 -7.66 8.28
C GLY A 4 20.26 -6.46 7.35
N SER A 5 20.94 -6.60 6.21
CA SER A 5 21.04 -5.53 5.24
C SER A 5 20.22 -5.84 3.99
N SER A 6 19.23 -5.00 3.72
CA SER A 6 18.37 -5.19 2.55
C SER A 6 19.19 -5.21 1.26
N GLY A 7 18.67 -5.91 0.25
CA GLY A 7 19.37 -5.98 -1.02
C GLY A 7 18.88 -4.94 -2.02
N THR A 8 18.02 -5.38 -2.93
CA THR A 8 17.47 -4.48 -3.94
C THR A 8 16.18 -5.04 -4.53
N GLU A 9 15.34 -4.15 -5.06
CA GLU A 9 14.07 -4.55 -5.65
C GLU A 9 14.28 -5.69 -6.65
N ASP A 10 15.34 -5.59 -7.44
CA ASP A 10 15.64 -6.61 -8.44
C ASP A 10 16.13 -7.89 -7.77
N SER A 11 16.94 -7.74 -6.72
CA SER A 11 17.49 -8.88 -6.01
C SER A 11 16.72 -9.13 -4.71
N LEU A 12 15.39 -9.17 -4.83
CA LEU A 12 14.54 -9.40 -3.66
C LEU A 12 14.34 -10.89 -3.41
N MET A 13 14.14 -11.25 -2.15
CA MET A 13 13.94 -12.65 -1.79
C MET A 13 12.67 -13.21 -2.44
N PRO A 14 12.59 -14.54 -2.51
CA PRO A 14 11.44 -15.23 -3.10
C PRO A 14 10.19 -15.11 -2.25
N GLU A 15 9.15 -15.87 -2.61
CA GLU A 15 7.90 -15.84 -1.87
C GLU A 15 7.89 -16.90 -0.77
N GLU A 16 8.32 -18.11 -1.12
CA GLU A 16 8.36 -19.21 -0.16
C GLU A 16 9.19 -18.83 1.07
N GLU A 17 10.46 -18.50 0.84
CA GLU A 17 11.35 -18.12 1.93
C GLU A 17 10.71 -17.07 2.82
N PHE A 18 10.24 -15.98 2.20
CA PHE A 18 9.61 -14.89 2.93
C PHE A 18 8.76 -15.43 4.08
N LEU A 19 7.75 -16.23 3.74
CA LEU A 19 6.87 -16.82 4.75
C LEU A 19 7.67 -17.44 5.88
N ARG A 20 8.81 -18.02 5.54
CA ARG A 20 9.67 -18.66 6.53
C ARG A 20 10.25 -17.62 7.49
N ARG A 21 10.44 -16.40 7.00
CA ARG A 21 10.98 -15.32 7.81
C ARG A 21 9.86 -14.43 8.36
N ASN A 22 9.22 -13.69 7.47
CA ASN A 22 8.13 -12.80 7.85
C ASN A 22 6.79 -13.54 7.84
N LYS A 23 6.01 -13.34 8.90
CA LYS A 23 4.70 -13.97 9.02
C LYS A 23 3.62 -12.95 9.34
N GLY A 24 3.97 -11.97 10.18
CA GLY A 24 3.02 -10.94 10.55
C GLY A 24 2.23 -11.31 11.80
N PRO A 25 1.11 -10.62 12.01
CA PRO A 25 0.63 -9.57 11.11
C PRO A 25 1.52 -8.33 11.15
N VAL A 26 1.56 -7.59 10.03
CA VAL A 26 2.37 -6.39 9.95
C VAL A 26 1.50 -5.13 10.07
N SER A 27 1.93 -4.19 10.89
CA SER A 27 1.19 -2.96 11.10
C SER A 27 1.60 -1.90 10.08
N ILE A 28 0.73 -1.64 9.11
CA ILE A 28 0.99 -0.66 8.07
C ILE A 28 0.13 0.59 8.27
N LYS A 29 0.72 1.75 7.98
CA LYS A 29 0.01 3.01 8.13
C LYS A 29 -0.30 3.62 6.76
N VAL A 30 -1.56 4.00 6.55
CA VAL A 30 -1.98 4.59 5.28
C VAL A 30 -2.10 6.11 5.40
N GLN A 31 -1.16 6.83 4.79
CA GLN A 31 -1.16 8.28 4.83
C GLN A 31 -2.27 8.85 3.94
N VAL A 32 -3.40 9.20 4.56
CA VAL A 32 -4.52 9.76 3.82
C VAL A 32 -4.38 11.26 3.65
N PRO A 33 -4.21 11.71 2.40
CA PRO A 33 -4.06 13.13 2.08
C PRO A 33 -5.36 13.91 2.28
N ASN A 34 -5.33 15.20 1.95
CA ASN A 34 -6.50 16.05 2.09
C ASN A 34 -6.95 16.59 0.74
N MET A 35 -8.10 16.08 0.27
CA MET A 35 -8.64 16.52 -1.02
C MET A 35 -9.74 17.55 -0.82
N GLN A 36 -9.42 18.81 -1.10
CA GLN A 36 -10.38 19.89 -0.96
C GLN A 36 -11.11 20.16 -2.27
N ASP A 37 -10.78 19.37 -3.29
CA ASP A 37 -11.40 19.52 -4.60
C ASP A 37 -12.82 18.96 -4.60
N LYS A 38 -13.59 19.32 -3.57
CA LYS A 38 -14.97 18.85 -3.44
C LYS A 38 -15.12 17.46 -4.03
N THR A 39 -14.31 16.52 -3.56
CA THR A 39 -14.36 15.14 -4.04
C THR A 39 -15.19 14.27 -3.10
N GLU A 40 -15.73 13.18 -3.65
CA GLU A 40 -16.54 12.26 -2.87
C GLU A 40 -15.67 11.26 -2.14
N TRP A 41 -14.51 11.71 -1.67
CA TRP A 41 -13.59 10.84 -0.94
C TRP A 41 -13.29 11.40 0.44
N LYS A 42 -13.41 10.55 1.46
CA LYS A 42 -13.16 10.95 2.83
C LYS A 42 -11.66 11.17 3.07
N LEU A 43 -11.12 12.23 2.46
CA LEU A 43 -9.71 12.55 2.60
C LEU A 43 -9.52 13.89 3.32
N ASN A 44 -9.23 13.82 4.61
CA ASN A 44 -9.02 15.02 5.42
C ASN A 44 -7.79 14.88 6.29
N GLY A 45 -6.61 14.89 5.67
CA GLY A 45 -5.38 14.76 6.41
C GLY A 45 -5.51 13.86 7.62
N GLN A 46 -5.33 12.56 7.41
CA GLN A 46 -5.44 11.58 8.49
C GLN A 46 -4.63 10.33 8.17
N GLY A 47 -4.61 9.39 9.11
CA GLY A 47 -3.88 8.16 8.91
C GLY A 47 -4.69 6.93 9.29
N LEU A 48 -4.73 5.96 8.39
CA LEU A 48 -5.48 4.73 8.64
C LEU A 48 -4.54 3.53 8.77
N VAL A 49 -4.59 2.87 9.93
CA VAL A 49 -3.75 1.72 10.18
C VAL A 49 -4.56 0.43 10.19
N PHE A 50 -3.96 -0.65 9.73
CA PHE A 50 -4.63 -1.96 9.69
C PHE A 50 -3.64 -3.09 9.91
N THR A 51 -3.94 -3.95 10.88
CA THR A 51 -3.08 -5.08 11.19
C THR A 51 -3.53 -6.34 10.46
N LEU A 52 -2.80 -6.69 9.40
CA LEU A 52 -3.14 -7.88 8.62
C LEU A 52 -1.87 -8.58 8.13
N PRO A 53 -1.90 -9.92 8.13
CA PRO A 53 -0.76 -10.74 7.68
C PRO A 53 -0.53 -10.64 6.19
N LEU A 54 0.57 -11.23 5.72
CA LEU A 54 0.91 -11.21 4.30
C LEU A 54 0.66 -12.57 3.66
N THR A 55 -0.57 -12.80 3.23
CA THR A 55 -0.94 -14.07 2.60
C THR A 55 -1.61 -13.83 1.25
N ASP A 56 -2.33 -12.72 1.14
CA ASP A 56 -3.02 -12.38 -0.11
C ASP A 56 -2.29 -11.26 -0.83
N GLN A 57 -2.88 -10.78 -1.93
CA GLN A 57 -2.28 -9.72 -2.73
C GLN A 57 -2.49 -8.36 -2.05
N VAL A 58 -2.05 -7.31 -2.70
CA VAL A 58 -2.18 -5.95 -2.17
C VAL A 58 -3.63 -5.48 -2.23
N SER A 59 -4.45 -6.20 -2.98
CA SER A 59 -5.86 -5.85 -3.13
C SER A 59 -6.56 -5.84 -1.77
N VAL A 60 -6.37 -6.91 -1.00
CA VAL A 60 -6.98 -7.02 0.31
C VAL A 60 -6.78 -5.74 1.12
N ILE A 61 -5.70 -5.03 0.83
CA ILE A 61 -5.41 -3.78 1.53
C ILE A 61 -6.27 -2.63 1.02
N LYS A 62 -6.36 -2.51 -0.31
CA LYS A 62 -7.16 -1.47 -0.92
C LYS A 62 -8.61 -1.53 -0.45
N VAL A 63 -9.13 -2.75 -0.35
CA VAL A 63 -10.51 -2.95 0.10
C VAL A 63 -10.78 -2.19 1.39
N LYS A 64 -9.75 -2.05 2.22
CA LYS A 64 -9.87 -1.35 3.49
C LYS A 64 -10.17 0.12 3.27
N ILE A 65 -9.32 0.79 2.48
CA ILE A 65 -9.49 2.20 2.19
C ILE A 65 -10.92 2.50 1.73
N HIS A 66 -11.43 1.66 0.84
CA HIS A 66 -12.79 1.83 0.33
C HIS A 66 -13.82 1.60 1.43
N GLU A 67 -13.52 0.67 2.33
CA GLU A 67 -14.43 0.36 3.43
C GLU A 67 -14.53 1.52 4.40
N ALA A 68 -13.38 2.13 4.72
CA ALA A 68 -13.34 3.26 5.63
C ALA A 68 -13.69 4.56 4.92
N THR A 69 -12.90 4.91 3.92
CA THR A 69 -13.12 6.13 3.16
C THR A 69 -13.97 5.86 1.91
N GLY A 70 -14.60 6.91 1.40
CA GLY A 70 -15.44 6.76 0.22
C GLY A 70 -14.64 6.77 -1.06
N MET A 71 -13.42 6.24 -1.01
CA MET A 71 -12.55 6.20 -2.18
C MET A 71 -12.56 4.81 -2.81
N PRO A 72 -12.61 4.77 -4.15
CA PRO A 72 -12.63 3.51 -4.90
C PRO A 72 -11.30 2.78 -4.83
N ALA A 73 -11.35 1.45 -4.93
CA ALA A 73 -10.14 0.64 -4.88
C ALA A 73 -9.43 0.65 -6.23
N GLY A 74 -9.28 1.83 -6.81
CA GLY A 74 -8.62 1.95 -8.10
C GLY A 74 -7.79 3.22 -8.20
N LYS A 75 -8.43 4.36 -8.02
CA LYS A 75 -7.75 5.65 -8.08
C LYS A 75 -6.69 5.77 -6.99
N GLN A 76 -7.01 5.24 -5.81
CA GLN A 76 -6.08 5.29 -4.69
C GLN A 76 -4.86 4.42 -4.95
N LYS A 77 -3.71 5.07 -5.15
CA LYS A 77 -2.47 4.36 -5.42
C LYS A 77 -1.65 4.20 -4.14
N LEU A 78 -1.30 2.97 -3.82
CA LEU A 78 -0.52 2.68 -2.62
C LEU A 78 0.97 2.64 -2.94
N GLN A 79 1.74 3.53 -2.32
CA GLN A 79 3.18 3.60 -2.54
C GLN A 79 3.93 3.08 -1.33
N TYR A 80 4.99 2.30 -1.58
CA TYR A 80 5.80 1.74 -0.50
C TYR A 80 7.26 1.67 -0.90
N GLU A 81 8.11 2.42 -0.20
CA GLU A 81 9.53 2.43 -0.50
C GLU A 81 9.80 2.89 -1.93
N GLY A 82 9.19 4.00 -2.31
CA GLY A 82 9.37 4.52 -3.65
C GLY A 82 8.89 3.55 -4.72
N ILE A 83 7.91 2.73 -4.37
CA ILE A 83 7.37 1.75 -5.30
C ILE A 83 5.85 1.90 -5.43
N PHE A 84 5.34 1.70 -6.64
CA PHE A 84 3.91 1.81 -6.89
C PHE A 84 3.24 0.43 -6.85
N ILE A 85 3.34 -0.23 -5.71
CA ILE A 85 2.75 -1.55 -5.54
C ILE A 85 1.32 -1.58 -6.06
N LYS A 86 0.96 -2.68 -6.72
CA LYS A 86 -0.38 -2.84 -7.26
C LYS A 86 -1.06 -4.08 -6.71
N ASP A 87 -2.36 -4.23 -6.97
CA ASP A 87 -3.12 -5.38 -6.49
C ASP A 87 -2.67 -6.65 -7.19
N SER A 88 -2.21 -6.51 -8.44
CA SER A 88 -1.76 -7.65 -9.22
C SER A 88 -0.51 -8.27 -8.60
N ASN A 89 0.27 -7.46 -7.89
CA ASN A 89 1.49 -7.92 -7.25
C ASN A 89 1.20 -8.42 -5.83
N SER A 90 1.93 -9.45 -5.42
CA SER A 90 1.75 -10.02 -4.09
C SER A 90 2.62 -9.30 -3.07
N LEU A 91 2.17 -9.30 -1.82
CA LEU A 91 2.91 -8.64 -0.74
C LEU A 91 4.19 -9.40 -0.43
N ALA A 92 4.05 -10.66 -0.04
CA ALA A 92 5.19 -11.49 0.29
C ALA A 92 6.33 -11.29 -0.73
N TYR A 93 5.96 -11.21 -2.00
CA TYR A 93 6.95 -11.02 -3.06
C TYR A 93 7.85 -9.83 -2.76
N TYR A 94 7.25 -8.72 -2.36
CA TYR A 94 7.99 -7.51 -2.05
C TYR A 94 8.84 -7.70 -0.80
N ASN A 95 8.45 -8.66 0.03
CA ASN A 95 9.18 -8.96 1.27
C ASN A 95 9.19 -7.74 2.18
N MET A 96 8.00 -7.23 2.50
CA MET A 96 7.86 -6.08 3.38
C MET A 96 8.19 -6.45 4.82
N ALA A 97 8.10 -5.47 5.71
CA ALA A 97 8.38 -5.70 7.12
C ALA A 97 7.38 -4.96 8.01
N SER A 98 7.19 -5.47 9.23
CA SER A 98 6.27 -4.87 10.17
C SER A 98 6.52 -3.36 10.29
N GLY A 99 5.55 -2.66 10.89
CA GLY A 99 5.68 -1.23 11.05
C GLY A 99 5.92 -0.50 9.75
N ALA A 100 5.27 -0.96 8.68
CA ALA A 100 5.42 -0.35 7.37
C ALA A 100 4.56 0.89 7.25
N VAL A 101 4.75 1.63 6.15
CA VAL A 101 3.99 2.85 5.92
C VAL A 101 3.60 2.98 4.44
N ILE A 102 2.32 2.80 4.16
CA ILE A 102 1.83 2.90 2.79
C ILE A 102 1.33 4.32 2.48
N HIS A 103 2.06 5.02 1.63
CA HIS A 103 1.70 6.38 1.25
C HIS A 103 0.66 6.37 0.13
N LEU A 104 -0.44 7.08 0.35
CA LEU A 104 -1.51 7.15 -0.64
C LEU A 104 -1.25 8.27 -1.65
N ALA A 105 -1.53 8.00 -2.91
CA ALA A 105 -1.32 8.98 -3.97
C ALA A 105 -2.45 8.92 -5.00
N LEU A 106 -2.70 10.05 -5.66
CA LEU A 106 -3.74 10.12 -6.67
C LEU A 106 -3.31 9.45 -7.96
N LYS A 107 -4.00 8.37 -8.34
CA LYS A 107 -3.68 7.64 -9.56
C LYS A 107 -4.08 8.44 -10.79
N GLU A 108 -3.10 8.73 -11.65
CA GLU A 108 -3.35 9.49 -12.87
C GLU A 108 -2.95 8.69 -14.10
N ARG A 109 -3.88 7.88 -14.60
CA ARG A 109 -3.63 7.06 -15.78
C ARG A 109 -4.92 6.80 -16.55
N SER A 110 -4.80 6.11 -17.67
CA SER A 110 -5.97 5.80 -18.51
C SER A 110 -6.74 4.62 -17.93
N GLY A 111 -7.89 4.92 -17.32
CA GLY A 111 -8.71 3.87 -16.74
C GLY A 111 -10.18 4.10 -17.00
N PRO A 112 -10.63 3.76 -18.21
CA PRO A 112 -12.04 3.92 -18.61
C PRO A 112 -12.95 2.93 -17.90
N SER A 113 -14.18 3.35 -17.63
CA SER A 113 -15.16 2.51 -16.94
C SER A 113 -16.57 3.03 -17.16
N SER A 114 -17.53 2.11 -17.24
CA SER A 114 -18.93 2.47 -17.46
C SER A 114 -19.83 1.28 -17.21
N GLY A 115 -21.10 1.56 -16.92
CA GLY A 115 -22.06 0.49 -16.67
C GLY A 115 -23.44 0.82 -17.18
N GLY A 1 22.65 -9.57 12.03
CA GLY A 1 22.41 -8.64 10.94
C GLY A 1 21.99 -7.26 11.42
N SER A 2 21.29 -6.54 10.57
CA SER A 2 20.83 -5.19 10.92
C SER A 2 19.42 -4.96 10.41
N SER A 3 18.84 -3.82 10.80
CA SER A 3 17.48 -3.47 10.39
C SER A 3 17.39 -2.00 10.01
N GLY A 4 16.58 -1.70 8.99
CA GLY A 4 16.41 -0.33 8.55
C GLY A 4 16.64 -0.17 7.06
N SER A 5 17.65 -0.85 6.54
CA SER A 5 17.96 -0.77 5.11
C SER A 5 17.66 -2.10 4.42
N SER A 6 17.48 -2.04 3.11
CA SER A 6 17.19 -3.25 2.32
C SER A 6 18.14 -3.36 1.14
N GLY A 7 18.60 -4.59 0.88
CA GLY A 7 19.52 -4.81 -0.22
C GLY A 7 19.13 -4.03 -1.46
N THR A 8 18.19 -4.56 -2.23
CA THR A 8 17.74 -3.90 -3.45
C THR A 8 16.52 -4.60 -4.03
N GLU A 9 15.68 -3.85 -4.74
CA GLU A 9 14.48 -4.39 -5.36
C GLU A 9 14.83 -5.48 -6.37
N ASP A 10 15.77 -5.16 -7.26
CA ASP A 10 16.19 -6.11 -8.29
C ASP A 10 16.54 -7.46 -7.67
N SER A 11 17.22 -7.42 -6.53
CA SER A 11 17.62 -8.64 -5.84
C SER A 11 16.66 -8.95 -4.69
N LEU A 12 15.39 -9.14 -5.01
CA LEU A 12 14.38 -9.43 -4.00
C LEU A 12 14.11 -10.94 -3.93
N MET A 13 14.19 -11.49 -2.72
CA MET A 13 13.96 -12.91 -2.52
C MET A 13 12.51 -13.27 -2.82
N PRO A 14 12.26 -14.58 -3.04
CA PRO A 14 10.91 -15.08 -3.35
C PRO A 14 9.98 -15.01 -2.14
N GLU A 15 8.80 -15.60 -2.26
CA GLU A 15 7.83 -15.60 -1.19
C GLU A 15 8.00 -16.83 -0.31
N GLU A 16 7.99 -18.01 -0.93
CA GLU A 16 8.14 -19.27 -0.21
C GLU A 16 9.07 -19.09 1.00
N GLU A 17 10.32 -18.75 0.72
CA GLU A 17 11.31 -18.55 1.77
C GLU A 17 10.92 -17.38 2.67
N PHE A 18 10.76 -16.20 2.07
CA PHE A 18 10.39 -15.01 2.82
C PHE A 18 9.42 -15.35 3.96
N LEU A 19 8.29 -15.95 3.60
CA LEU A 19 7.28 -16.32 4.59
C LEU A 19 7.92 -17.07 5.75
N ARG A 20 8.89 -17.93 5.44
CA ARG A 20 9.58 -18.71 6.46
C ARG A 20 10.32 -17.80 7.43
N ARG A 21 10.74 -16.64 6.93
CA ARG A 21 11.48 -15.68 7.75
C ARG A 21 10.52 -14.65 8.36
N ASN A 22 9.86 -13.89 7.49
CA ASN A 22 8.92 -12.86 7.95
C ASN A 22 7.50 -13.17 7.46
N LYS A 23 6.74 -13.85 8.31
CA LYS A 23 5.36 -14.21 7.97
C LYS A 23 4.39 -13.14 8.45
N GLY A 24 4.70 -12.52 9.58
CA GLY A 24 3.84 -11.48 10.12
C GLY A 24 3.41 -11.78 11.55
N PRO A 25 2.33 -11.11 11.99
CA PRO A 25 1.60 -10.16 11.16
C PRO A 25 2.39 -8.88 10.90
N VAL A 26 1.78 -7.94 10.17
CA VAL A 26 2.44 -6.68 9.85
C VAL A 26 1.45 -5.53 9.90
N SER A 27 1.76 -4.51 10.70
CA SER A 27 0.90 -3.34 10.84
C SER A 27 1.35 -2.23 9.91
N ILE A 28 0.57 -1.98 8.86
CA ILE A 28 0.88 -0.94 7.90
C ILE A 28 0.02 0.29 8.12
N LYS A 29 0.60 1.47 7.89
CA LYS A 29 -0.13 2.72 8.05
C LYS A 29 -0.42 3.37 6.70
N VAL A 30 -1.70 3.60 6.43
CA VAL A 30 -2.11 4.21 5.17
C VAL A 30 -2.15 5.73 5.28
N GLN A 31 -1.18 6.39 4.65
CA GLN A 31 -1.10 7.84 4.68
C GLN A 31 -2.12 8.47 3.74
N VAL A 32 -3.28 8.84 4.28
CA VAL A 32 -4.34 9.44 3.48
C VAL A 32 -4.11 10.94 3.31
N PRO A 33 -3.93 11.37 2.05
CA PRO A 33 -3.69 12.78 1.72
C PRO A 33 -4.93 13.64 1.95
N ASN A 34 -4.76 14.96 1.82
CA ASN A 34 -5.87 15.89 2.01
C ASN A 34 -6.32 16.47 0.67
N MET A 35 -7.36 15.88 0.09
CA MET A 35 -7.88 16.34 -1.19
C MET A 35 -8.69 17.63 -1.00
N GLN A 36 -8.04 18.76 -1.21
CA GLN A 36 -8.70 20.06 -1.06
C GLN A 36 -9.81 20.22 -2.09
N ASP A 37 -9.70 19.48 -3.19
CA ASP A 37 -10.70 19.54 -4.25
C ASP A 37 -12.10 19.32 -3.70
N LYS A 38 -12.17 18.79 -2.49
CA LYS A 38 -13.46 18.54 -1.84
C LYS A 38 -14.24 17.47 -2.60
N THR A 39 -13.52 16.46 -3.10
CA THR A 39 -14.14 15.37 -3.84
C THR A 39 -15.03 14.52 -2.94
N GLU A 40 -15.63 13.48 -3.51
CA GLU A 40 -16.51 12.60 -2.75
C GLU A 40 -15.71 11.51 -2.05
N TRP A 41 -14.50 11.85 -1.63
CA TRP A 41 -13.63 10.90 -0.94
C TRP A 41 -13.22 11.42 0.43
N LYS A 42 -13.34 10.58 1.45
CA LYS A 42 -12.99 10.97 2.81
C LYS A 42 -11.48 11.11 2.95
N LEU A 43 -10.94 12.18 2.39
CA LEU A 43 -9.50 12.44 2.46
C LEU A 43 -9.22 13.79 3.10
N ASN A 44 -8.88 13.77 4.38
CA ASN A 44 -8.58 14.99 5.12
C ASN A 44 -7.30 14.84 5.93
N GLY A 45 -6.17 14.69 5.23
CA GLY A 45 -4.89 14.55 5.90
C GLY A 45 -5.00 13.73 7.17
N GLN A 46 -4.91 12.41 7.04
CA GLN A 46 -5.00 11.51 8.19
C GLN A 46 -4.29 10.19 7.90
N GLY A 47 -4.36 9.28 8.86
CA GLY A 47 -3.72 7.98 8.69
C GLY A 47 -4.59 6.84 9.17
N LEU A 48 -4.64 5.77 8.38
CA LEU A 48 -5.45 4.61 8.73
C LEU A 48 -4.56 3.39 8.95
N VAL A 49 -4.63 2.82 10.15
CA VAL A 49 -3.84 1.65 10.49
C VAL A 49 -4.60 0.37 10.18
N PHE A 50 -3.89 -0.62 9.63
CA PHE A 50 -4.49 -1.90 9.28
C PHE A 50 -3.59 -3.06 9.69
N THR A 51 -4.07 -3.87 10.62
CA THR A 51 -3.31 -5.02 11.11
C THR A 51 -3.69 -6.29 10.35
N LEU A 52 -2.79 -6.75 9.48
CA LEU A 52 -3.04 -7.95 8.69
C LEU A 52 -1.72 -8.59 8.26
N PRO A 53 -1.68 -9.93 8.30
CA PRO A 53 -0.48 -10.69 7.92
C PRO A 53 -0.22 -10.63 6.42
N LEU A 54 0.97 -11.05 6.01
CA LEU A 54 1.35 -11.05 4.60
C LEU A 54 1.01 -12.38 3.95
N THR A 55 -0.24 -12.50 3.47
CA THR A 55 -0.68 -13.72 2.82
C THR A 55 -1.29 -13.42 1.46
N ASP A 56 -2.42 -12.71 1.45
CA ASP A 56 -3.10 -12.35 0.21
C ASP A 56 -2.35 -11.24 -0.51
N GLN A 57 -2.90 -10.80 -1.65
CA GLN A 57 -2.28 -9.74 -2.43
C GLN A 57 -2.52 -8.38 -1.79
N VAL A 58 -2.08 -7.33 -2.48
CA VAL A 58 -2.24 -5.97 -1.98
C VAL A 58 -3.70 -5.53 -2.06
N SER A 59 -4.51 -6.30 -2.78
CA SER A 59 -5.92 -5.99 -2.96
C SER A 59 -6.63 -5.93 -1.60
N VAL A 60 -6.34 -6.90 -0.74
CA VAL A 60 -6.94 -6.95 0.59
C VAL A 60 -6.70 -5.65 1.35
N ILE A 61 -5.75 -4.86 0.88
CA ILE A 61 -5.42 -3.59 1.52
C ILE A 61 -6.25 -2.45 0.93
N LYS A 62 -6.35 -2.42 -0.40
CA LYS A 62 -7.11 -1.40 -1.09
C LYS A 62 -8.58 -1.44 -0.68
N VAL A 63 -9.08 -2.64 -0.42
CA VAL A 63 -10.47 -2.83 -0.02
C VAL A 63 -10.76 -2.11 1.30
N LYS A 64 -9.81 -2.22 2.23
CA LYS A 64 -9.97 -1.58 3.53
C LYS A 64 -10.30 -0.10 3.39
N ILE A 65 -9.49 0.60 2.61
CA ILE A 65 -9.69 2.04 2.39
C ILE A 65 -11.13 2.32 1.98
N HIS A 66 -11.49 1.90 0.78
CA HIS A 66 -12.85 2.11 0.27
C HIS A 66 -13.88 1.88 1.37
N GLU A 67 -13.54 1.02 2.33
CA GLU A 67 -14.44 0.71 3.43
C GLU A 67 -14.73 1.96 4.25
N ALA A 68 -13.71 2.50 4.90
CA ALA A 68 -13.86 3.70 5.72
C ALA A 68 -14.15 4.92 4.86
N THR A 69 -13.31 5.15 3.86
CA THR A 69 -13.48 6.28 2.97
C THR A 69 -14.18 5.87 1.67
N GLY A 70 -14.85 6.83 1.04
CA GLY A 70 -15.57 6.54 -0.19
C GLY A 70 -14.65 6.59 -1.41
N MET A 71 -13.41 6.13 -1.23
CA MET A 71 -12.44 6.12 -2.32
C MET A 71 -12.29 4.73 -2.91
N PRO A 72 -12.38 4.64 -4.24
CA PRO A 72 -12.25 3.36 -4.96
C PRO A 72 -10.83 2.81 -4.92
N ALA A 73 -10.71 1.49 -5.01
CA ALA A 73 -9.41 0.84 -4.98
C ALA A 73 -8.82 0.73 -6.39
N GLY A 74 -9.05 1.77 -7.19
CA GLY A 74 -8.53 1.77 -8.55
C GLY A 74 -7.96 3.12 -8.96
N LYS A 75 -8.56 4.19 -8.44
CA LYS A 75 -8.12 5.53 -8.76
C LYS A 75 -6.90 5.91 -7.93
N GLN A 76 -6.95 5.59 -6.63
CA GLN A 76 -5.85 5.90 -5.73
C GLN A 76 -4.65 4.98 -5.99
N LYS A 77 -3.47 5.46 -5.65
CA LYS A 77 -2.25 4.69 -5.84
C LYS A 77 -1.43 4.62 -4.55
N LEU A 78 -1.24 3.40 -4.06
CA LEU A 78 -0.48 3.20 -2.83
C LEU A 78 1.01 3.08 -3.12
N GLN A 79 1.79 4.03 -2.60
CA GLN A 79 3.23 4.03 -2.81
C GLN A 79 3.96 3.57 -1.55
N TYR A 80 4.88 2.61 -1.72
CA TYR A 80 5.65 2.09 -0.60
C TYR A 80 7.12 2.03 -0.94
N GLU A 81 7.93 2.83 -0.25
CA GLU A 81 9.37 2.88 -0.48
C GLU A 81 9.68 3.16 -1.95
N GLY A 82 8.99 4.16 -2.51
CA GLY A 82 9.21 4.51 -3.90
C GLY A 82 8.79 3.41 -4.85
N ILE A 83 7.79 2.63 -4.44
CA ILE A 83 7.29 1.53 -5.27
C ILE A 83 5.78 1.68 -5.52
N PHE A 84 5.38 1.53 -6.78
CA PHE A 84 3.98 1.64 -7.14
C PHE A 84 3.26 0.30 -6.96
N ILE A 85 3.25 -0.20 -5.73
CA ILE A 85 2.60 -1.46 -5.42
C ILE A 85 1.19 -1.52 -6.02
N LYS A 86 0.88 -2.63 -6.66
CA LYS A 86 -0.43 -2.82 -7.27
C LYS A 86 -1.11 -4.08 -6.73
N ASP A 87 -2.43 -4.15 -6.91
CA ASP A 87 -3.19 -5.30 -6.44
C ASP A 87 -2.78 -6.57 -7.19
N SER A 88 -2.14 -6.38 -8.33
CA SER A 88 -1.69 -7.51 -9.15
C SER A 88 -0.48 -8.18 -8.53
N ASN A 89 0.25 -7.43 -7.70
CA ASN A 89 1.44 -7.95 -7.04
C ASN A 89 1.11 -8.46 -5.64
N SER A 90 2.05 -9.20 -5.05
CA SER A 90 1.85 -9.74 -3.71
C SER A 90 2.59 -8.89 -2.67
N LEU A 91 2.08 -8.92 -1.44
CA LEU A 91 2.69 -8.16 -0.35
C LEU A 91 4.03 -8.75 0.06
N ALA A 92 4.02 -10.06 0.33
CA ALA A 92 5.24 -10.75 0.73
C ALA A 92 6.29 -10.69 -0.37
N TYR A 93 5.84 -10.69 -1.61
CA TYR A 93 6.74 -10.64 -2.76
C TYR A 93 7.60 -9.38 -2.71
N TYR A 94 7.07 -8.34 -2.09
CA TYR A 94 7.78 -7.07 -1.97
C TYR A 94 8.72 -7.07 -0.76
N ASN A 95 8.71 -8.17 -0.03
CA ASN A 95 9.55 -8.30 1.17
C ASN A 95 9.32 -7.14 2.12
N MET A 96 8.06 -6.90 2.47
CA MET A 96 7.71 -5.81 3.38
C MET A 96 7.87 -6.25 4.82
N ALA A 97 8.07 -5.28 5.71
CA ALA A 97 8.24 -5.57 7.14
C ALA A 97 7.17 -4.87 7.96
N SER A 98 6.89 -5.42 9.15
CA SER A 98 5.89 -4.85 10.04
C SER A 98 6.10 -3.35 10.23
N GLY A 99 5.23 -2.73 11.00
CA GLY A 99 5.34 -1.30 11.25
C GLY A 99 5.63 -0.51 9.99
N ALA A 100 5.07 -0.98 8.87
CA ALA A 100 5.27 -0.31 7.59
C ALA A 100 4.35 0.89 7.44
N VAL A 101 4.56 1.67 6.38
CA VAL A 101 3.73 2.86 6.13
C VAL A 101 3.42 2.99 4.64
N ILE A 102 2.17 2.74 4.28
CA ILE A 102 1.75 2.84 2.88
C ILE A 102 1.24 4.23 2.57
N HIS A 103 2.00 4.97 1.76
CA HIS A 103 1.62 6.33 1.38
C HIS A 103 0.49 6.30 0.35
N LEU A 104 -0.65 6.89 0.71
CA LEU A 104 -1.80 6.93 -0.18
C LEU A 104 -1.76 8.17 -1.07
N ALA A 105 -2.03 7.98 -2.35
CA ALA A 105 -2.03 9.08 -3.31
C ALA A 105 -3.16 8.93 -4.32
N LEU A 106 -3.31 9.94 -5.18
CA LEU A 106 -4.36 9.93 -6.19
C LEU A 106 -3.75 9.89 -7.60
N LYS A 107 -4.20 8.94 -8.41
CA LYS A 107 -3.70 8.80 -9.78
C LYS A 107 -4.22 9.94 -10.65
N GLU A 108 -3.33 10.51 -11.45
CA GLU A 108 -3.69 11.61 -12.34
C GLU A 108 -4.76 11.16 -13.34
N ARG A 109 -5.88 11.88 -13.37
CA ARG A 109 -6.97 11.55 -14.27
C ARG A 109 -8.03 12.65 -14.26
N SER A 110 -8.30 13.23 -15.41
CA SER A 110 -9.29 14.30 -15.53
C SER A 110 -10.66 13.82 -15.06
N GLY A 111 -11.62 14.73 -15.06
CA GLY A 111 -12.97 14.38 -14.64
C GLY A 111 -13.58 15.42 -13.71
N PRO A 112 -13.90 16.59 -14.28
CA PRO A 112 -14.49 17.70 -13.52
C PRO A 112 -15.92 17.40 -13.07
N SER A 113 -16.19 17.60 -11.79
CA SER A 113 -17.51 17.35 -11.23
C SER A 113 -18.04 18.58 -10.49
N SER A 114 -19.32 18.54 -10.13
CA SER A 114 -19.94 19.65 -9.43
C SER A 114 -20.01 19.36 -7.93
N GLY A 115 -20.46 18.17 -7.58
CA GLY A 115 -20.57 17.79 -6.19
C GLY A 115 -19.80 16.52 -5.86
N GLY A 1 18.38 7.50 15.60
CA GLY A 1 17.69 6.93 14.45
C GLY A 1 17.48 5.43 14.59
N SER A 2 17.05 4.80 13.51
CA SER A 2 16.80 3.36 13.51
C SER A 2 17.40 2.71 12.28
N SER A 3 18.09 1.58 12.48
CA SER A 3 18.71 0.86 11.38
C SER A 3 17.87 -0.36 10.98
N GLY A 4 16.99 -0.16 10.00
CA GLY A 4 16.15 -1.25 9.55
C GLY A 4 16.37 -1.59 8.09
N SER A 5 17.64 -1.59 7.67
CA SER A 5 17.98 -1.89 6.29
C SER A 5 17.47 -3.28 5.89
N SER A 6 16.90 -3.36 4.69
CA SER A 6 16.38 -4.63 4.19
C SER A 6 17.33 -5.24 3.16
N GLY A 7 17.62 -4.48 2.11
CA GLY A 7 18.50 -4.96 1.07
C GLY A 7 18.46 -4.10 -0.18
N THR A 8 18.07 -4.70 -1.30
CA THR A 8 17.99 -3.98 -2.56
C THR A 8 16.85 -4.52 -3.43
N GLU A 9 15.98 -3.61 -3.89
CA GLU A 9 14.85 -3.99 -4.73
C GLU A 9 15.30 -4.93 -5.85
N ASP A 10 16.54 -4.75 -6.31
CA ASP A 10 17.10 -5.57 -7.37
C ASP A 10 17.11 -7.04 -6.97
N SER A 11 17.37 -7.30 -5.70
CA SER A 11 17.41 -8.66 -5.18
C SER A 11 16.51 -8.82 -3.96
N LEU A 12 15.20 -8.84 -4.21
CA LEU A 12 14.22 -8.98 -3.13
C LEU A 12 13.97 -10.45 -2.82
N MET A 13 13.81 -10.75 -1.53
CA MET A 13 13.56 -12.12 -1.09
C MET A 13 12.40 -12.73 -1.87
N PRO A 14 12.41 -14.06 -2.01
CA PRO A 14 11.36 -14.81 -2.73
C PRO A 14 10.04 -14.80 -1.97
N GLU A 15 9.12 -15.66 -2.39
CA GLU A 15 7.81 -15.76 -1.76
C GLU A 15 7.80 -16.87 -0.71
N GLU A 16 8.53 -17.94 -0.97
CA GLU A 16 8.60 -19.07 -0.05
C GLU A 16 9.40 -18.70 1.19
N GLU A 17 10.66 -18.34 0.99
CA GLU A 17 11.54 -17.97 2.10
C GLU A 17 10.93 -16.83 2.92
N PHE A 18 10.45 -15.81 2.22
CA PHE A 18 9.84 -14.66 2.88
C PHE A 18 8.97 -15.10 4.06
N LEU A 19 7.97 -15.92 3.78
CA LEU A 19 7.07 -16.42 4.81
C LEU A 19 7.85 -16.94 6.02
N ARG A 20 8.94 -17.66 5.74
CA ARG A 20 9.77 -18.21 6.80
C ARG A 20 10.39 -17.10 7.64
N ARG A 21 10.71 -15.99 6.99
CA ARG A 21 11.30 -14.84 7.67
C ARG A 21 10.23 -13.93 8.26
N ASN A 22 9.47 -13.29 7.39
CA ASN A 22 8.41 -12.39 7.82
C ASN A 22 7.04 -12.97 7.52
N LYS A 23 6.34 -13.42 8.55
CA LYS A 23 5.01 -14.01 8.40
C LYS A 23 3.92 -13.01 8.81
N GLY A 24 4.17 -12.30 9.91
CA GLY A 24 3.20 -11.33 10.37
C GLY A 24 2.47 -11.80 11.62
N PRO A 25 1.30 -11.18 11.90
CA PRO A 25 0.76 -10.11 11.06
C PRO A 25 1.57 -8.83 11.15
N VAL A 26 1.52 -8.03 10.08
CA VAL A 26 2.25 -6.77 10.04
C VAL A 26 1.32 -5.58 10.19
N SER A 27 1.85 -4.46 10.66
CA SER A 27 1.06 -3.26 10.87
C SER A 27 1.49 -2.16 9.89
N ILE A 28 0.65 -1.91 8.89
CA ILE A 28 0.93 -0.88 7.89
C ILE A 28 0.06 0.35 8.11
N LYS A 29 0.67 1.53 7.99
CA LYS A 29 -0.05 2.79 8.17
C LYS A 29 -0.33 3.45 6.82
N VAL A 30 -1.56 3.92 6.65
CA VAL A 30 -1.95 4.58 5.41
C VAL A 30 -1.99 6.09 5.58
N GLN A 31 -1.02 6.77 4.98
CA GLN A 31 -0.94 8.22 5.06
C GLN A 31 -2.00 8.88 4.19
N VAL A 32 -3.15 9.18 4.77
CA VAL A 32 -4.25 9.80 4.05
C VAL A 32 -4.02 11.30 3.90
N PRO A 33 -3.94 11.77 2.65
CA PRO A 33 -3.73 13.19 2.35
C PRO A 33 -4.94 14.05 2.69
N ASN A 34 -4.85 15.34 2.41
CA ASN A 34 -5.94 16.26 2.69
C ASN A 34 -6.32 17.05 1.43
N MET A 35 -7.34 16.58 0.73
CA MET A 35 -7.81 17.25 -0.48
C MET A 35 -8.99 18.15 -0.19
N GLN A 36 -8.72 19.44 0.00
CA GLN A 36 -9.77 20.41 0.29
C GLN A 36 -10.28 21.06 -1.00
N ASP A 37 -9.36 21.33 -1.92
CA ASP A 37 -9.71 21.95 -3.19
C ASP A 37 -11.02 21.39 -3.73
N LYS A 38 -11.00 20.13 -4.15
CA LYS A 38 -12.18 19.47 -4.69
C LYS A 38 -11.92 18.00 -4.95
N THR A 39 -12.78 17.14 -4.43
CA THR A 39 -12.63 15.70 -4.62
C THR A 39 -13.81 14.94 -4.03
N GLU A 40 -14.05 13.73 -4.53
CA GLU A 40 -15.15 12.91 -4.05
C GLU A 40 -14.65 11.80 -3.14
N TRP A 41 -13.68 12.12 -2.30
CA TRP A 41 -13.10 11.14 -1.39
C TRP A 41 -12.93 11.74 0.01
N LYS A 42 -12.69 10.88 0.99
CA LYS A 42 -12.50 11.33 2.37
C LYS A 42 -11.02 11.57 2.67
N LEU A 43 -10.56 12.78 2.36
CA LEU A 43 -9.17 13.14 2.59
C LEU A 43 -9.07 14.39 3.44
N ASN A 44 -8.76 14.20 4.72
CA ASN A 44 -8.64 15.32 5.66
C ASN A 44 -7.40 15.16 6.53
N GLY A 45 -6.25 14.95 5.88
CA GLY A 45 -5.01 14.79 6.62
C GLY A 45 -5.15 13.89 7.83
N GLN A 46 -4.98 12.59 7.62
CA GLN A 46 -5.10 11.63 8.71
C GLN A 46 -4.32 10.35 8.39
N GLY A 47 -4.40 9.38 9.29
CA GLY A 47 -3.69 8.13 9.09
C GLY A 47 -4.54 6.92 9.47
N LEU A 48 -4.57 5.93 8.58
CA LEU A 48 -5.34 4.71 8.83
C LEU A 48 -4.43 3.49 8.89
N VAL A 49 -4.40 2.85 10.05
CA VAL A 49 -3.58 1.65 10.24
C VAL A 49 -4.41 0.39 10.14
N PHE A 50 -3.81 -0.67 9.61
CA PHE A 50 -4.50 -1.95 9.45
C PHE A 50 -3.53 -3.12 9.61
N THR A 51 -3.70 -3.88 10.68
CA THR A 51 -2.84 -5.02 10.95
C THR A 51 -3.36 -6.28 10.27
N LEU A 52 -2.73 -6.64 9.15
CA LEU A 52 -3.14 -7.83 8.40
C LEU A 52 -1.92 -8.60 7.91
N PRO A 53 -2.00 -9.93 7.98
CA PRO A 53 -0.91 -10.82 7.54
C PRO A 53 -0.73 -10.81 6.03
N LEU A 54 0.48 -11.10 5.58
CA LEU A 54 0.78 -11.14 4.14
C LEU A 54 0.57 -12.53 3.58
N THR A 55 -0.67 -12.82 3.18
CA THR A 55 -1.00 -14.12 2.62
C THR A 55 -1.70 -13.98 1.27
N ASP A 56 -2.52 -12.94 1.15
CA ASP A 56 -3.25 -12.70 -0.09
C ASP A 56 -2.60 -11.55 -0.87
N GLN A 57 -3.24 -11.16 -1.98
CA GLN A 57 -2.73 -10.09 -2.81
C GLN A 57 -2.83 -8.75 -2.10
N VAL A 58 -2.32 -7.69 -2.73
CA VAL A 58 -2.36 -6.36 -2.16
C VAL A 58 -3.77 -5.77 -2.22
N SER A 59 -4.63 -6.40 -3.01
CA SER A 59 -6.00 -5.93 -3.15
C SER A 59 -6.73 -5.94 -1.81
N VAL A 60 -6.62 -7.06 -1.10
CA VAL A 60 -7.26 -7.21 0.20
C VAL A 60 -7.01 -5.98 1.08
N ILE A 61 -5.96 -5.23 0.74
CA ILE A 61 -5.61 -4.03 1.49
C ILE A 61 -6.36 -2.81 0.96
N LYS A 62 -6.45 -2.69 -0.35
CA LYS A 62 -7.14 -1.58 -0.98
C LYS A 62 -8.64 -1.61 -0.65
N VAL A 63 -9.17 -2.81 -0.51
CA VAL A 63 -10.59 -2.99 -0.19
C VAL A 63 -10.93 -2.36 1.16
N LYS A 64 -9.93 -2.27 2.04
CA LYS A 64 -10.12 -1.70 3.36
C LYS A 64 -10.35 -0.19 3.26
N ILE A 65 -9.50 0.49 2.50
CA ILE A 65 -9.62 1.93 2.33
C ILE A 65 -11.02 2.33 1.89
N HIS A 66 -11.40 1.89 0.69
CA HIS A 66 -12.73 2.19 0.15
C HIS A 66 -13.80 2.02 1.23
N GLU A 67 -13.53 1.14 2.20
CA GLU A 67 -14.47 0.87 3.27
C GLU A 67 -14.72 2.14 4.10
N ALA A 68 -13.65 2.67 4.70
CA ALA A 68 -13.76 3.86 5.51
C ALA A 68 -13.92 5.10 4.64
N THR A 69 -13.06 5.26 3.65
CA THR A 69 -13.11 6.40 2.75
C THR A 69 -13.83 6.05 1.45
N GLY A 70 -14.39 7.06 0.79
CA GLY A 70 -15.10 6.83 -0.45
C GLY A 70 -14.17 6.78 -1.65
N MET A 71 -12.96 6.27 -1.43
CA MET A 71 -11.98 6.17 -2.50
C MET A 71 -11.99 4.77 -3.11
N PRO A 72 -11.95 4.71 -4.46
CA PRO A 72 -11.95 3.44 -5.19
C PRO A 72 -10.66 2.66 -5.02
N ALA A 73 -10.74 1.34 -5.20
CA ALA A 73 -9.57 0.49 -5.06
C ALA A 73 -8.76 0.45 -6.35
N GLY A 74 -8.53 1.62 -6.93
CA GLY A 74 -7.77 1.70 -8.17
C GLY A 74 -6.98 2.99 -8.28
N LYS A 75 -7.70 4.12 -8.31
CA LYS A 75 -7.05 5.43 -8.42
C LYS A 75 -6.00 5.60 -7.34
N GLN A 76 -6.33 5.20 -6.10
CA GLN A 76 -5.41 5.32 -4.98
C GLN A 76 -4.19 4.44 -5.19
N LYS A 77 -3.06 5.05 -5.52
CA LYS A 77 -1.82 4.33 -5.74
C LYS A 77 -1.04 4.16 -4.44
N LEU A 78 -0.99 2.92 -3.95
CA LEU A 78 -0.28 2.63 -2.71
C LEU A 78 1.22 2.50 -2.96
N GLN A 79 2.01 3.40 -2.38
CA GLN A 79 3.45 3.39 -2.54
C GLN A 79 4.13 2.86 -1.28
N TYR A 80 5.19 2.09 -1.48
CA TYR A 80 5.93 1.50 -0.36
C TYR A 80 7.40 1.32 -0.72
N GLU A 81 8.28 2.02 0.00
CA GLU A 81 9.71 1.94 -0.25
C GLU A 81 10.04 2.31 -1.68
N GLY A 82 9.46 3.42 -2.14
CA GLY A 82 9.71 3.88 -3.51
C GLY A 82 9.27 2.86 -4.54
N ILE A 83 8.27 2.06 -4.20
CA ILE A 83 7.75 1.04 -5.11
C ILE A 83 6.27 1.24 -5.39
N PHE A 84 5.83 0.84 -6.57
CA PHE A 84 4.43 0.98 -6.96
C PHE A 84 3.71 -0.36 -6.85
N ILE A 85 3.33 -0.74 -5.64
CA ILE A 85 2.63 -2.00 -5.41
C ILE A 85 1.23 -1.96 -6.00
N LYS A 86 0.85 -3.04 -6.68
CA LYS A 86 -0.46 -3.14 -7.30
C LYS A 86 -1.26 -4.30 -6.70
N ASP A 87 -2.56 -4.33 -6.99
CA ASP A 87 -3.43 -5.38 -6.48
C ASP A 87 -3.11 -6.72 -7.12
N SER A 88 -2.70 -6.69 -8.38
CA SER A 88 -2.35 -7.90 -9.11
C SER A 88 -1.13 -8.58 -8.50
N ASN A 89 -0.22 -7.76 -7.97
CA ASN A 89 1.00 -8.28 -7.34
C ASN A 89 0.71 -8.83 -5.95
N SER A 90 1.58 -9.71 -5.47
CA SER A 90 1.41 -10.31 -4.15
C SER A 90 2.20 -9.52 -3.10
N LEU A 91 1.93 -9.82 -1.83
CA LEU A 91 2.61 -9.15 -0.73
C LEU A 91 3.94 -9.81 -0.42
N ALA A 92 3.89 -11.08 -0.02
CA ALA A 92 5.09 -11.83 0.30
C ALA A 92 6.20 -11.55 -0.71
N TYR A 93 5.82 -11.42 -1.98
CA TYR A 93 6.80 -11.15 -3.04
C TYR A 93 7.56 -9.87 -2.76
N TYR A 94 6.86 -8.86 -2.24
CA TYR A 94 7.48 -7.57 -1.94
C TYR A 94 8.36 -7.69 -0.70
N ASN A 95 7.94 -8.50 0.25
CA ASN A 95 8.70 -8.70 1.48
C ASN A 95 8.57 -7.50 2.40
N MET A 96 7.33 -7.08 2.65
CA MET A 96 7.06 -5.93 3.51
C MET A 96 7.36 -6.27 4.97
N ALA A 97 8.02 -5.34 5.66
CA ALA A 97 8.37 -5.54 7.06
C ALA A 97 7.32 -4.93 7.98
N SER A 98 7.14 -5.52 9.16
CA SER A 98 6.16 -5.05 10.12
C SER A 98 6.26 -3.53 10.29
N GLY A 99 5.35 -2.97 11.07
CA GLY A 99 5.35 -1.54 11.30
C GLY A 99 5.66 -0.74 10.04
N ALA A 100 5.18 -1.24 8.90
CA ALA A 100 5.42 -0.58 7.62
C ALA A 100 4.53 0.65 7.48
N VAL A 101 4.72 1.38 6.38
CA VAL A 101 3.93 2.58 6.13
C VAL A 101 3.61 2.72 4.64
N ILE A 102 2.33 2.62 4.30
CA ILE A 102 1.89 2.74 2.91
C ILE A 102 1.46 4.17 2.60
N HIS A 103 2.27 4.85 1.79
CA HIS A 103 1.98 6.23 1.41
C HIS A 103 0.93 6.27 0.29
N LEU A 104 -0.13 7.01 0.53
CA LEU A 104 -1.21 7.14 -0.45
C LEU A 104 -0.92 8.25 -1.45
N ALA A 105 -1.24 8.01 -2.71
CA ALA A 105 -1.01 9.00 -3.76
C ALA A 105 -2.19 9.05 -4.73
N LEU A 106 -2.19 10.05 -5.61
CA LEU A 106 -3.25 10.20 -6.58
C LEU A 106 -2.78 9.80 -7.98
N LYS A 107 -3.56 8.94 -8.64
CA LYS A 107 -3.22 8.48 -9.97
C LYS A 107 -3.47 9.57 -11.00
N GLU A 108 -2.41 9.97 -11.70
CA GLU A 108 -2.52 11.01 -12.73
C GLU A 108 -3.72 10.76 -13.63
N ARG A 109 -4.34 11.85 -14.08
CA ARG A 109 -5.52 11.75 -14.95
C ARG A 109 -5.11 11.90 -16.42
N SER A 110 -5.33 10.86 -17.20
CA SER A 110 -4.99 10.88 -18.62
C SER A 110 -6.20 11.26 -19.47
N GLY A 111 -6.03 12.26 -20.33
CA GLY A 111 -7.11 12.70 -21.18
C GLY A 111 -7.45 11.68 -22.26
N PRO A 112 -8.75 11.58 -22.60
CA PRO A 112 -9.22 10.65 -23.63
C PRO A 112 -8.78 11.05 -25.03
N SER A 113 -8.45 12.34 -25.19
CA SER A 113 -8.01 12.84 -26.49
C SER A 113 -6.94 11.95 -27.10
N SER A 114 -7.15 11.56 -28.35
CA SER A 114 -6.21 10.69 -29.05
C SER A 114 -4.86 11.39 -29.23
N GLY A 115 -4.90 12.60 -29.78
CA GLY A 115 -3.68 13.35 -30.00
C GLY A 115 -3.43 14.37 -28.91
N GLY A 1 24.41 -10.17 12.76
CA GLY A 1 25.39 -9.49 11.95
C GLY A 1 24.85 -9.11 10.59
N SER A 2 24.96 -7.83 10.24
CA SER A 2 24.48 -7.34 8.95
C SER A 2 24.98 -5.92 8.69
N SER A 3 24.95 -5.51 7.43
CA SER A 3 25.40 -4.18 7.04
C SER A 3 25.04 -3.89 5.58
N GLY A 4 25.08 -2.61 5.21
CA GLY A 4 24.75 -2.22 3.86
C GLY A 4 23.26 -2.24 3.59
N SER A 5 22.60 -1.11 3.83
CA SER A 5 21.17 -1.00 3.63
C SER A 5 20.80 -1.33 2.18
N SER A 6 19.83 -2.22 2.00
CA SER A 6 19.39 -2.63 0.68
C SER A 6 18.71 -1.47 -0.04
N GLY A 7 18.83 -1.45 -1.36
CA GLY A 7 18.22 -0.39 -2.16
C GLY A 7 18.09 -0.76 -3.62
N THR A 8 17.68 -2.00 -3.88
CA THR A 8 17.51 -2.48 -5.25
C THR A 8 16.39 -3.50 -5.34
N GLU A 9 15.46 -3.27 -6.26
CA GLU A 9 14.33 -4.17 -6.44
C GLU A 9 14.61 -5.16 -7.58
N ASP A 10 15.83 -5.67 -7.63
CA ASP A 10 16.22 -6.61 -8.67
C ASP A 10 16.32 -8.03 -8.10
N SER A 11 17.05 -8.16 -6.99
CA SER A 11 17.23 -9.46 -6.35
C SER A 11 16.53 -9.50 -5.00
N LEU A 12 15.28 -9.02 -4.96
CA LEU A 12 14.51 -9.00 -3.73
C LEU A 12 14.29 -10.41 -3.20
N MET A 13 13.72 -10.51 -2.01
CA MET A 13 13.46 -11.80 -1.38
C MET A 13 12.21 -12.44 -1.97
N PRO A 14 12.25 -13.78 -2.15
CA PRO A 14 11.13 -14.54 -2.71
C PRO A 14 9.94 -14.59 -1.76
N GLU A 15 8.94 -15.40 -2.10
CA GLU A 15 7.74 -15.54 -1.29
C GLU A 15 7.86 -16.75 -0.36
N GLU A 16 8.16 -17.91 -0.94
CA GLU A 16 8.30 -19.13 -0.16
C GLU A 16 9.03 -18.86 1.16
N GLU A 17 10.24 -18.32 1.04
CA GLU A 17 11.05 -18.02 2.22
C GLU A 17 10.42 -16.90 3.04
N PHE A 18 10.04 -15.81 2.37
CA PHE A 18 9.42 -14.67 3.03
C PHE A 18 8.46 -15.14 4.12
N LEU A 19 7.42 -15.84 3.72
CA LEU A 19 6.42 -16.34 4.67
C LEU A 19 7.10 -16.96 5.89
N ARG A 20 8.15 -17.73 5.65
CA ARG A 20 8.88 -18.38 6.74
C ARG A 20 9.55 -17.34 7.63
N ARG A 21 9.91 -16.20 7.05
CA ARG A 21 10.56 -15.12 7.79
C ARG A 21 9.53 -14.19 8.42
N ASN A 22 8.81 -13.47 7.57
CA ASN A 22 7.79 -12.53 8.05
C ASN A 22 6.49 -13.27 8.35
N LYS A 23 6.34 -13.69 9.60
CA LYS A 23 5.14 -14.40 10.02
C LYS A 23 3.95 -13.45 10.11
N GLY A 24 4.21 -12.23 10.55
CA GLY A 24 3.16 -11.24 10.68
C GLY A 24 2.17 -11.58 11.78
N PRO A 25 1.01 -10.91 11.78
CA PRO A 25 0.69 -9.90 10.77
C PRO A 25 1.53 -8.64 10.92
N VAL A 26 1.56 -7.83 9.87
CA VAL A 26 2.32 -6.58 9.89
C VAL A 26 1.41 -5.37 10.09
N SER A 27 2.02 -4.23 10.39
CA SER A 27 1.26 -3.00 10.61
C SER A 27 1.66 -1.93 9.59
N ILE A 28 0.79 -1.69 8.62
CA ILE A 28 1.05 -0.69 7.60
C ILE A 28 0.20 0.55 7.80
N LYS A 29 0.81 1.72 7.74
CA LYS A 29 0.10 2.97 7.90
C LYS A 29 -0.25 3.60 6.55
N VAL A 30 -1.53 3.94 6.38
CA VAL A 30 -1.99 4.55 5.15
C VAL A 30 -2.07 6.06 5.27
N GLN A 31 -1.14 6.75 4.61
CA GLN A 31 -1.11 8.21 4.64
C GLN A 31 -2.31 8.80 3.91
N VAL A 32 -3.26 9.33 4.68
CA VAL A 32 -4.46 9.94 4.12
C VAL A 32 -4.31 11.44 3.97
N PRO A 33 -4.19 11.91 2.72
CA PRO A 33 -4.04 13.34 2.41
C PRO A 33 -5.32 14.13 2.70
N ASN A 34 -5.16 15.45 2.85
CA ASN A 34 -6.30 16.31 3.13
C ASN A 34 -6.81 16.97 1.85
N MET A 35 -7.98 16.53 1.39
CA MET A 35 -8.58 17.09 0.18
C MET A 35 -9.60 18.16 0.51
N GLN A 36 -9.20 19.42 0.35
CA GLN A 36 -10.08 20.54 0.63
C GLN A 36 -11.28 20.55 -0.31
N ASP A 37 -11.08 20.02 -1.51
CA ASP A 37 -12.15 19.96 -2.50
C ASP A 37 -13.47 19.55 -1.86
N LYS A 38 -13.39 18.77 -0.79
CA LYS A 38 -14.58 18.32 -0.08
C LYS A 38 -15.38 17.33 -0.93
N THR A 39 -14.67 16.38 -1.55
CA THR A 39 -15.31 15.38 -2.39
C THR A 39 -16.00 14.32 -1.54
N GLU A 40 -16.51 13.28 -2.21
CA GLU A 40 -17.21 12.20 -1.51
C GLU A 40 -16.21 11.19 -0.97
N TRP A 41 -15.04 11.67 -0.55
CA TRP A 41 -14.00 10.80 -0.01
C TRP A 41 -13.60 11.26 1.39
N LYS A 42 -13.54 10.32 2.32
CA LYS A 42 -13.17 10.63 3.70
C LYS A 42 -11.68 10.95 3.80
N LEU A 43 -11.30 12.12 3.28
CA LEU A 43 -9.91 12.56 3.31
C LEU A 43 -9.75 13.82 4.14
N ASN A 44 -9.31 13.65 5.38
CA ASN A 44 -9.12 14.77 6.29
C ASN A 44 -7.79 14.66 7.03
N GLY A 45 -6.69 14.74 6.27
CA GLY A 45 -5.37 14.65 6.88
C GLY A 45 -5.35 13.70 8.07
N GLN A 46 -5.12 12.42 7.80
CA GLN A 46 -5.07 11.41 8.86
C GLN A 46 -4.30 10.18 8.39
N GLY A 47 -4.26 9.16 9.24
CA GLY A 47 -3.56 7.94 8.90
C GLY A 47 -4.34 6.69 9.29
N LEU A 48 -4.52 5.79 8.34
CA LEU A 48 -5.24 4.55 8.59
C LEU A 48 -4.30 3.36 8.63
N VAL A 49 -4.13 2.78 9.82
CA VAL A 49 -3.25 1.63 10.00
C VAL A 49 -4.04 0.33 9.98
N PHE A 50 -3.55 -0.65 9.22
CA PHE A 50 -4.21 -1.94 9.12
C PHE A 50 -3.26 -3.07 9.48
N THR A 51 -3.74 -4.00 10.30
CA THR A 51 -2.93 -5.13 10.74
C THR A 51 -3.48 -6.45 10.19
N LEU A 52 -2.84 -6.96 9.14
CA LEU A 52 -3.27 -8.21 8.52
C LEU A 52 -2.06 -9.05 8.13
N PRO A 53 -2.25 -10.39 8.11
CA PRO A 53 -1.19 -11.33 7.76
C PRO A 53 -0.84 -11.27 6.29
N LEU A 54 0.24 -11.96 5.91
CA LEU A 54 0.69 -11.99 4.52
C LEU A 54 0.23 -13.27 3.83
N THR A 55 -0.99 -13.24 3.30
CA THR A 55 -1.55 -14.39 2.61
C THR A 55 -2.06 -14.00 1.23
N ASP A 56 -2.73 -12.87 1.15
CA ASP A 56 -3.27 -12.38 -0.12
C ASP A 56 -2.38 -11.31 -0.72
N GLN A 57 -2.83 -10.70 -1.81
CA GLN A 57 -2.07 -9.65 -2.48
C GLN A 57 -2.49 -8.28 -2.00
N VAL A 58 -1.80 -7.24 -2.48
CA VAL A 58 -2.11 -5.87 -2.10
C VAL A 58 -3.59 -5.56 -2.30
N SER A 59 -4.25 -6.37 -3.12
CA SER A 59 -5.66 -6.19 -3.40
C SER A 59 -6.48 -6.18 -2.12
N VAL A 60 -5.93 -6.79 -1.07
CA VAL A 60 -6.61 -6.85 0.22
C VAL A 60 -6.38 -5.57 1.02
N ILE A 61 -5.36 -4.81 0.64
CA ILE A 61 -5.04 -3.56 1.32
C ILE A 61 -5.98 -2.44 0.88
N LYS A 62 -6.32 -2.43 -0.41
CA LYS A 62 -7.20 -1.41 -0.95
C LYS A 62 -8.63 -1.62 -0.44
N VAL A 63 -9.13 -2.84 -0.56
CA VAL A 63 -10.48 -3.16 -0.11
C VAL A 63 -10.75 -2.60 1.28
N LYS A 64 -9.69 -2.48 2.08
CA LYS A 64 -9.81 -1.95 3.43
C LYS A 64 -10.10 -0.45 3.41
N ILE A 65 -9.47 0.26 2.49
CA ILE A 65 -9.68 1.70 2.36
C ILE A 65 -11.13 2.02 2.09
N HIS A 66 -11.64 1.56 0.95
CA HIS A 66 -13.03 1.79 0.57
C HIS A 66 -13.97 1.48 1.73
N GLU A 67 -13.56 0.55 2.59
CA GLU A 67 -14.37 0.16 3.74
C GLU A 67 -14.59 1.34 4.68
N ALA A 68 -13.49 1.95 5.14
CA ALA A 68 -13.58 3.09 6.03
C ALA A 68 -13.95 4.35 5.28
N THR A 69 -13.12 4.74 4.31
CA THR A 69 -13.37 5.93 3.51
C THR A 69 -14.21 5.61 2.28
N GLY A 70 -14.90 6.61 1.76
CA GLY A 70 -15.73 6.41 0.59
C GLY A 70 -14.93 6.49 -0.70
N MET A 71 -13.68 6.04 -0.64
CA MET A 71 -12.81 6.05 -1.82
C MET A 71 -12.76 4.68 -2.47
N PRO A 72 -12.90 4.65 -3.80
CA PRO A 72 -12.87 3.41 -4.58
C PRO A 72 -11.47 2.79 -4.63
N ALA A 73 -11.42 1.48 -4.88
CA ALA A 73 -10.14 0.77 -4.95
C ALA A 73 -9.56 0.84 -6.35
N GLY A 74 -9.64 2.01 -6.97
CA GLY A 74 -9.11 2.19 -8.32
C GLY A 74 -8.44 3.52 -8.50
N LYS A 75 -9.18 4.60 -8.28
CA LYS A 75 -8.65 5.95 -8.43
C LYS A 75 -7.42 6.14 -7.55
N GLN A 76 -7.50 5.66 -6.32
CA GLN A 76 -6.38 5.78 -5.38
C GLN A 76 -5.24 4.84 -5.76
N LYS A 77 -4.01 5.31 -5.59
CA LYS A 77 -2.84 4.52 -5.92
C LYS A 77 -1.92 4.36 -4.70
N LEU A 78 -1.71 3.13 -4.27
CA LEU A 78 -0.85 2.86 -3.12
C LEU A 78 0.62 2.81 -3.53
N GLN A 79 1.46 3.51 -2.77
CA GLN A 79 2.89 3.54 -3.05
C GLN A 79 3.69 3.07 -1.85
N TYR A 80 4.76 2.32 -2.12
CA TYR A 80 5.61 1.81 -1.06
C TYR A 80 7.07 1.82 -1.48
N GLU A 81 7.92 2.46 -0.68
CA GLU A 81 9.34 2.56 -0.97
C GLU A 81 9.57 2.96 -2.42
N GLY A 82 8.86 4.00 -2.86
CA GLY A 82 9.01 4.47 -4.23
C GLY A 82 8.57 3.44 -5.25
N ILE A 83 7.60 2.61 -4.86
CA ILE A 83 7.09 1.57 -5.75
C ILE A 83 5.58 1.70 -5.94
N PHE A 84 5.11 1.51 -7.17
CA PHE A 84 3.70 1.61 -7.47
C PHE A 84 3.01 0.26 -7.27
N ILE A 85 3.25 -0.34 -6.11
CA ILE A 85 2.64 -1.63 -5.78
C ILE A 85 1.25 -1.74 -6.37
N LYS A 86 0.98 -2.87 -7.05
CA LYS A 86 -0.32 -3.11 -7.66
C LYS A 86 -1.10 -4.15 -6.87
N ASP A 87 -2.39 -4.30 -7.21
CA ASP A 87 -3.24 -5.27 -6.54
C ASP A 87 -2.85 -6.69 -6.92
N SER A 88 -2.41 -6.88 -8.16
CA SER A 88 -2.00 -8.19 -8.64
C SER A 88 -0.73 -8.66 -7.96
N ASN A 89 0.09 -7.69 -7.52
CA ASN A 89 1.35 -8.01 -6.85
C ASN A 89 1.10 -8.45 -5.41
N SER A 90 1.81 -9.49 -4.98
CA SER A 90 1.67 -10.00 -3.62
C SER A 90 2.48 -9.17 -2.64
N LEU A 91 2.04 -9.17 -1.39
CA LEU A 91 2.73 -8.40 -0.34
C LEU A 91 4.07 -9.04 -0.01
N ALA A 92 4.06 -10.34 0.24
CA ALA A 92 5.28 -11.07 0.57
C ALA A 92 6.37 -10.83 -0.47
N TYR A 93 5.99 -10.96 -1.75
CA TYR A 93 6.92 -10.76 -2.84
C TYR A 93 7.83 -9.56 -2.58
N TYR A 94 7.21 -8.42 -2.29
CA TYR A 94 7.95 -7.19 -2.03
C TYR A 94 8.90 -7.38 -0.84
N ASN A 95 8.45 -8.15 0.14
CA ASN A 95 9.25 -8.41 1.33
C ASN A 95 9.28 -7.19 2.25
N MET A 96 8.10 -6.61 2.48
CA MET A 96 7.99 -5.44 3.35
C MET A 96 8.38 -5.77 4.78
N ALA A 97 8.50 -4.75 5.62
CA ALA A 97 8.86 -4.93 7.01
C ALA A 97 7.78 -4.40 7.95
N SER A 98 7.42 -5.19 8.95
CA SER A 98 6.39 -4.80 9.91
C SER A 98 6.48 -3.31 10.20
N GLY A 99 5.33 -2.71 10.52
CA GLY A 99 5.30 -1.29 10.84
C GLY A 99 5.61 -0.43 9.63
N ALA A 100 5.15 -0.86 8.46
CA ALA A 100 5.38 -0.13 7.22
C ALA A 100 4.44 1.08 7.12
N VAL A 101 4.62 1.87 6.07
CA VAL A 101 3.80 3.05 5.86
C VAL A 101 3.50 3.26 4.38
N ILE A 102 2.27 3.00 3.98
CA ILE A 102 1.86 3.16 2.59
C ILE A 102 1.33 4.56 2.33
N HIS A 103 1.96 5.25 1.39
CA HIS A 103 1.55 6.61 1.04
C HIS A 103 0.39 6.60 0.03
N LEU A 104 -0.67 7.32 0.35
CA LEU A 104 -1.84 7.38 -0.51
C LEU A 104 -1.73 8.56 -1.49
N ALA A 105 -2.14 8.33 -2.73
CA ALA A 105 -2.10 9.36 -3.76
C ALA A 105 -3.11 9.09 -4.86
N LEU A 106 -3.81 10.14 -5.27
CA LEU A 106 -4.82 10.01 -6.33
C LEU A 106 -4.17 9.79 -7.68
N LYS A 107 -4.71 8.85 -8.44
CA LYS A 107 -4.18 8.54 -9.77
C LYS A 107 -4.47 9.67 -10.75
N GLU A 108 -3.48 9.96 -11.59
CA GLU A 108 -3.63 11.03 -12.58
C GLU A 108 -4.51 10.57 -13.74
N ARG A 109 -5.77 10.98 -13.71
CA ARG A 109 -6.72 10.61 -14.75
C ARG A 109 -6.49 11.45 -16.02
N SER A 110 -6.56 10.79 -17.18
CA SER A 110 -6.36 11.47 -18.44
C SER A 110 -7.54 12.38 -18.79
N GLY A 111 -8.74 11.84 -18.61
CA GLY A 111 -9.95 12.61 -18.90
C GLY A 111 -11.16 12.10 -18.17
N PRO A 112 -12.21 12.92 -18.10
CA PRO A 112 -13.46 12.56 -17.42
C PRO A 112 -14.23 11.48 -18.15
N SER A 113 -13.95 10.22 -17.83
CA SER A 113 -14.61 9.08 -18.46
C SER A 113 -16.02 8.91 -17.91
N SER A 114 -16.14 8.84 -16.59
CA SER A 114 -17.42 8.67 -15.94
C SER A 114 -17.99 10.00 -15.49
N GLY A 115 -19.25 10.26 -15.82
CA GLY A 115 -19.89 11.51 -15.44
C GLY A 115 -20.93 11.32 -14.35
N GLY A 1 28.49 4.20 -1.62
CA GLY A 1 27.83 5.39 -1.12
C GLY A 1 26.80 5.93 -2.09
N SER A 2 25.52 5.73 -1.75
CA SER A 2 24.43 6.20 -2.60
C SER A 2 23.92 7.56 -2.13
N SER A 3 23.59 7.64 -0.85
CA SER A 3 23.09 8.89 -0.27
C SER A 3 22.21 9.63 -1.28
N GLY A 4 21.36 8.90 -1.98
CA GLY A 4 20.48 9.50 -2.96
C GLY A 4 19.11 8.85 -2.98
N SER A 5 18.53 8.72 -4.17
CA SER A 5 17.20 8.12 -4.31
C SER A 5 17.32 6.65 -4.72
N SER A 6 16.65 5.78 -3.97
CA SER A 6 16.68 4.35 -4.26
C SER A 6 15.34 3.89 -4.83
N GLY A 7 15.31 2.65 -5.32
CA GLY A 7 14.09 2.10 -5.89
C GLY A 7 14.36 1.12 -7.01
N THR A 8 15.00 0.01 -6.67
CA THR A 8 15.32 -1.01 -7.65
C THR A 8 14.42 -2.24 -7.50
N GLU A 9 14.40 -2.80 -6.29
CA GLU A 9 13.59 -3.98 -6.01
C GLU A 9 14.02 -5.17 -6.87
N ASP A 10 15.33 -5.35 -6.98
CA ASP A 10 15.88 -6.45 -7.78
C ASP A 10 16.42 -7.55 -6.87
N SER A 11 17.21 -7.16 -5.87
CA SER A 11 17.80 -8.12 -4.94
C SER A 11 16.87 -8.36 -3.76
N LEU A 12 15.60 -8.58 -4.06
CA LEU A 12 14.60 -8.83 -3.01
C LEU A 12 14.34 -10.33 -2.86
N MET A 13 14.45 -10.82 -1.62
CA MET A 13 14.24 -12.23 -1.33
C MET A 13 12.98 -12.73 -2.02
N PRO A 14 12.81 -14.06 -2.06
CA PRO A 14 11.65 -14.70 -2.69
C PRO A 14 10.36 -14.47 -1.88
N GLU A 15 9.33 -15.24 -2.20
CA GLU A 15 8.05 -15.12 -1.51
C GLU A 15 7.81 -16.33 -0.61
N GLU A 16 8.21 -17.50 -1.07
CA GLU A 16 8.04 -18.74 -0.31
C GLU A 16 8.79 -18.67 1.01
N GLU A 17 10.12 -18.64 0.92
CA GLU A 17 10.96 -18.57 2.12
C GLU A 17 10.63 -17.33 2.95
N PHE A 18 10.52 -16.19 2.27
CA PHE A 18 10.22 -14.93 2.94
C PHE A 18 9.27 -15.15 4.11
N LEU A 19 8.20 -15.91 3.86
CA LEU A 19 7.21 -16.20 4.89
C LEU A 19 7.84 -16.98 6.04
N ARG A 20 8.64 -17.97 5.70
CA ARG A 20 9.31 -18.80 6.71
C ARG A 20 10.17 -17.95 7.63
N ARG A 21 10.74 -16.89 7.08
CA ARG A 21 11.59 -15.98 7.85
C ARG A 21 10.77 -15.11 8.78
N ASN A 22 10.08 -14.11 8.20
CA ASN A 22 9.26 -13.21 8.98
C ASN A 22 7.95 -13.89 9.39
N LYS A 23 7.28 -13.31 10.39
CA LYS A 23 6.01 -13.85 10.87
C LYS A 23 5.06 -12.73 11.28
N GLY A 24 3.96 -12.61 10.56
CA GLY A 24 2.99 -11.58 10.87
C GLY A 24 2.30 -11.80 12.20
N PRO A 25 1.22 -11.05 12.45
CA PRO A 25 0.71 -10.06 11.50
C PRO A 25 1.63 -8.86 11.36
N VAL A 26 1.23 -7.91 10.53
CA VAL A 26 2.02 -6.70 10.31
C VAL A 26 1.17 -5.45 10.45
N SER A 27 1.77 -4.39 11.00
CA SER A 27 1.07 -3.14 11.19
C SER A 27 1.47 -2.11 10.14
N ILE A 28 0.59 -1.88 9.17
CA ILE A 28 0.86 -0.93 8.10
C ILE A 28 0.05 0.35 8.30
N LYS A 29 0.60 1.47 7.85
CA LYS A 29 -0.06 2.76 7.96
C LYS A 29 -0.39 3.34 6.59
N VAL A 30 -1.64 3.72 6.39
CA VAL A 30 -2.08 4.28 5.12
C VAL A 30 -2.09 5.81 5.17
N GLN A 31 -1.13 6.42 4.48
CA GLN A 31 -1.03 7.87 4.45
C GLN A 31 -2.13 8.48 3.59
N VAL A 32 -3.21 8.91 4.24
CA VAL A 32 -4.34 9.51 3.53
C VAL A 32 -4.13 11.00 3.34
N PRO A 33 -4.04 11.44 2.08
CA PRO A 33 -3.84 12.85 1.74
C PRO A 33 -5.08 13.69 2.04
N ASN A 34 -5.01 14.98 1.70
CA ASN A 34 -6.12 15.89 1.93
C ASN A 34 -6.69 16.39 0.61
N MET A 35 -7.94 16.05 0.34
CA MET A 35 -8.61 16.46 -0.89
C MET A 35 -9.65 17.54 -0.61
N GLN A 36 -9.32 18.78 -0.98
CA GLN A 36 -10.24 19.90 -0.77
C GLN A 36 -11.07 20.17 -2.01
N ASP A 37 -10.86 19.37 -3.05
CA ASP A 37 -11.58 19.53 -4.30
C ASP A 37 -13.01 19.01 -4.16
N LYS A 38 -13.67 19.37 -3.07
CA LYS A 38 -15.03 18.93 -2.82
C LYS A 38 -15.28 17.54 -3.40
N THR A 39 -14.44 16.58 -3.00
CA THR A 39 -14.57 15.21 -3.48
C THR A 39 -15.34 14.35 -2.49
N GLU A 40 -15.91 13.25 -2.97
CA GLU A 40 -16.68 12.34 -2.13
C GLU A 40 -15.76 11.32 -1.47
N TRP A 41 -14.55 11.73 -1.15
CA TRP A 41 -13.57 10.84 -0.52
C TRP A 41 -13.14 11.38 0.84
N LYS A 42 -13.24 10.55 1.86
CA LYS A 42 -12.87 10.93 3.22
C LYS A 42 -11.35 11.12 3.33
N LEU A 43 -10.83 12.15 2.68
CA LEU A 43 -9.41 12.44 2.71
C LEU A 43 -9.13 13.78 3.40
N ASN A 44 -8.72 13.72 4.65
CA ASN A 44 -8.41 14.93 5.41
C ASN A 44 -7.09 14.78 6.17
N GLY A 45 -6.00 14.68 5.42
CA GLY A 45 -4.70 14.54 6.04
C GLY A 45 -4.74 13.71 7.31
N GLN A 46 -4.63 12.40 7.17
CA GLN A 46 -4.66 11.50 8.32
C GLN A 46 -3.96 10.19 7.99
N GLY A 47 -4.01 9.24 8.93
CA GLY A 47 -3.37 7.95 8.73
C GLY A 47 -4.24 6.81 9.20
N LEU A 48 -4.46 5.83 8.32
CA LEU A 48 -5.27 4.67 8.65
C LEU A 48 -4.41 3.41 8.77
N VAL A 49 -4.34 2.86 9.98
CA VAL A 49 -3.55 1.67 10.23
C VAL A 49 -4.42 0.41 10.18
N PHE A 50 -3.87 -0.67 9.64
CA PHE A 50 -4.60 -1.93 9.54
C PHE A 50 -3.67 -3.12 9.81
N THR A 51 -3.99 -3.87 10.86
CA THR A 51 -3.19 -5.02 11.24
C THR A 51 -3.62 -6.26 10.45
N LEU A 52 -2.84 -6.61 9.44
CA LEU A 52 -3.15 -7.77 8.61
C LEU A 52 -1.86 -8.51 8.21
N PRO A 53 -1.92 -9.85 8.26
CA PRO A 53 -0.77 -10.69 7.91
C PRO A 53 -0.46 -10.65 6.42
N LEU A 54 0.76 -11.05 6.06
CA LEU A 54 1.18 -11.06 4.66
C LEU A 54 0.78 -12.36 3.98
N THR A 55 -0.45 -12.40 3.48
CA THR A 55 -0.96 -13.59 2.81
C THR A 55 -1.52 -13.24 1.42
N ASP A 56 -2.46 -12.31 1.40
CA ASP A 56 -3.07 -11.88 0.14
C ASP A 56 -2.22 -10.81 -0.55
N GLN A 57 -2.74 -10.27 -1.64
CA GLN A 57 -2.03 -9.24 -2.38
C GLN A 57 -2.54 -7.85 -2.01
N VAL A 58 -1.85 -6.82 -2.50
CA VAL A 58 -2.24 -5.44 -2.22
C VAL A 58 -3.72 -5.21 -2.48
N SER A 59 -4.32 -6.12 -3.25
CA SER A 59 -5.74 -6.03 -3.57
C SER A 59 -6.60 -5.96 -2.31
N VAL A 60 -6.07 -6.55 -1.23
CA VAL A 60 -6.79 -6.58 0.04
C VAL A 60 -6.63 -5.25 0.78
N ILE A 61 -5.63 -4.48 0.39
CA ILE A 61 -5.37 -3.19 1.01
C ILE A 61 -6.34 -2.13 0.49
N LYS A 62 -6.87 -2.35 -0.71
CA LYS A 62 -7.81 -1.42 -1.31
C LYS A 62 -9.20 -1.58 -0.70
N VAL A 63 -9.65 -2.82 -0.59
CA VAL A 63 -10.97 -3.11 -0.03
C VAL A 63 -11.12 -2.47 1.34
N LYS A 64 -10.03 -2.40 2.08
CA LYS A 64 -10.04 -1.79 3.41
C LYS A 64 -10.32 -0.30 3.34
N ILE A 65 -9.65 0.37 2.41
CA ILE A 65 -9.81 1.81 2.23
C ILE A 65 -11.28 2.16 2.02
N HIS A 66 -11.86 1.70 0.92
CA HIS A 66 -13.26 1.96 0.62
C HIS A 66 -14.14 1.70 1.83
N GLU A 67 -13.72 0.76 2.66
CA GLU A 67 -14.48 0.40 3.86
C GLU A 67 -14.61 1.60 4.79
N ALA A 68 -13.47 2.14 5.21
CA ALA A 68 -13.45 3.29 6.10
C ALA A 68 -13.74 4.58 5.35
N THR A 69 -13.00 4.81 4.27
CA THR A 69 -13.18 6.01 3.46
C THR A 69 -14.01 5.71 2.22
N GLY A 70 -14.65 6.74 1.68
CA GLY A 70 -15.47 6.57 0.49
C GLY A 70 -14.66 6.61 -0.78
N MET A 71 -13.43 6.10 -0.73
CA MET A 71 -12.56 6.08 -1.89
C MET A 71 -12.61 4.72 -2.59
N PRO A 72 -12.82 4.75 -3.91
CA PRO A 72 -12.90 3.52 -4.72
C PRO A 72 -11.55 2.83 -4.85
N ALA A 73 -11.57 1.55 -5.20
CA ALA A 73 -10.35 0.78 -5.36
C ALA A 73 -9.87 0.82 -6.80
N GLY A 74 -9.90 2.02 -7.40
CA GLY A 74 -9.46 2.16 -8.77
C GLY A 74 -8.62 3.42 -8.97
N LYS A 75 -9.20 4.57 -8.68
CA LYS A 75 -8.51 5.85 -8.82
C LYS A 75 -7.30 5.92 -7.90
N GLN A 76 -7.55 5.79 -6.59
CA GLN A 76 -6.50 5.84 -5.60
C GLN A 76 -5.37 4.87 -5.95
N LYS A 77 -4.13 5.33 -5.82
CA LYS A 77 -2.97 4.50 -6.12
C LYS A 77 -2.21 4.14 -4.85
N LEU A 78 -2.06 2.84 -4.61
CA LEU A 78 -1.36 2.36 -3.42
C LEU A 78 0.15 2.30 -3.67
N GLN A 79 0.89 3.14 -2.96
CA GLN A 79 2.34 3.18 -3.10
C GLN A 79 3.03 2.99 -1.76
N TYR A 80 3.84 1.94 -1.65
CA TYR A 80 4.55 1.65 -0.41
C TYR A 80 5.96 2.25 -0.43
N GLU A 81 6.16 3.31 0.35
CA GLU A 81 7.46 3.97 0.42
C GLU A 81 7.96 4.30 -0.98
N GLY A 82 7.07 4.78 -1.84
CA GLY A 82 7.46 5.13 -3.19
C GLY A 82 7.33 3.95 -4.16
N ILE A 83 7.32 2.75 -3.60
CA ILE A 83 7.21 1.54 -4.42
C ILE A 83 5.80 1.41 -5.00
N PHE A 84 5.69 1.59 -6.31
CA PHE A 84 4.40 1.49 -6.99
C PHE A 84 3.92 0.04 -7.04
N ILE A 85 3.30 -0.40 -5.95
CA ILE A 85 2.79 -1.77 -5.87
C ILE A 85 1.38 -1.87 -6.44
N LYS A 86 1.11 -2.97 -7.13
CA LYS A 86 -0.20 -3.19 -7.73
C LYS A 86 -0.96 -4.28 -6.99
N ASP A 87 -2.27 -4.34 -7.21
CA ASP A 87 -3.11 -5.34 -6.56
C ASP A 87 -2.71 -6.75 -6.99
N SER A 88 -2.31 -6.88 -8.25
CA SER A 88 -1.90 -8.18 -8.79
C SER A 88 -0.60 -8.65 -8.15
N ASN A 89 0.17 -7.69 -7.63
CA ASN A 89 1.44 -8.01 -7.00
C ASN A 89 1.25 -8.39 -5.53
N SER A 90 1.83 -9.50 -5.12
CA SER A 90 1.72 -9.98 -3.75
C SER A 90 2.60 -9.15 -2.81
N LEU A 91 2.13 -8.99 -1.57
CA LEU A 91 2.88 -8.22 -0.58
C LEU A 91 4.16 -8.95 -0.17
N ALA A 92 4.03 -10.25 0.10
CA ALA A 92 5.18 -11.05 0.50
C ALA A 92 6.32 -10.92 -0.50
N TYR A 93 5.97 -10.79 -1.79
CA TYR A 93 6.96 -10.66 -2.85
C TYR A 93 7.92 -9.50 -2.55
N TYR A 94 7.35 -8.35 -2.20
CA TYR A 94 8.14 -7.17 -1.90
C TYR A 94 8.94 -7.35 -0.61
N ASN A 95 8.67 -8.46 0.08
CA ASN A 95 9.37 -8.76 1.33
C ASN A 95 9.10 -7.69 2.38
N MET A 96 7.82 -7.35 2.55
CA MET A 96 7.42 -6.34 3.52
C MET A 96 7.52 -6.89 4.94
N ALA A 97 7.75 -5.99 5.91
CA ALA A 97 7.86 -6.39 7.30
C ALA A 97 6.92 -5.57 8.18
N SER A 98 6.70 -6.03 9.41
CA SER A 98 5.82 -5.34 10.34
C SER A 98 6.27 -3.91 10.55
N GLY A 99 5.31 -3.02 10.80
CA GLY A 99 5.63 -1.63 11.02
C GLY A 99 5.89 -0.87 9.73
N ALA A 100 5.23 -1.31 8.66
CA ALA A 100 5.40 -0.67 7.36
C ALA A 100 4.47 0.53 7.22
N VAL A 101 4.59 1.23 6.09
CA VAL A 101 3.77 2.42 5.83
C VAL A 101 3.38 2.50 4.37
N ILE A 102 2.09 2.35 4.09
CA ILE A 102 1.58 2.41 2.73
C ILE A 102 1.17 3.83 2.35
N HIS A 103 1.93 4.44 1.45
CA HIS A 103 1.65 5.80 1.01
C HIS A 103 0.56 5.81 -0.08
N LEU A 104 -0.41 6.69 0.07
CA LEU A 104 -1.50 6.80 -0.89
C LEU A 104 -1.27 7.96 -1.86
N ALA A 105 -1.57 7.74 -3.13
CA ALA A 105 -1.39 8.77 -4.14
C ALA A 105 -2.63 8.88 -5.03
N LEU A 106 -2.87 10.07 -5.55
CA LEU A 106 -4.02 10.31 -6.41
C LEU A 106 -3.72 9.88 -7.84
N LYS A 107 -4.76 9.44 -8.55
CA LYS A 107 -4.60 9.00 -9.94
C LYS A 107 -4.06 10.14 -10.81
N GLU A 108 -2.94 9.88 -11.48
CA GLU A 108 -2.33 10.88 -12.34
C GLU A 108 -3.03 10.94 -13.70
N ARG A 109 -4.03 11.81 -13.79
CA ARG A 109 -4.79 11.96 -15.02
C ARG A 109 -4.79 13.42 -15.49
N SER A 110 -4.56 13.62 -16.79
CA SER A 110 -4.52 14.96 -17.35
C SER A 110 -5.65 15.82 -16.80
N GLY A 111 -6.88 15.35 -16.98
CA GLY A 111 -8.03 16.08 -16.49
C GLY A 111 -9.26 15.21 -16.35
N PRO A 112 -9.41 14.58 -15.18
CA PRO A 112 -10.55 13.69 -14.90
C PRO A 112 -11.87 14.46 -14.77
N SER A 113 -12.96 13.73 -14.62
CA SER A 113 -14.28 14.34 -14.49
C SER A 113 -14.61 14.59 -13.03
N SER A 114 -14.57 15.86 -12.63
CA SER A 114 -14.87 16.25 -11.25
C SER A 114 -15.98 15.38 -10.68
N GLY A 115 -17.07 15.23 -11.43
CA GLY A 115 -18.18 14.43 -10.97
C GLY A 115 -19.52 15.11 -11.19
N GLY A 1 28.21 -9.33 4.20
CA GLY A 1 28.51 -9.00 2.81
C GLY A 1 27.78 -7.75 2.35
N SER A 2 27.99 -7.38 1.08
CA SER A 2 27.35 -6.19 0.52
C SER A 2 27.48 -6.18 -1.00
N SER A 3 26.62 -5.40 -1.64
CA SER A 3 26.64 -5.30 -3.10
C SER A 3 25.92 -4.03 -3.56
N GLY A 4 26.65 -3.17 -4.25
CA GLY A 4 26.07 -1.93 -4.74
C GLY A 4 25.81 -1.97 -6.24
N SER A 5 25.21 -3.04 -6.71
CA SER A 5 24.90 -3.20 -8.12
C SER A 5 23.65 -2.41 -8.51
N SER A 6 23.62 -1.91 -9.74
CA SER A 6 22.48 -1.14 -10.22
C SER A 6 21.26 -2.03 -10.42
N GLY A 7 20.36 -2.02 -9.44
CA GLY A 7 19.16 -2.83 -9.54
C GLY A 7 18.53 -3.08 -8.18
N THR A 8 17.53 -2.26 -7.83
CA THR A 8 16.85 -2.41 -6.55
C THR A 8 15.78 -3.48 -6.62
N GLU A 9 14.82 -3.30 -7.52
CA GLU A 9 13.75 -4.27 -7.68
C GLU A 9 14.06 -5.28 -8.78
N ASP A 10 15.31 -5.78 -8.76
CA ASP A 10 15.74 -6.75 -9.77
C ASP A 10 15.76 -8.15 -9.17
N SER A 11 16.30 -8.28 -7.97
CA SER A 11 16.37 -9.58 -7.30
C SER A 11 15.82 -9.49 -5.88
N LEU A 12 14.50 -9.41 -5.77
CA LEU A 12 13.84 -9.33 -4.47
C LEU A 12 13.49 -10.71 -3.95
N MET A 13 13.94 -11.01 -2.73
CA MET A 13 13.66 -12.30 -2.11
C MET A 13 12.29 -12.83 -2.53
N PRO A 14 12.20 -14.15 -2.72
CA PRO A 14 10.96 -14.81 -3.13
C PRO A 14 9.89 -14.79 -2.02
N GLU A 15 8.84 -15.58 -2.21
CA GLU A 15 7.77 -15.65 -1.23
C GLU A 15 7.98 -16.83 -0.28
N GLU A 16 8.16 -18.01 -0.85
CA GLU A 16 8.38 -19.22 -0.07
C GLU A 16 9.27 -18.93 1.13
N GLU A 17 10.54 -18.65 0.87
CA GLU A 17 11.51 -18.36 1.93
C GLU A 17 10.99 -17.25 2.84
N PHE A 18 10.69 -16.10 2.24
CA PHE A 18 10.20 -14.96 2.99
C PHE A 18 9.26 -15.41 4.11
N LEU A 19 8.12 -15.98 3.72
CA LEU A 19 7.12 -16.45 4.68
C LEU A 19 7.81 -17.21 5.82
N ARG A 20 8.75 -18.07 5.47
CA ARG A 20 9.48 -18.86 6.46
C ARG A 20 10.25 -17.96 7.42
N ARG A 21 10.75 -16.84 6.89
CA ARG A 21 11.52 -15.89 7.69
C ARG A 21 10.59 -15.05 8.56
N ASN A 22 9.52 -14.54 7.95
CA ASN A 22 8.56 -13.71 8.69
C ASN A 22 7.13 -14.22 8.48
N LYS A 23 6.30 -14.06 9.50
CA LYS A 23 4.92 -14.51 9.44
C LYS A 23 3.96 -13.35 9.70
N GLY A 24 4.34 -12.47 10.62
CA GLY A 24 3.51 -11.33 10.95
C GLY A 24 2.75 -11.52 12.24
N PRO A 25 1.58 -10.88 12.35
CA PRO A 25 1.04 -10.04 11.28
C PRO A 25 1.84 -8.74 11.10
N VAL A 26 1.59 -8.05 10.00
CA VAL A 26 2.29 -6.80 9.70
C VAL A 26 1.34 -5.61 9.78
N SER A 27 1.71 -4.62 10.59
CA SER A 27 0.88 -3.43 10.76
C SER A 27 1.35 -2.32 9.83
N ILE A 28 0.51 -1.96 8.87
CA ILE A 28 0.82 -0.92 7.91
C ILE A 28 0.11 0.39 8.28
N LYS A 29 0.51 1.47 7.62
CA LYS A 29 -0.09 2.78 7.86
C LYS A 29 -0.40 3.48 6.55
N VAL A 30 -1.68 3.78 6.33
CA VAL A 30 -2.11 4.46 5.12
C VAL A 30 -2.11 5.97 5.30
N GLN A 31 -1.15 6.64 4.67
CA GLN A 31 -1.05 8.09 4.77
C GLN A 31 -2.10 8.78 3.91
N VAL A 32 -3.25 9.05 4.50
CA VAL A 32 -4.34 9.71 3.78
C VAL A 32 -4.06 11.19 3.60
N PRO A 33 -3.83 11.59 2.33
CA PRO A 33 -3.55 12.99 1.98
C PRO A 33 -4.77 13.89 2.16
N ASN A 34 -4.52 15.16 2.48
CA ASN A 34 -5.60 16.12 2.67
C ASN A 34 -5.96 16.80 1.35
N MET A 35 -6.95 16.25 0.65
CA MET A 35 -7.39 16.80 -0.62
C MET A 35 -8.36 17.96 -0.40
N GLN A 36 -7.83 19.18 -0.43
CA GLN A 36 -8.65 20.37 -0.23
C GLN A 36 -9.80 20.41 -1.23
N ASP A 37 -9.57 19.85 -2.41
CA ASP A 37 -10.59 19.83 -3.46
C ASP A 37 -11.97 19.55 -2.87
N LYS A 38 -12.00 18.78 -1.78
CA LYS A 38 -13.25 18.44 -1.13
C LYS A 38 -14.09 17.52 -1.99
N THR A 39 -13.45 16.50 -2.55
CA THR A 39 -14.14 15.53 -3.40
C THR A 39 -15.00 14.59 -2.58
N GLU A 40 -15.59 13.59 -3.24
CA GLU A 40 -16.43 12.61 -2.56
C GLU A 40 -15.60 11.52 -1.91
N TRP A 41 -14.41 11.89 -1.42
CA TRP A 41 -13.51 10.94 -0.77
C TRP A 41 -13.11 11.44 0.61
N LYS A 42 -13.21 10.57 1.60
CA LYS A 42 -12.85 10.92 2.97
C LYS A 42 -11.36 11.21 3.09
N LEU A 43 -10.95 12.36 2.57
CA LEU A 43 -9.54 12.76 2.61
C LEU A 43 -9.37 14.07 3.39
N ASN A 44 -8.98 13.95 4.65
CA ASN A 44 -8.78 15.12 5.49
C ASN A 44 -7.48 15.01 6.28
N GLY A 45 -6.40 14.69 5.58
CA GLY A 45 -5.11 14.56 6.24
C GLY A 45 -5.17 13.70 7.49
N GLN A 46 -5.01 12.39 7.31
CA GLN A 46 -5.06 11.46 8.44
C GLN A 46 -4.34 10.16 8.09
N GLY A 47 -4.24 9.27 9.07
CA GLY A 47 -3.58 7.99 8.86
C GLY A 47 -4.43 6.82 9.29
N LEU A 48 -4.58 5.84 8.40
CA LEU A 48 -5.37 4.65 8.70
C LEU A 48 -4.49 3.42 8.85
N VAL A 49 -4.45 2.86 10.05
CA VAL A 49 -3.64 1.67 10.31
C VAL A 49 -4.43 0.40 10.05
N PHE A 50 -3.76 -0.59 9.47
CA PHE A 50 -4.40 -1.86 9.16
C PHE A 50 -3.50 -3.04 9.56
N THR A 51 -3.92 -3.76 10.60
CA THR A 51 -3.17 -4.90 11.09
C THR A 51 -3.61 -6.19 10.40
N LEU A 52 -2.78 -6.69 9.50
CA LEU A 52 -3.09 -7.92 8.78
C LEU A 52 -1.82 -8.63 8.35
N PRO A 53 -1.85 -9.97 8.36
CA PRO A 53 -0.70 -10.80 7.97
C PRO A 53 -0.42 -10.73 6.48
N LEU A 54 0.74 -11.25 6.07
CA LEU A 54 1.13 -11.24 4.66
C LEU A 54 0.72 -12.54 3.97
N THR A 55 -0.54 -12.60 3.53
CA THR A 55 -1.04 -13.79 2.85
C THR A 55 -1.69 -13.43 1.53
N ASP A 56 -2.64 -12.50 1.57
CA ASP A 56 -3.34 -12.06 0.36
C ASP A 56 -2.52 -11.04 -0.40
N GLN A 57 -3.10 -10.48 -1.46
CA GLN A 57 -2.42 -9.48 -2.27
C GLN A 57 -2.78 -8.08 -1.82
N VAL A 58 -2.17 -7.08 -2.45
CA VAL A 58 -2.42 -5.68 -2.12
C VAL A 58 -3.91 -5.38 -2.12
N SER A 59 -4.67 -6.16 -2.88
CA SER A 59 -6.10 -5.97 -2.98
C SER A 59 -6.73 -5.83 -1.59
N VAL A 60 -6.36 -6.72 -0.68
CA VAL A 60 -6.88 -6.69 0.69
C VAL A 60 -6.61 -5.35 1.34
N ILE A 61 -5.54 -4.69 0.91
CA ILE A 61 -5.18 -3.39 1.45
C ILE A 61 -6.04 -2.27 0.85
N LYS A 62 -6.43 -2.45 -0.40
CA LYS A 62 -7.27 -1.47 -1.09
C LYS A 62 -8.71 -1.56 -0.63
N VAL A 63 -9.25 -2.78 -0.60
CA VAL A 63 -10.61 -3.01 -0.17
C VAL A 63 -10.90 -2.34 1.17
N LYS A 64 -9.90 -2.36 2.05
CA LYS A 64 -10.04 -1.75 3.37
C LYS A 64 -10.32 -0.26 3.26
N ILE A 65 -9.59 0.41 2.37
CA ILE A 65 -9.76 1.85 2.16
C ILE A 65 -11.22 2.19 1.87
N HIS A 66 -11.70 1.79 0.71
CA HIS A 66 -13.08 2.06 0.31
C HIS A 66 -14.02 1.84 1.49
N GLU A 67 -13.69 0.87 2.35
CA GLU A 67 -14.51 0.57 3.51
C GLU A 67 -14.71 1.81 4.38
N ALA A 68 -13.61 2.35 4.88
CA ALA A 68 -13.66 3.54 5.72
C ALA A 68 -13.96 4.78 4.90
N THR A 69 -13.09 5.08 3.93
CA THR A 69 -13.26 6.24 3.07
C THR A 69 -14.06 5.90 1.83
N GLY A 70 -14.68 6.90 1.23
CA GLY A 70 -15.47 6.69 0.03
C GLY A 70 -14.62 6.63 -1.22
N MET A 71 -13.40 6.13 -1.09
CA MET A 71 -12.48 6.01 -2.22
C MET A 71 -12.50 4.60 -2.79
N PRO A 72 -12.66 4.49 -4.11
CA PRO A 72 -12.70 3.22 -4.82
C PRO A 72 -11.35 2.53 -4.84
N ALA A 73 -11.35 1.20 -4.96
CA ALA A 73 -10.12 0.43 -5.00
C ALA A 73 -9.46 0.50 -6.38
N GLY A 74 -9.44 1.69 -6.96
CA GLY A 74 -8.85 1.86 -8.28
C GLY A 74 -8.01 3.12 -8.37
N LYS A 75 -8.67 4.27 -8.44
CA LYS A 75 -7.98 5.55 -8.52
C LYS A 75 -6.89 5.66 -7.46
N GLN A 76 -7.25 5.29 -6.23
CA GLN A 76 -6.30 5.35 -5.11
C GLN A 76 -4.98 4.69 -5.49
N LYS A 77 -3.92 5.48 -5.52
CA LYS A 77 -2.60 4.99 -5.86
C LYS A 77 -1.78 4.71 -4.60
N LEU A 78 -1.63 3.43 -4.27
CA LEU A 78 -0.87 3.03 -3.09
C LEU A 78 0.63 2.93 -3.41
N GLN A 79 1.41 3.80 -2.79
CA GLN A 79 2.86 3.80 -3.02
C GLN A 79 3.59 3.27 -1.79
N TYR A 80 4.72 2.61 -2.03
CA TYR A 80 5.52 2.05 -0.95
C TYR A 80 7.00 2.05 -1.30
N GLU A 81 7.77 2.89 -0.61
CA GLU A 81 9.20 3.00 -0.85
C GLU A 81 9.48 3.43 -2.29
N GLY A 82 8.75 4.44 -2.75
CA GLY A 82 8.92 4.92 -4.11
C GLY A 82 8.48 3.92 -5.15
N ILE A 83 7.58 3.02 -4.76
CA ILE A 83 7.07 2.00 -5.67
C ILE A 83 5.55 2.03 -5.73
N PHE A 84 5.00 1.68 -6.89
CA PHE A 84 3.56 1.67 -7.09
C PHE A 84 3.01 0.24 -6.98
N ILE A 85 2.74 -0.20 -5.76
CA ILE A 85 2.21 -1.54 -5.52
C ILE A 85 0.78 -1.66 -6.02
N LYS A 86 0.47 -2.80 -6.64
CA LYS A 86 -0.87 -3.04 -7.16
C LYS A 86 -1.40 -4.40 -6.70
N ASP A 87 -2.70 -4.60 -6.83
CA ASP A 87 -3.33 -5.85 -6.43
C ASP A 87 -2.80 -7.01 -7.27
N SER A 88 -2.15 -6.69 -8.37
CA SER A 88 -1.61 -7.71 -9.26
C SER A 88 -0.46 -8.46 -8.59
N ASN A 89 0.31 -7.74 -7.77
CA ASN A 89 1.44 -8.33 -7.07
C ASN A 89 1.17 -8.41 -5.57
N SER A 90 1.47 -9.57 -4.99
CA SER A 90 1.26 -9.78 -3.55
C SER A 90 2.18 -8.88 -2.73
N LEU A 91 1.98 -8.89 -1.42
CA LEU A 91 2.80 -8.09 -0.52
C LEU A 91 4.11 -8.79 -0.18
N ALA A 92 4.00 -9.94 0.47
CA ALA A 92 5.18 -10.72 0.85
C ALA A 92 6.23 -10.69 -0.26
N TYR A 93 5.77 -10.75 -1.51
CA TYR A 93 6.68 -10.74 -2.65
C TYR A 93 7.62 -9.54 -2.59
N TYR A 94 7.06 -8.37 -2.26
CA TYR A 94 7.84 -7.16 -2.17
C TYR A 94 8.74 -7.17 -0.93
N ASN A 95 8.61 -8.23 -0.14
CA ASN A 95 9.41 -8.38 1.08
C ASN A 95 9.09 -7.27 2.08
N MET A 96 7.81 -6.91 2.15
CA MET A 96 7.38 -5.86 3.07
C MET A 96 7.54 -6.30 4.52
N ALA A 97 7.72 -5.33 5.41
CA ALA A 97 7.90 -5.61 6.83
C ALA A 97 6.81 -4.94 7.66
N SER A 98 6.68 -5.39 8.91
CA SER A 98 5.66 -4.84 9.81
C SER A 98 5.87 -3.34 10.00
N GLY A 99 4.92 -2.70 10.68
CA GLY A 99 5.01 -1.28 10.92
C GLY A 99 5.33 -0.49 9.66
N ALA A 100 4.70 -0.87 8.56
CA ALA A 100 4.92 -0.21 7.29
C ALA A 100 3.96 0.97 7.11
N VAL A 101 4.17 1.75 6.05
CA VAL A 101 3.32 2.90 5.77
C VAL A 101 3.09 3.06 4.27
N ILE A 102 1.85 2.87 3.86
CA ILE A 102 1.48 2.99 2.45
C ILE A 102 0.95 4.39 2.14
N HIS A 103 1.71 5.13 1.32
CA HIS A 103 1.31 6.48 0.94
C HIS A 103 0.22 6.45 -0.12
N LEU A 104 -0.82 7.25 0.08
CA LEU A 104 -1.94 7.31 -0.86
C LEU A 104 -1.82 8.54 -1.76
N ALA A 105 -2.08 8.34 -3.05
CA ALA A 105 -2.01 9.43 -4.01
C ALA A 105 -3.07 9.28 -5.10
N LEU A 106 -3.21 10.30 -5.94
CA LEU A 106 -4.18 10.28 -7.02
C LEU A 106 -3.66 9.47 -8.21
N LYS A 107 -4.57 8.83 -8.93
CA LYS A 107 -4.21 8.02 -10.08
C LYS A 107 -3.57 8.89 -11.17
N GLU A 108 -2.36 8.54 -11.58
CA GLU A 108 -1.65 9.28 -12.61
C GLU A 108 -2.12 8.87 -14.00
N ARG A 109 -3.44 8.75 -14.16
CA ARG A 109 -4.02 8.37 -15.45
C ARG A 109 -3.14 7.35 -16.16
N SER A 110 -2.63 6.38 -15.40
CA SER A 110 -1.77 5.35 -15.96
C SER A 110 -2.40 3.96 -15.80
N GLY A 111 -3.21 3.57 -16.78
CA GLY A 111 -3.87 2.28 -16.73
C GLY A 111 -5.33 2.35 -17.10
N PRO A 112 -5.61 2.36 -18.41
CA PRO A 112 -6.98 2.44 -18.93
C PRO A 112 -7.77 1.16 -18.67
N SER A 113 -8.80 1.25 -17.83
CA SER A 113 -9.62 0.10 -17.51
C SER A 113 -11.11 0.47 -17.52
N SER A 114 -11.96 -0.54 -17.39
CA SER A 114 -13.40 -0.32 -17.40
C SER A 114 -13.98 -0.50 -16.00
N GLY A 115 -13.85 -1.71 -15.45
CA GLY A 115 -14.36 -1.98 -14.13
C GLY A 115 -15.75 -2.58 -14.15
N GLY A 1 21.74 -8.01 14.95
CA GLY A 1 22.50 -9.01 14.22
C GLY A 1 22.28 -8.93 12.73
N SER A 2 22.80 -7.86 12.12
CA SER A 2 22.65 -7.67 10.67
C SER A 2 24.00 -7.35 10.03
N SER A 3 24.57 -8.35 9.36
CA SER A 3 25.85 -8.20 8.70
C SER A 3 25.68 -8.07 7.19
N GLY A 4 25.79 -6.85 6.68
CA GLY A 4 25.63 -6.63 5.25
C GLY A 4 24.22 -6.87 4.77
N SER A 5 23.39 -5.84 4.82
CA SER A 5 22.00 -5.94 4.39
C SER A 5 21.89 -5.86 2.87
N SER A 6 21.11 -6.76 2.29
CA SER A 6 20.92 -6.80 0.84
C SER A 6 19.51 -6.36 0.47
N GLY A 7 19.41 -5.56 -0.59
CA GLY A 7 18.12 -5.07 -1.04
C GLY A 7 18.17 -4.50 -2.44
N THR A 8 17.63 -5.25 -3.40
CA THR A 8 17.61 -4.81 -4.79
C THR A 8 16.41 -5.38 -5.53
N GLU A 9 15.65 -4.51 -6.18
CA GLU A 9 14.47 -4.93 -6.94
C GLU A 9 14.82 -6.07 -7.88
N ASP A 10 15.98 -5.99 -8.51
CA ASP A 10 16.42 -7.03 -9.45
C ASP A 10 16.63 -8.35 -8.72
N SER A 11 17.18 -8.28 -7.52
CA SER A 11 17.45 -9.48 -6.72
C SER A 11 16.69 -9.43 -5.41
N LEU A 12 15.37 -9.47 -5.48
CA LEU A 12 14.53 -9.43 -4.29
C LEU A 12 14.34 -10.83 -3.71
N MET A 13 13.77 -10.89 -2.51
CA MET A 13 13.53 -12.17 -1.85
C MET A 13 12.19 -12.76 -2.28
N PRO A 14 12.15 -14.08 -2.46
CA PRO A 14 10.94 -14.80 -2.87
C PRO A 14 9.88 -14.82 -1.77
N GLU A 15 8.82 -15.59 -2.00
CA GLU A 15 7.74 -15.69 -1.02
C GLU A 15 8.00 -16.83 -0.05
N GLU A 16 8.24 -18.03 -0.59
CA GLU A 16 8.51 -19.20 0.24
C GLU A 16 9.35 -18.82 1.46
N GLU A 17 10.58 -18.39 1.22
CA GLU A 17 11.48 -18.01 2.29
C GLU A 17 10.91 -16.84 3.08
N PHE A 18 10.48 -15.80 2.37
CA PHE A 18 9.92 -14.61 3.00
C PHE A 18 9.04 -14.99 4.19
N LEU A 19 7.98 -15.75 3.91
CA LEU A 19 7.05 -16.18 4.95
C LEU A 19 7.81 -16.69 6.17
N ARG A 20 8.97 -17.30 5.93
CA ARG A 20 9.80 -17.84 7.01
C ARG A 20 10.39 -16.71 7.85
N ARG A 21 10.73 -15.61 7.19
CA ARG A 21 11.30 -14.46 7.88
C ARG A 21 10.21 -13.55 8.44
N ASN A 22 9.33 -13.09 7.57
CA ASN A 22 8.23 -12.22 7.98
C ASN A 22 6.91 -12.98 8.03
N LYS A 23 6.74 -13.76 9.09
CA LYS A 23 5.52 -14.55 9.27
C LYS A 23 4.29 -13.63 9.34
N GLY A 24 4.48 -12.46 9.92
CA GLY A 24 3.37 -11.51 10.04
C GLY A 24 2.50 -11.80 11.24
N PRO A 25 1.36 -11.09 11.34
CA PRO A 25 0.97 -10.09 10.34
C PRO A 25 1.87 -8.85 10.38
N VAL A 26 1.81 -8.05 9.32
CA VAL A 26 2.62 -6.84 9.23
C VAL A 26 1.76 -5.60 9.44
N SER A 27 2.21 -4.72 10.32
CA SER A 27 1.49 -3.48 10.62
C SER A 27 1.92 -2.36 9.68
N ILE A 28 1.06 -2.02 8.74
CA ILE A 28 1.35 -0.95 7.79
C ILE A 28 0.46 0.26 8.02
N LYS A 29 1.06 1.44 8.01
CA LYS A 29 0.32 2.68 8.22
C LYS A 29 -0.01 3.35 6.89
N VAL A 30 -1.31 3.53 6.62
CA VAL A 30 -1.75 4.16 5.39
C VAL A 30 -1.95 5.66 5.56
N GLN A 31 -1.04 6.44 5.00
CA GLN A 31 -1.11 7.90 5.10
C GLN A 31 -2.01 8.47 4.01
N VAL A 32 -3.26 8.79 4.38
CA VAL A 32 -4.22 9.35 3.44
C VAL A 32 -4.06 10.87 3.34
N PRO A 33 -3.84 11.36 2.11
CA PRO A 33 -3.68 12.79 1.86
C PRO A 33 -4.98 13.56 2.03
N ASN A 34 -4.92 14.87 1.78
CA ASN A 34 -6.10 15.72 1.92
C ASN A 34 -6.43 16.41 0.60
N MET A 35 -7.62 16.15 0.08
CA MET A 35 -8.06 16.75 -1.19
C MET A 35 -9.05 17.87 -0.93
N GLN A 36 -8.55 19.11 -0.91
CA GLN A 36 -9.41 20.27 -0.68
C GLN A 36 -9.88 20.87 -2.00
N ASP A 37 -8.98 20.90 -2.98
CA ASP A 37 -9.30 21.45 -4.29
C ASP A 37 -10.71 21.05 -4.72
N LYS A 38 -10.88 19.77 -5.03
CA LYS A 38 -12.18 19.26 -5.45
C LYS A 38 -12.15 17.73 -5.57
N THR A 39 -13.05 17.07 -4.85
CA THR A 39 -13.13 15.62 -4.87
C THR A 39 -14.31 15.12 -4.07
N GLU A 40 -14.77 13.90 -4.37
CA GLU A 40 -15.90 13.31 -3.67
C GLU A 40 -15.45 12.13 -2.81
N TRP A 41 -14.34 12.32 -2.09
CA TRP A 41 -13.80 11.29 -1.23
C TRP A 41 -13.45 11.85 0.15
N LYS A 42 -13.17 10.96 1.09
CA LYS A 42 -12.82 11.37 2.45
C LYS A 42 -11.31 11.50 2.61
N LEU A 43 -10.76 12.62 2.14
CA LEU A 43 -9.33 12.86 2.23
C LEU A 43 -9.04 14.14 3.02
N ASN A 44 -8.73 13.99 4.29
CA ASN A 44 -8.43 15.13 5.15
C ASN A 44 -7.19 14.87 6.00
N GLY A 45 -6.09 14.51 5.33
CA GLY A 45 -4.86 14.24 6.04
C GLY A 45 -5.07 13.40 7.28
N GLN A 46 -5.05 12.09 7.12
CA GLN A 46 -5.24 11.16 8.23
C GLN A 46 -4.40 9.90 8.07
N GLY A 47 -4.29 9.13 9.14
CA GLY A 47 -3.50 7.91 9.08
C GLY A 47 -4.26 6.71 9.60
N LEU A 48 -4.30 5.64 8.82
CA LEU A 48 -5.01 4.42 9.20
C LEU A 48 -4.03 3.27 9.39
N VAL A 49 -4.46 2.26 10.14
CA VAL A 49 -3.62 1.09 10.40
C VAL A 49 -4.43 -0.20 10.25
N PHE A 50 -3.80 -1.22 9.66
CA PHE A 50 -4.45 -2.50 9.47
C PHE A 50 -3.45 -3.65 9.60
N THR A 51 -3.68 -4.52 10.57
CA THR A 51 -2.80 -5.66 10.81
C THR A 51 -3.34 -6.91 10.13
N LEU A 52 -2.75 -7.27 8.99
CA LEU A 52 -3.16 -8.45 8.24
C LEU A 52 -1.95 -9.24 7.76
N PRO A 53 -2.08 -10.57 7.76
CA PRO A 53 -1.02 -11.48 7.33
C PRO A 53 -0.77 -11.40 5.83
N LEU A 54 0.34 -11.99 5.38
CA LEU A 54 0.69 -11.99 3.96
C LEU A 54 0.21 -13.26 3.28
N THR A 55 -1.05 -13.27 2.84
CA THR A 55 -1.62 -14.43 2.18
C THR A 55 -2.25 -14.04 0.85
N ASP A 56 -3.07 -13.00 0.87
CA ASP A 56 -3.74 -12.53 -0.34
C ASP A 56 -2.91 -11.45 -1.03
N GLN A 57 -3.47 -10.86 -2.08
CA GLN A 57 -2.79 -9.82 -2.83
C GLN A 57 -2.93 -8.47 -2.14
N VAL A 58 -2.44 -7.42 -2.78
CA VAL A 58 -2.51 -6.07 -2.23
C VAL A 58 -3.92 -5.51 -2.35
N SER A 59 -4.76 -6.19 -3.13
CA SER A 59 -6.14 -5.75 -3.33
C SER A 59 -6.89 -5.69 -2.01
N VAL A 60 -6.78 -6.76 -1.22
CA VAL A 60 -7.43 -6.82 0.08
C VAL A 60 -7.25 -5.53 0.86
N ILE A 61 -6.23 -4.77 0.50
CA ILE A 61 -5.94 -3.50 1.16
C ILE A 61 -6.74 -2.36 0.54
N LYS A 62 -6.86 -2.39 -0.78
CA LYS A 62 -7.60 -1.35 -1.50
C LYS A 62 -9.06 -1.31 -1.05
N VAL A 63 -9.59 -2.48 -0.70
CA VAL A 63 -10.98 -2.57 -0.25
C VAL A 63 -11.16 -1.89 1.11
N LYS A 64 -10.19 -2.07 1.99
CA LYS A 64 -10.24 -1.48 3.33
C LYS A 64 -10.45 0.03 3.23
N ILE A 65 -9.58 0.70 2.48
CA ILE A 65 -9.68 2.15 2.33
C ILE A 65 -11.09 2.57 1.95
N HIS A 66 -11.56 2.09 0.79
CA HIS A 66 -12.89 2.41 0.32
C HIS A 66 -13.93 2.22 1.43
N GLU A 67 -13.62 1.34 2.37
CA GLU A 67 -14.51 1.06 3.50
C GLU A 67 -14.70 2.31 4.36
N ALA A 68 -13.61 2.76 4.97
CA ALA A 68 -13.65 3.93 5.83
C ALA A 68 -13.88 5.20 5.01
N THR A 69 -13.08 5.39 3.96
CA THR A 69 -13.22 6.56 3.11
C THR A 69 -14.03 6.25 1.86
N GLY A 70 -14.62 7.29 1.27
CA GLY A 70 -15.43 7.09 0.08
C GLY A 70 -14.58 7.03 -1.18
N MET A 71 -13.38 6.47 -1.06
CA MET A 71 -12.48 6.34 -2.19
C MET A 71 -12.59 4.95 -2.83
N PRO A 72 -12.73 4.92 -4.16
CA PRO A 72 -12.85 3.66 -4.91
C PRO A 72 -11.55 2.87 -4.92
N ALA A 73 -11.67 1.55 -4.96
CA ALA A 73 -10.51 0.67 -4.99
C ALA A 73 -9.94 0.56 -6.39
N GLY A 74 -9.78 1.70 -7.06
CA GLY A 74 -9.24 1.72 -8.40
C GLY A 74 -8.45 2.97 -8.70
N LYS A 75 -9.06 4.13 -8.46
CA LYS A 75 -8.41 5.41 -8.71
C LYS A 75 -7.18 5.57 -7.80
N GLN A 76 -7.38 5.34 -6.51
CA GLN A 76 -6.29 5.47 -5.54
C GLN A 76 -5.15 4.53 -5.88
N LYS A 77 -3.94 4.92 -5.53
CA LYS A 77 -2.75 4.10 -5.79
C LYS A 77 -1.92 3.93 -4.53
N LEU A 78 -1.53 2.68 -4.26
CA LEU A 78 -0.73 2.37 -3.08
C LEU A 78 0.76 2.40 -3.41
N GLN A 79 1.55 2.96 -2.49
CA GLN A 79 2.99 3.04 -2.69
C GLN A 79 3.73 2.61 -1.43
N TYR A 80 4.60 1.62 -1.57
CA TYR A 80 5.38 1.11 -0.45
C TYR A 80 6.86 1.43 -0.61
N GLU A 81 7.32 2.45 0.12
CA GLU A 81 8.71 2.86 0.05
C GLU A 81 9.07 3.36 -1.34
N GLY A 82 8.08 3.90 -2.04
CA GLY A 82 8.30 4.41 -3.38
C GLY A 82 7.80 3.46 -4.45
N ILE A 83 7.78 2.17 -4.14
CA ILE A 83 7.32 1.16 -5.08
C ILE A 83 5.80 1.17 -5.20
N PHE A 84 5.29 0.90 -6.39
CA PHE A 84 3.86 0.88 -6.63
C PHE A 84 3.31 -0.54 -6.53
N ILE A 85 2.95 -0.94 -5.31
CA ILE A 85 2.40 -2.27 -5.08
C ILE A 85 1.01 -2.41 -5.68
N LYS A 86 0.91 -3.10 -6.80
CA LYS A 86 -0.36 -3.32 -7.48
C LYS A 86 -1.12 -4.48 -6.84
N ASP A 87 -2.42 -4.56 -7.12
CA ASP A 87 -3.25 -5.62 -6.58
C ASP A 87 -2.94 -6.95 -7.25
N SER A 88 -2.30 -6.89 -8.42
CA SER A 88 -1.94 -8.09 -9.17
C SER A 88 -0.80 -8.83 -8.49
N ASN A 89 0.09 -8.08 -7.83
CA ASN A 89 1.23 -8.66 -7.14
C ASN A 89 0.95 -8.80 -5.65
N SER A 90 1.40 -9.91 -5.07
CA SER A 90 1.19 -10.17 -3.65
C SER A 90 2.14 -9.32 -2.80
N LEU A 91 1.83 -9.21 -1.52
CA LEU A 91 2.65 -8.43 -0.60
C LEU A 91 3.92 -9.19 -0.22
N ALA A 92 3.75 -10.42 0.27
CA ALA A 92 4.87 -11.25 0.66
C ALA A 92 6.01 -11.15 -0.36
N TYR A 93 5.65 -11.17 -1.64
CA TYR A 93 6.64 -11.09 -2.71
C TYR A 93 7.54 -9.87 -2.53
N TYR A 94 6.93 -8.71 -2.32
CA TYR A 94 7.68 -7.48 -2.14
C TYR A 94 8.56 -7.56 -0.89
N ASN A 95 8.28 -8.54 -0.04
CA ASN A 95 9.04 -8.72 1.18
C ASN A 95 8.79 -7.59 2.17
N MET A 96 7.51 -7.37 2.49
CA MET A 96 7.12 -6.32 3.42
C MET A 96 7.34 -6.77 4.86
N ALA A 97 7.75 -5.83 5.72
CA ALA A 97 7.99 -6.12 7.13
C ALA A 97 6.99 -5.38 8.02
N SER A 98 6.69 -5.97 9.17
CA SER A 98 5.75 -5.37 10.11
C SER A 98 6.19 -3.95 10.47
N GLY A 99 5.20 -3.08 10.67
CA GLY A 99 5.50 -1.70 11.02
C GLY A 99 5.93 -0.88 9.82
N ALA A 100 5.33 -1.16 8.66
CA ALA A 100 5.65 -0.45 7.44
C ALA A 100 4.72 0.75 7.24
N VAL A 101 4.95 1.50 6.18
CA VAL A 101 4.14 2.68 5.88
C VAL A 101 3.73 2.71 4.41
N ILE A 102 2.43 2.73 4.16
CA ILE A 102 1.91 2.77 2.80
C ILE A 102 1.40 4.16 2.44
N HIS A 103 2.18 4.89 1.64
CA HIS A 103 1.81 6.23 1.22
C HIS A 103 0.64 6.18 0.24
N LEU A 104 -0.49 6.73 0.65
CA LEU A 104 -1.69 6.75 -0.19
C LEU A 104 -1.67 7.97 -1.12
N ALA A 105 -2.15 7.78 -2.34
CA ALA A 105 -2.19 8.85 -3.32
C ALA A 105 -3.27 8.59 -4.38
N LEU A 106 -3.37 9.50 -5.35
CA LEU A 106 -4.36 9.36 -6.41
C LEU A 106 -3.68 9.16 -7.75
N LYS A 107 -4.16 8.17 -8.51
CA LYS A 107 -3.60 7.87 -9.82
C LYS A 107 -3.66 9.09 -10.73
N GLU A 108 -2.57 9.33 -11.46
CA GLU A 108 -2.49 10.47 -12.37
C GLU A 108 -3.76 10.57 -13.21
N ARG A 109 -4.73 11.34 -12.72
CA ARG A 109 -5.99 11.53 -13.42
C ARG A 109 -6.38 13.00 -13.45
N SER A 110 -7.48 13.30 -14.14
CA SER A 110 -7.95 14.67 -14.26
C SER A 110 -9.43 14.70 -14.65
N GLY A 111 -10.06 15.87 -14.48
CA GLY A 111 -11.46 16.01 -14.82
C GLY A 111 -12.18 17.00 -13.93
N PRO A 112 -12.08 18.29 -14.28
CA PRO A 112 -12.72 19.38 -13.52
C PRO A 112 -14.24 19.35 -13.64
N SER A 113 -14.89 20.17 -12.83
CA SER A 113 -16.35 20.25 -12.84
C SER A 113 -16.82 21.69 -12.85
N SER A 114 -18.14 21.88 -12.93
CA SER A 114 -18.71 23.23 -12.95
C SER A 114 -20.12 23.21 -12.37
N GLY A 115 -20.63 24.40 -12.04
CA GLY A 115 -21.97 24.50 -11.48
C GLY A 115 -22.17 25.79 -10.71
N GLY A 1 23.23 -9.47 17.63
CA GLY A 1 22.25 -10.41 17.12
C GLY A 1 20.83 -9.89 17.23
N SER A 2 20.62 -8.65 16.78
CA SER A 2 19.30 -8.03 16.84
C SER A 2 18.59 -8.14 15.50
N SER A 3 17.35 -7.65 15.44
CA SER A 3 16.56 -7.70 14.21
C SER A 3 17.24 -6.90 13.11
N GLY A 4 17.35 -7.51 11.92
CA GLY A 4 17.96 -6.84 10.79
C GLY A 4 16.95 -6.18 9.89
N SER A 5 17.37 -5.10 9.22
CA SER A 5 16.49 -4.38 8.33
C SER A 5 16.41 -5.07 6.97
N SER A 6 15.24 -4.98 6.34
CA SER A 6 15.03 -5.61 5.04
C SER A 6 16.25 -5.40 4.14
N GLY A 7 16.37 -6.25 3.12
CA GLY A 7 17.48 -6.16 2.20
C GLY A 7 17.40 -4.94 1.31
N THR A 8 16.96 -5.12 0.08
CA THR A 8 16.84 -4.01 -0.86
C THR A 8 16.11 -4.45 -2.13
N GLU A 9 15.46 -3.49 -2.79
CA GLU A 9 14.72 -3.78 -4.01
C GLU A 9 15.58 -4.56 -5.00
N ASP A 10 16.82 -4.12 -5.17
CA ASP A 10 17.74 -4.78 -6.08
C ASP A 10 17.89 -6.25 -5.75
N SER A 11 18.08 -6.55 -4.46
CA SER A 11 18.23 -7.93 -4.01
C SER A 11 17.19 -8.27 -2.95
N LEU A 12 15.95 -8.43 -3.39
CA LEU A 12 14.86 -8.76 -2.47
C LEU A 12 14.82 -10.26 -2.18
N MET A 13 14.00 -10.65 -1.21
CA MET A 13 13.87 -12.06 -0.85
C MET A 13 12.74 -12.72 -1.62
N PRO A 14 12.75 -14.06 -1.65
CA PRO A 14 11.73 -14.84 -2.36
C PRO A 14 10.37 -14.77 -1.67
N GLU A 15 9.44 -15.59 -2.13
CA GLU A 15 8.09 -15.62 -1.56
C GLU A 15 7.96 -16.74 -0.53
N GLU A 16 8.50 -17.90 -0.86
CA GLU A 16 8.45 -19.06 0.03
C GLU A 16 9.18 -18.77 1.33
N GLU A 17 10.36 -18.16 1.22
CA GLU A 17 11.16 -17.84 2.39
C GLU A 17 10.54 -16.67 3.16
N PHE A 18 10.27 -15.57 2.47
CA PHE A 18 9.68 -14.40 3.09
C PHE A 18 8.69 -14.79 4.17
N LEU A 19 7.64 -15.50 3.78
CA LEU A 19 6.61 -15.93 4.72
C LEU A 19 7.24 -16.53 5.97
N ARG A 20 8.34 -17.26 5.79
CA ARG A 20 9.04 -17.88 6.91
C ARG A 20 9.56 -16.83 7.88
N ARG A 21 9.95 -15.68 7.34
CA ARG A 21 10.47 -14.59 8.15
C ARG A 21 9.34 -13.70 8.65
N ASN A 22 8.65 -13.05 7.72
CA ASN A 22 7.54 -12.17 8.08
C ASN A 22 6.21 -12.91 8.00
N LYS A 23 5.81 -13.52 9.10
CA LYS A 23 4.55 -14.26 9.16
C LYS A 23 3.36 -13.31 9.30
N GLY A 24 3.54 -12.27 10.12
CA GLY A 24 2.48 -11.30 10.33
C GLY A 24 1.69 -11.57 11.59
N PRO A 25 0.66 -10.75 11.84
CA PRO A 25 0.30 -9.65 10.96
C PRO A 25 1.33 -8.52 10.98
N VAL A 26 1.23 -7.61 10.01
CA VAL A 26 2.15 -6.47 9.93
C VAL A 26 1.41 -5.16 10.06
N SER A 27 1.88 -4.32 10.98
CA SER A 27 1.25 -3.02 11.21
C SER A 27 1.65 -2.02 10.13
N ILE A 28 0.73 -1.75 9.21
CA ILE A 28 0.98 -0.81 8.12
C ILE A 28 0.20 0.48 8.32
N LYS A 29 0.88 1.61 8.13
CA LYS A 29 0.25 2.92 8.27
C LYS A 29 -0.09 3.53 6.91
N VAL A 30 -1.36 3.84 6.72
CA VAL A 30 -1.83 4.42 5.47
C VAL A 30 -1.88 5.94 5.55
N GLN A 31 -0.95 6.60 4.89
CA GLN A 31 -0.89 8.06 4.89
C GLN A 31 -2.03 8.65 4.07
N VAL A 32 -3.03 9.21 4.74
CA VAL A 32 -4.17 9.81 4.07
C VAL A 32 -3.96 11.31 3.86
N PRO A 33 -3.75 11.69 2.60
CA PRO A 33 -3.53 13.10 2.23
C PRO A 33 -4.80 13.94 2.38
N ASN A 34 -4.61 15.21 2.70
CA ASN A 34 -5.74 16.13 2.87
C ASN A 34 -6.11 16.81 1.55
N MET A 35 -7.30 16.49 1.05
CA MET A 35 -7.77 17.07 -0.20
C MET A 35 -8.77 18.20 0.05
N GLN A 36 -8.29 19.44 -0.01
CA GLN A 36 -9.14 20.59 0.21
C GLN A 36 -10.32 20.61 -0.76
N ASP A 37 -10.07 20.14 -1.99
CA ASP A 37 -11.10 20.09 -3.01
C ASP A 37 -12.46 19.73 -2.40
N LYS A 38 -12.43 18.87 -1.39
CA LYS A 38 -13.65 18.43 -0.73
C LYS A 38 -14.44 17.47 -1.60
N THR A 39 -13.73 16.54 -2.24
CA THR A 39 -14.36 15.55 -3.11
C THR A 39 -15.16 14.54 -2.30
N GLU A 40 -15.69 13.52 -2.99
CA GLU A 40 -16.48 12.49 -2.33
C GLU A 40 -15.57 11.43 -1.71
N TRP A 41 -14.43 11.86 -1.20
CA TRP A 41 -13.47 10.95 -0.58
C TRP A 41 -13.12 11.39 0.83
N LYS A 42 -13.13 10.45 1.77
CA LYS A 42 -12.82 10.75 3.16
C LYS A 42 -11.35 11.11 3.32
N LEU A 43 -10.97 12.27 2.80
CA LEU A 43 -9.59 12.74 2.89
C LEU A 43 -9.50 14.02 3.71
N ASN A 44 -9.07 13.89 4.96
CA ASN A 44 -8.93 15.04 5.85
C ASN A 44 -7.61 14.99 6.61
N GLY A 45 -6.53 14.72 5.89
CA GLY A 45 -5.22 14.65 6.51
C GLY A 45 -5.22 13.79 7.75
N GLN A 46 -4.98 12.49 7.57
CA GLN A 46 -4.95 11.56 8.68
C GLN A 46 -4.22 10.27 8.31
N GLY A 47 -4.22 9.30 9.21
CA GLY A 47 -3.56 8.03 8.95
C GLY A 47 -4.37 6.84 9.40
N LEU A 48 -4.46 5.83 8.56
CA LEU A 48 -5.22 4.62 8.87
C LEU A 48 -4.31 3.41 8.92
N VAL A 49 -4.30 2.71 10.06
CA VAL A 49 -3.48 1.52 10.23
C VAL A 49 -4.33 0.26 10.21
N PHE A 50 -3.79 -0.79 9.60
CA PHE A 50 -4.50 -2.06 9.51
C PHE A 50 -3.54 -3.24 9.66
N THR A 51 -3.85 -4.16 10.57
CA THR A 51 -3.02 -5.32 10.80
C THR A 51 -3.46 -6.51 9.95
N LEU A 52 -2.63 -6.87 8.98
CA LEU A 52 -2.95 -7.98 8.09
C LEU A 52 -1.69 -8.77 7.73
N PRO A 53 -1.76 -10.11 7.84
CA PRO A 53 -0.64 -10.99 7.53
C PRO A 53 -0.33 -11.03 6.05
N LEU A 54 0.79 -11.65 5.69
CA LEU A 54 1.20 -11.77 4.29
C LEU A 54 0.70 -13.07 3.69
N THR A 55 -0.53 -13.06 3.21
CA THR A 55 -1.13 -14.25 2.60
C THR A 55 -1.69 -13.93 1.22
N ASP A 56 -2.68 -13.04 1.18
CA ASP A 56 -3.31 -12.65 -0.07
C ASP A 56 -2.51 -11.55 -0.76
N GLN A 57 -3.04 -11.04 -1.87
CA GLN A 57 -2.38 -9.99 -2.62
C GLN A 57 -2.63 -8.62 -1.98
N VAL A 58 -2.17 -7.57 -2.65
CA VAL A 58 -2.34 -6.22 -2.15
C VAL A 58 -3.80 -5.79 -2.22
N SER A 59 -4.59 -6.52 -2.98
CA SER A 59 -6.01 -6.22 -3.14
C SER A 59 -6.69 -6.09 -1.77
N VAL A 60 -6.43 -7.05 -0.89
CA VAL A 60 -7.00 -7.04 0.44
C VAL A 60 -6.68 -5.74 1.17
N ILE A 61 -5.63 -5.07 0.73
CA ILE A 61 -5.21 -3.81 1.34
C ILE A 61 -6.05 -2.65 0.81
N LYS A 62 -6.39 -2.70 -0.46
CA LYS A 62 -7.19 -1.65 -1.09
C LYS A 62 -8.64 -1.72 -0.61
N VAL A 63 -9.24 -2.90 -0.70
CA VAL A 63 -10.62 -3.08 -0.27
C VAL A 63 -10.87 -2.42 1.07
N LYS A 64 -9.89 -2.47 1.96
CA LYS A 64 -10.00 -1.87 3.28
C LYS A 64 -10.27 -0.38 3.17
N ILE A 65 -9.41 0.34 2.47
CA ILE A 65 -9.56 1.78 2.29
C ILE A 65 -11.01 2.14 1.97
N HIS A 66 -11.48 1.68 0.81
CA HIS A 66 -12.85 1.96 0.39
C HIS A 66 -13.83 1.73 1.55
N GLU A 67 -13.50 0.79 2.42
CA GLU A 67 -14.35 0.47 3.55
C GLU A 67 -14.56 1.70 4.44
N ALA A 68 -13.46 2.22 4.97
CA ALA A 68 -13.52 3.40 5.83
C ALA A 68 -13.78 4.67 5.02
N THR A 69 -12.93 4.92 4.03
CA THR A 69 -13.07 6.09 3.17
C THR A 69 -13.87 5.76 1.92
N GLY A 70 -14.49 6.79 1.35
CA GLY A 70 -15.28 6.59 0.15
C GLY A 70 -14.44 6.63 -1.12
N MET A 71 -13.18 6.21 -1.01
CA MET A 71 -12.27 6.20 -2.13
C MET A 71 -12.27 4.84 -2.82
N PRO A 72 -12.36 4.85 -4.16
CA PRO A 72 -12.37 3.62 -4.96
C PRO A 72 -11.02 2.90 -4.96
N ALA A 73 -11.04 1.58 -5.06
CA ALA A 73 -9.82 0.79 -5.08
C ALA A 73 -9.16 0.83 -6.45
N GLY A 74 -9.01 2.03 -7.00
CA GLY A 74 -8.39 2.18 -8.30
C GLY A 74 -7.74 3.54 -8.48
N LYS A 75 -8.57 4.57 -8.66
CA LYS A 75 -8.07 5.93 -8.84
C LYS A 75 -6.89 6.21 -7.91
N GLN A 76 -7.00 5.72 -6.68
CA GLN A 76 -5.93 5.92 -5.69
C GLN A 76 -4.67 5.16 -6.10
N LYS A 77 -3.53 5.59 -5.57
CA LYS A 77 -2.26 4.96 -5.86
C LYS A 77 -1.47 4.68 -4.58
N LEU A 78 -1.41 3.43 -4.18
CA LEU A 78 -0.69 3.04 -2.97
C LEU A 78 0.81 2.95 -3.24
N GLN A 79 1.56 3.92 -2.72
CA GLN A 79 3.00 3.94 -2.90
C GLN A 79 3.72 3.43 -1.65
N TYR A 80 4.36 2.27 -1.78
CA TYR A 80 5.08 1.67 -0.67
C TYR A 80 6.57 2.03 -0.72
N GLU A 81 6.99 2.89 0.19
CA GLU A 81 8.39 3.32 0.25
C GLU A 81 8.89 3.71 -1.12
N GLY A 82 7.97 4.12 -2.00
CA GLY A 82 8.34 4.51 -3.34
C GLY A 82 7.74 3.61 -4.40
N ILE A 83 7.68 2.32 -4.11
CA ILE A 83 7.12 1.35 -5.05
C ILE A 83 5.61 1.55 -5.22
N PHE A 84 5.10 1.17 -6.37
CA PHE A 84 3.67 1.31 -6.66
C PHE A 84 2.96 -0.03 -6.54
N ILE A 85 3.11 -0.67 -5.39
CA ILE A 85 2.48 -1.96 -5.14
C ILE A 85 1.11 -2.04 -5.82
N LYS A 86 0.85 -3.17 -6.47
CA LYS A 86 -0.43 -3.37 -7.16
C LYS A 86 -1.17 -4.57 -6.57
N ASP A 87 -2.45 -4.68 -6.90
CA ASP A 87 -3.27 -5.78 -6.41
C ASP A 87 -3.12 -7.01 -7.31
N SER A 88 -2.68 -6.79 -8.54
CA SER A 88 -2.49 -7.89 -9.49
C SER A 88 -1.43 -8.86 -9.00
N ASN A 89 -0.44 -8.33 -8.28
CA ASN A 89 0.64 -9.16 -7.75
C ASN A 89 0.46 -9.39 -6.26
N SER A 90 1.15 -10.40 -5.73
CA SER A 90 1.06 -10.73 -4.31
C SER A 90 1.93 -9.79 -3.48
N LEU A 91 1.76 -9.85 -2.16
CA LEU A 91 2.52 -9.01 -1.25
C LEU A 91 3.88 -9.62 -0.95
N ALA A 92 3.87 -10.89 -0.52
CA ALA A 92 5.10 -11.60 -0.20
C ALA A 92 6.20 -11.28 -1.21
N TYR A 93 5.85 -11.32 -2.49
CA TYR A 93 6.80 -11.05 -3.56
C TYR A 93 7.68 -9.85 -3.20
N TYR A 94 7.05 -8.81 -2.66
CA TYR A 94 7.78 -7.60 -2.28
C TYR A 94 8.61 -7.85 -1.02
N ASN A 95 8.08 -8.64 -0.10
CA ASN A 95 8.77 -8.95 1.14
C ASN A 95 8.74 -7.77 2.09
N MET A 96 7.57 -7.18 2.27
CA MET A 96 7.41 -6.03 3.16
C MET A 96 7.86 -6.37 4.58
N ALA A 97 7.86 -5.37 5.44
CA ALA A 97 8.28 -5.56 6.83
C ALA A 97 7.30 -4.90 7.79
N SER A 98 7.11 -5.51 8.96
CA SER A 98 6.19 -4.98 9.96
C SER A 98 6.35 -3.46 10.10
N GLY A 99 5.41 -2.84 10.80
CA GLY A 99 5.46 -1.40 10.99
C GLY A 99 5.69 -0.65 9.70
N ALA A 100 5.08 -1.15 8.61
CA ALA A 100 5.23 -0.52 7.31
C ALA A 100 4.36 0.74 7.21
N VAL A 101 4.51 1.48 6.11
CA VAL A 101 3.74 2.70 5.90
C VAL A 101 3.38 2.87 4.42
N ILE A 102 2.11 2.67 4.10
CA ILE A 102 1.64 2.81 2.73
C ILE A 102 1.14 4.23 2.46
N HIS A 103 1.95 5.01 1.76
CA HIS A 103 1.58 6.38 1.42
C HIS A 103 0.51 6.41 0.34
N LEU A 104 -0.56 7.14 0.60
CA LEU A 104 -1.66 7.25 -0.35
C LEU A 104 -1.48 8.47 -1.25
N ALA A 105 -1.77 8.31 -2.54
CA ALA A 105 -1.64 9.40 -3.50
C ALA A 105 -2.58 9.19 -4.69
N LEU A 106 -3.08 10.30 -5.23
CA LEU A 106 -3.99 10.25 -6.37
C LEU A 106 -3.23 10.00 -7.67
N LYS A 107 -3.65 8.96 -8.40
CA LYS A 107 -3.00 8.62 -9.66
C LYS A 107 -3.38 9.61 -10.75
N GLU A 108 -2.46 9.83 -11.69
CA GLU A 108 -2.70 10.76 -12.79
C GLU A 108 -2.19 10.18 -14.11
N ARG A 109 -3.08 10.12 -15.10
CA ARG A 109 -2.72 9.59 -16.41
C ARG A 109 -2.04 10.65 -17.26
N SER A 110 -2.75 11.74 -17.52
CA SER A 110 -2.23 12.83 -18.33
C SER A 110 -1.78 13.99 -17.45
N GLY A 111 -2.65 14.39 -16.52
CA GLY A 111 -2.33 15.49 -15.63
C GLY A 111 -3.57 16.28 -15.23
N PRO A 112 -4.15 17.00 -16.20
CA PRO A 112 -5.34 17.83 -15.97
C PRO A 112 -6.59 16.97 -15.71
N SER A 113 -6.90 16.76 -14.44
CA SER A 113 -8.06 15.97 -14.05
C SER A 113 -9.34 16.56 -14.63
N SER A 114 -9.54 17.85 -14.41
CA SER A 114 -10.73 18.55 -14.91
C SER A 114 -11.99 17.75 -14.59
N GLY A 115 -12.05 17.23 -13.36
CA GLY A 115 -13.21 16.46 -12.96
C GLY A 115 -13.27 15.09 -13.61
N GLY A 1 33.92 -2.18 4.19
CA GLY A 1 33.99 -1.30 3.03
C GLY A 1 32.78 -0.39 2.92
N SER A 2 32.83 0.53 1.97
CA SER A 2 31.74 1.48 1.76
C SER A 2 31.36 1.54 0.30
N SER A 3 30.21 0.96 -0.04
CA SER A 3 29.72 0.95 -1.41
C SER A 3 28.20 0.85 -1.45
N GLY A 4 27.60 1.43 -2.48
CA GLY A 4 26.16 1.41 -2.62
C GLY A 4 25.66 0.12 -3.24
N SER A 5 24.49 -0.33 -2.80
CA SER A 5 23.90 -1.56 -3.32
C SER A 5 23.33 -1.35 -4.73
N SER A 6 23.83 -2.11 -5.69
CA SER A 6 23.38 -2.01 -7.07
C SER A 6 22.14 -2.87 -7.30
N GLY A 7 21.15 -2.30 -7.98
CA GLY A 7 19.93 -3.02 -8.25
C GLY A 7 19.39 -3.74 -7.03
N THR A 8 18.95 -2.98 -6.05
CA THR A 8 18.41 -3.55 -4.81
C THR A 8 17.08 -4.23 -5.07
N GLU A 9 16.10 -3.46 -5.52
CA GLU A 9 14.77 -3.99 -5.80
C GLU A 9 14.87 -5.32 -6.53
N ASP A 10 15.84 -5.44 -7.41
CA ASP A 10 16.05 -6.66 -8.18
C ASP A 10 16.27 -7.85 -7.26
N SER A 11 17.16 -7.69 -6.29
CA SER A 11 17.46 -8.75 -5.34
C SER A 11 16.61 -8.63 -4.08
N LEU A 12 15.30 -8.54 -4.28
CA LEU A 12 14.36 -8.42 -3.16
C LEU A 12 14.06 -9.78 -2.55
N MET A 13 13.54 -9.78 -1.33
CA MET A 13 13.19 -11.01 -0.64
C MET A 13 12.15 -11.80 -1.42
N PRO A 14 12.28 -13.13 -1.42
CA PRO A 14 11.36 -14.02 -2.12
C PRO A 14 9.97 -14.05 -1.47
N GLU A 15 9.18 -15.06 -1.82
CA GLU A 15 7.84 -15.20 -1.28
C GLU A 15 7.75 -16.41 -0.33
N GLU A 16 8.40 -17.50 -0.73
CA GLU A 16 8.39 -18.72 0.07
C GLU A 16 9.18 -18.51 1.37
N GLU A 17 10.47 -18.24 1.24
CA GLU A 17 11.33 -18.02 2.40
C GLU A 17 10.83 -16.85 3.24
N PHE A 18 10.36 -15.80 2.57
CA PHE A 18 9.87 -14.62 3.25
C PHE A 18 8.89 -15.01 4.37
N LEU A 19 7.85 -15.74 4.01
CA LEU A 19 6.85 -16.18 4.98
C LEU A 19 7.52 -16.90 6.16
N ARG A 20 8.57 -17.66 5.87
CA ARG A 20 9.29 -18.39 6.90
C ARG A 20 9.86 -17.43 7.94
N ARG A 21 10.29 -16.26 7.49
CA ARG A 21 10.87 -15.25 8.38
C ARG A 21 9.82 -14.21 8.76
N ASN A 22 9.36 -13.45 7.77
CA ASN A 22 8.36 -12.42 8.00
C ASN A 22 6.98 -13.03 8.20
N LYS A 23 6.89 -14.04 9.06
CA LYS A 23 5.64 -14.71 9.35
C LYS A 23 4.50 -13.69 9.52
N GLY A 24 4.68 -12.78 10.46
CA GLY A 24 3.67 -11.75 10.70
C GLY A 24 2.93 -11.98 12.01
N PRO A 25 1.77 -11.32 12.15
CA PRO A 25 1.23 -10.43 11.12
C PRO A 25 2.05 -9.16 10.97
N VAL A 26 1.53 -8.21 10.19
CA VAL A 26 2.22 -6.95 9.96
C VAL A 26 1.22 -5.81 9.80
N SER A 27 1.49 -4.69 10.45
CA SER A 27 0.61 -3.52 10.38
C SER A 27 1.20 -2.46 9.46
N ILE A 28 0.39 -2.00 8.51
CA ILE A 28 0.83 -0.99 7.55
C ILE A 28 0.08 0.32 7.77
N LYS A 29 0.80 1.43 7.73
CA LYS A 29 0.20 2.75 7.91
C LYS A 29 -0.15 3.39 6.57
N VAL A 30 -1.44 3.62 6.34
CA VAL A 30 -1.90 4.23 5.10
C VAL A 30 -1.91 5.75 5.20
N GLN A 31 -0.96 6.39 4.52
CA GLN A 31 -0.87 7.84 4.54
C GLN A 31 -1.98 8.47 3.69
N VAL A 32 -3.05 8.88 4.35
CA VAL A 32 -4.18 9.49 3.66
C VAL A 32 -3.93 10.97 3.40
N PRO A 33 -3.75 11.32 2.12
CA PRO A 33 -3.49 12.70 1.71
C PRO A 33 -4.72 13.59 1.89
N ASN A 34 -4.48 14.89 2.10
CA ASN A 34 -5.56 15.85 2.27
C ASN A 34 -6.04 16.38 0.94
N MET A 35 -7.28 16.07 0.58
CA MET A 35 -7.86 16.52 -0.68
C MET A 35 -8.62 17.83 -0.49
N GLN A 36 -7.98 18.93 -0.82
CA GLN A 36 -8.60 20.25 -0.69
C GLN A 36 -9.77 20.40 -1.64
N ASP A 37 -9.99 19.40 -2.48
CA ASP A 37 -11.08 19.41 -3.43
C ASP A 37 -12.41 19.10 -2.75
N LYS A 38 -12.33 18.47 -1.58
CA LYS A 38 -13.53 18.11 -0.83
C LYS A 38 -14.40 17.13 -1.61
N THR A 39 -13.76 16.10 -2.17
CA THR A 39 -14.47 15.10 -2.95
C THR A 39 -15.32 14.20 -2.04
N GLU A 40 -15.92 13.17 -2.63
CA GLU A 40 -16.76 12.25 -1.88
C GLU A 40 -15.91 11.16 -1.22
N TRP A 41 -14.68 11.52 -0.84
CA TRP A 41 -13.78 10.58 -0.21
C TRP A 41 -13.29 11.11 1.14
N LYS A 42 -13.24 10.23 2.13
CA LYS A 42 -12.81 10.62 3.47
C LYS A 42 -11.29 10.86 3.49
N LEU A 43 -10.87 11.97 2.88
CA LEU A 43 -9.46 12.32 2.83
C LEU A 43 -9.22 13.68 3.49
N ASN A 44 -8.74 13.66 4.73
CA ASN A 44 -8.46 14.89 5.47
C ASN A 44 -7.11 14.81 6.16
N GLY A 45 -6.07 14.47 5.40
CA GLY A 45 -4.74 14.37 5.96
C GLY A 45 -4.72 13.58 7.27
N GLN A 46 -4.58 12.27 7.16
CA GLN A 46 -4.55 11.41 8.33
C GLN A 46 -3.89 10.08 8.01
N GLY A 47 -3.83 9.19 9.00
CA GLY A 47 -3.22 7.89 8.81
C GLY A 47 -4.12 6.76 9.24
N LEU A 48 -4.30 5.77 8.37
CA LEU A 48 -5.14 4.63 8.67
C LEU A 48 -4.32 3.34 8.75
N VAL A 49 -4.32 2.70 9.91
CA VAL A 49 -3.58 1.47 10.10
C VAL A 49 -4.45 0.25 9.84
N PHE A 50 -3.83 -0.83 9.39
CA PHE A 50 -4.55 -2.06 9.10
C PHE A 50 -3.66 -3.29 9.29
N THR A 51 -3.92 -4.05 10.34
CA THR A 51 -3.14 -5.23 10.63
C THR A 51 -3.65 -6.44 9.85
N LEU A 52 -2.96 -6.78 8.77
CA LEU A 52 -3.34 -7.90 7.93
C LEU A 52 -2.14 -8.80 7.63
N PRO A 53 -2.35 -10.12 7.72
CA PRO A 53 -1.30 -11.11 7.46
C PRO A 53 -0.90 -11.16 5.98
N LEU A 54 0.31 -11.63 5.72
CA LEU A 54 0.82 -11.73 4.36
C LEU A 54 0.37 -13.04 3.71
N THR A 55 -0.84 -13.02 3.14
CA THR A 55 -1.38 -14.21 2.48
C THR A 55 -1.84 -13.89 1.07
N ASP A 56 -2.73 -12.93 0.95
CA ASP A 56 -3.25 -12.52 -0.35
C ASP A 56 -2.42 -11.40 -0.96
N GLN A 57 -2.86 -10.89 -2.10
CA GLN A 57 -2.14 -9.82 -2.78
C GLN A 57 -2.48 -8.46 -2.16
N VAL A 58 -1.96 -7.39 -2.77
CA VAL A 58 -2.21 -6.05 -2.29
C VAL A 58 -3.67 -5.64 -2.51
N SER A 59 -4.26 -6.16 -3.58
CA SER A 59 -5.65 -5.85 -3.92
C SER A 59 -6.48 -5.67 -2.65
N VAL A 60 -6.49 -6.69 -1.79
CA VAL A 60 -7.24 -6.64 -0.54
C VAL A 60 -6.98 -5.33 0.20
N ILE A 61 -5.71 -4.92 0.24
CA ILE A 61 -5.34 -3.69 0.93
C ILE A 61 -6.29 -2.55 0.57
N LYS A 62 -6.88 -2.64 -0.62
CA LYS A 62 -7.80 -1.61 -1.09
C LYS A 62 -9.12 -1.68 -0.32
N VAL A 63 -9.73 -2.86 -0.31
CA VAL A 63 -11.00 -3.06 0.38
C VAL A 63 -10.98 -2.39 1.75
N LYS A 64 -9.78 -2.25 2.33
CA LYS A 64 -9.64 -1.63 3.64
C LYS A 64 -9.92 -0.13 3.56
N ILE A 65 -9.21 0.57 2.68
CA ILE A 65 -9.41 2.00 2.51
C ILE A 65 -10.87 2.34 2.29
N HIS A 66 -11.52 1.61 1.39
CA HIS A 66 -12.93 1.83 1.09
C HIS A 66 -13.79 1.55 2.31
N GLU A 67 -13.42 0.52 3.07
CA GLU A 67 -14.17 0.14 4.26
C GLU A 67 -14.28 1.32 5.22
N ALA A 68 -13.16 1.99 5.47
CA ALA A 68 -13.14 3.14 6.37
C ALA A 68 -13.53 4.42 5.63
N THR A 69 -12.77 4.76 4.60
CA THR A 69 -13.03 5.95 3.81
C THR A 69 -13.98 5.66 2.65
N GLY A 70 -14.64 6.69 2.16
CA GLY A 70 -15.57 6.52 1.05
C GLY A 70 -14.87 6.52 -0.30
N MET A 71 -13.61 6.09 -0.30
CA MET A 71 -12.82 6.04 -1.53
C MET A 71 -12.93 4.66 -2.18
N PRO A 72 -13.09 4.64 -3.50
CA PRO A 72 -13.20 3.40 -4.28
C PRO A 72 -11.90 2.62 -4.32
N ALA A 73 -11.99 1.32 -4.62
CA ALA A 73 -10.81 0.47 -4.70
C ALA A 73 -10.29 0.38 -6.14
N GLY A 74 -10.18 1.54 -6.78
CA GLY A 74 -9.69 1.57 -8.16
C GLY A 74 -8.95 2.84 -8.48
N LYS A 75 -9.55 3.98 -8.16
CA LYS A 75 -8.94 5.28 -8.43
C LYS A 75 -7.77 5.51 -7.47
N GLN A 76 -7.97 5.21 -6.20
CA GLN A 76 -6.94 5.40 -5.20
C GLN A 76 -5.74 4.50 -5.47
N LYS A 77 -4.55 5.09 -5.46
CA LYS A 77 -3.31 4.35 -5.71
C LYS A 77 -2.52 4.15 -4.42
N LEU A 78 -1.73 3.08 -4.37
CA LEU A 78 -0.92 2.78 -3.20
C LEU A 78 0.56 2.73 -3.56
N GLN A 79 1.41 3.19 -2.64
CA GLN A 79 2.85 3.19 -2.87
C GLN A 79 3.60 2.82 -1.59
N TYR A 80 4.54 1.90 -1.70
CA TYR A 80 5.32 1.46 -0.56
C TYR A 80 6.79 1.85 -0.71
N GLU A 81 7.19 2.91 -0.01
CA GLU A 81 8.57 3.38 -0.08
C GLU A 81 8.90 3.88 -1.47
N GLY A 82 7.90 4.39 -2.17
CA GLY A 82 8.11 4.90 -3.52
C GLY A 82 7.60 3.94 -4.58
N ILE A 83 7.65 2.64 -4.28
CA ILE A 83 7.20 1.62 -5.22
C ILE A 83 5.67 1.63 -5.33
N PHE A 84 5.18 1.84 -6.55
CA PHE A 84 3.74 1.87 -6.80
C PHE A 84 3.16 0.46 -6.75
N ILE A 85 3.25 -0.16 -5.58
CA ILE A 85 2.73 -1.51 -5.39
C ILE A 85 1.36 -1.67 -6.06
N LYS A 86 1.26 -2.63 -6.98
CA LYS A 86 0.01 -2.89 -7.69
C LYS A 86 -0.87 -3.85 -6.91
N ASP A 87 -2.09 -4.04 -7.38
CA ASP A 87 -3.04 -4.94 -6.73
C ASP A 87 -2.80 -6.37 -7.17
N SER A 88 -2.46 -6.56 -8.44
CA SER A 88 -2.21 -7.89 -8.99
C SER A 88 -0.99 -8.53 -8.33
N ASN A 89 -0.03 -7.70 -7.95
CA ASN A 89 1.19 -8.18 -7.31
C ASN A 89 0.91 -8.67 -5.90
N SER A 90 1.75 -9.57 -5.41
CA SER A 90 1.58 -10.12 -4.06
C SER A 90 2.30 -9.26 -3.03
N LEU A 91 1.82 -9.28 -1.80
CA LEU A 91 2.42 -8.51 -0.72
C LEU A 91 3.80 -9.05 -0.35
N ALA A 92 3.83 -10.30 0.12
CA ALA A 92 5.09 -10.94 0.49
C ALA A 92 6.20 -10.56 -0.48
N TYR A 93 5.94 -10.73 -1.76
CA TYR A 93 6.93 -10.41 -2.80
C TYR A 93 7.67 -9.13 -2.46
N TYR A 94 6.92 -8.08 -2.15
CA TYR A 94 7.52 -6.79 -1.81
C TYR A 94 8.40 -6.91 -0.58
N ASN A 95 8.00 -7.77 0.35
CA ASN A 95 8.76 -7.97 1.58
C ASN A 95 8.59 -6.80 2.52
N MET A 96 7.34 -6.42 2.78
CA MET A 96 7.05 -5.30 3.66
C MET A 96 7.19 -5.72 5.12
N ALA A 97 7.85 -4.87 5.92
CA ALA A 97 8.05 -5.16 7.33
C ALA A 97 6.92 -4.57 8.17
N SER A 98 6.73 -5.13 9.37
CA SER A 98 5.68 -4.67 10.26
C SER A 98 5.65 -3.14 10.33
N GLY A 99 4.57 -2.61 10.90
CA GLY A 99 4.44 -1.16 11.01
C GLY A 99 4.91 -0.44 9.76
N ALA A 100 4.61 -1.00 8.60
CA ALA A 100 5.00 -0.40 7.33
C ALA A 100 4.27 0.92 7.10
N VAL A 101 4.50 1.51 5.92
CA VAL A 101 3.86 2.78 5.58
C VAL A 101 3.53 2.83 4.08
N ILE A 102 2.24 2.77 3.78
CA ILE A 102 1.79 2.82 2.39
C ILE A 102 1.20 4.18 2.05
N HIS A 103 1.92 4.93 1.21
CA HIS A 103 1.48 6.25 0.80
C HIS A 103 0.36 6.16 -0.25
N LEU A 104 -0.65 7.00 -0.10
CA LEU A 104 -1.78 7.01 -1.03
C LEU A 104 -1.55 8.00 -2.16
N ALA A 105 -1.68 7.53 -3.39
CA ALA A 105 -1.49 8.39 -4.56
C ALA A 105 -2.74 8.41 -5.43
N LEU A 106 -3.12 9.60 -5.88
CA LEU A 106 -4.29 9.76 -6.72
C LEU A 106 -4.00 9.33 -8.17
N LYS A 107 -4.98 8.72 -8.81
CA LYS A 107 -4.82 8.27 -10.19
C LYS A 107 -4.51 9.44 -11.11
N GLU A 108 -3.71 9.19 -12.14
CA GLU A 108 -3.34 10.22 -13.10
C GLU A 108 -4.52 11.16 -13.37
N ARG A 109 -4.35 12.44 -13.02
CA ARG A 109 -5.39 13.43 -13.21
C ARG A 109 -5.90 13.40 -14.65
N SER A 110 -7.19 13.68 -14.82
CA SER A 110 -7.81 13.67 -16.14
C SER A 110 -7.41 12.44 -16.93
N GLY A 111 -7.52 11.27 -16.29
CA GLY A 111 -7.16 10.03 -16.93
C GLY A 111 -8.31 9.44 -17.73
N PRO A 112 -8.26 8.12 -17.97
CA PRO A 112 -9.30 7.41 -18.73
C PRO A 112 -10.61 7.33 -17.96
N SER A 113 -10.61 7.80 -16.72
CA SER A 113 -11.80 7.78 -15.89
C SER A 113 -13.05 8.01 -16.71
N SER A 114 -13.12 9.16 -17.38
CA SER A 114 -14.26 9.50 -18.21
C SER A 114 -14.02 9.11 -19.67
N GLY A 115 -14.93 8.31 -20.22
CA GLY A 115 -14.79 7.88 -21.60
C GLY A 115 -16.09 7.32 -22.16
N GLY A 1 20.84 -13.72 12.49
CA GLY A 1 21.70 -12.56 12.41
C GLY A 1 22.22 -12.32 11.01
N SER A 2 21.98 -11.13 10.48
CA SER A 2 22.42 -10.77 9.13
C SER A 2 22.31 -9.27 8.90
N SER A 3 23.38 -8.69 8.38
CA SER A 3 23.40 -7.25 8.11
C SER A 3 23.70 -6.98 6.63
N GLY A 4 23.43 -5.75 6.20
CA GLY A 4 23.68 -5.39 4.81
C GLY A 4 22.52 -4.64 4.20
N SER A 5 21.98 -3.66 4.93
CA SER A 5 20.86 -2.88 4.44
C SER A 5 21.33 -1.82 3.44
N SER A 6 20.78 -1.89 2.23
CA SER A 6 21.14 -0.96 1.18
C SER A 6 19.90 -0.44 0.46
N GLY A 7 20.05 0.69 -0.23
CA GLY A 7 18.93 1.27 -0.95
C GLY A 7 18.73 0.64 -2.31
N THR A 8 18.33 -0.63 -2.34
CA THR A 8 18.11 -1.33 -3.59
C THR A 8 16.99 -2.37 -3.45
N GLU A 9 16.01 -2.31 -4.34
CA GLU A 9 14.89 -3.23 -4.32
C GLU A 9 14.91 -4.14 -5.55
N ASP A 10 16.11 -4.53 -5.97
CA ASP A 10 16.26 -5.40 -7.12
C ASP A 10 16.36 -6.87 -6.70
N SER A 11 17.06 -7.10 -5.59
CA SER A 11 17.23 -8.46 -5.07
C SER A 11 16.25 -8.73 -3.95
N LEU A 12 15.02 -8.27 -4.11
CA LEU A 12 13.98 -8.47 -3.09
C LEU A 12 13.78 -9.95 -2.82
N MET A 13 13.83 -10.32 -1.53
CA MET A 13 13.65 -11.70 -1.12
C MET A 13 12.47 -12.33 -1.84
N PRO A 14 12.52 -13.66 -2.03
CA PRO A 14 11.45 -14.41 -2.70
C PRO A 14 10.18 -14.47 -1.88
N GLU A 15 9.29 -15.40 -2.24
CA GLU A 15 8.03 -15.57 -1.52
C GLU A 15 8.05 -16.83 -0.66
N GLU A 16 8.57 -17.91 -1.22
CA GLU A 16 8.64 -19.18 -0.50
C GLU A 16 9.43 -19.03 0.79
N GLU A 17 10.73 -18.77 0.67
CA GLU A 17 11.60 -18.61 1.83
C GLU A 17 11.07 -17.50 2.73
N PHE A 18 10.60 -16.41 2.13
CA PHE A 18 10.07 -15.28 2.88
C PHE A 18 9.17 -15.76 4.01
N LEU A 19 8.11 -16.49 3.66
CA LEU A 19 7.17 -17.00 4.64
C LEU A 19 7.90 -17.71 5.79
N ARG A 20 8.97 -18.41 5.45
CA ARG A 20 9.76 -19.13 6.44
C ARG A 20 10.46 -18.14 7.38
N ARG A 21 10.71 -16.94 6.89
CA ARG A 21 11.38 -15.91 7.68
C ARG A 21 10.36 -15.00 8.37
N ASN A 22 9.70 -14.16 7.58
CA ASN A 22 8.71 -13.24 8.11
C ASN A 22 7.30 -13.68 7.72
N LYS A 23 6.41 -13.74 8.70
CA LYS A 23 5.03 -14.14 8.46
C LYS A 23 4.06 -13.08 8.96
N GLY A 24 4.47 -12.34 9.98
CA GLY A 24 3.62 -11.31 10.55
C GLY A 24 3.12 -11.65 11.93
N PRO A 25 2.01 -11.02 12.34
CA PRO A 25 1.30 -10.04 11.50
C PRO A 25 2.08 -8.76 11.31
N VAL A 26 1.58 -7.89 10.44
CA VAL A 26 2.24 -6.61 10.17
C VAL A 26 1.23 -5.46 10.20
N SER A 27 1.65 -4.33 10.76
CA SER A 27 0.78 -3.16 10.85
C SER A 27 1.30 -2.03 9.96
N ILE A 28 0.48 -1.62 9.00
CA ILE A 28 0.84 -0.54 8.09
C ILE A 28 0.04 0.72 8.36
N LYS A 29 0.48 1.83 7.78
CA LYS A 29 -0.21 3.11 7.96
C LYS A 29 -0.48 3.77 6.61
N VAL A 30 -1.77 4.00 6.32
CA VAL A 30 -2.17 4.63 5.08
C VAL A 30 -2.26 6.14 5.22
N GLN A 31 -1.31 6.85 4.63
CA GLN A 31 -1.29 8.31 4.70
C GLN A 31 -2.34 8.92 3.76
N VAL A 32 -3.46 9.34 4.34
CA VAL A 32 -4.54 9.94 3.56
C VAL A 32 -4.38 11.45 3.47
N PRO A 33 -4.12 11.95 2.25
CA PRO A 33 -3.94 13.39 2.00
C PRO A 33 -5.24 14.16 2.15
N ASN A 34 -5.17 15.48 1.96
CA ASN A 34 -6.34 16.34 2.07
C ASN A 34 -6.76 16.85 0.70
N MET A 35 -7.83 16.30 0.17
CA MET A 35 -8.35 16.70 -1.14
C MET A 35 -9.45 17.74 -0.99
N GLN A 36 -9.11 19.01 -1.20
CA GLN A 36 -10.08 20.09 -1.09
C GLN A 36 -10.78 20.35 -2.42
N ASP A 37 -10.41 19.56 -3.43
CA ASP A 37 -11.00 19.70 -4.76
C ASP A 37 -12.41 19.12 -4.79
N LYS A 38 -13.21 19.46 -3.79
CA LYS A 38 -14.58 18.98 -3.70
C LYS A 38 -14.70 17.57 -4.26
N THR A 39 -13.88 16.65 -3.72
CA THR A 39 -13.90 15.27 -4.18
C THR A 39 -14.82 14.42 -3.32
N GLU A 40 -15.39 13.37 -3.91
CA GLU A 40 -16.29 12.48 -3.20
C GLU A 40 -15.52 11.41 -2.44
N TRP A 41 -14.28 11.74 -2.05
CA TRP A 41 -13.44 10.82 -1.31
C TRP A 41 -13.16 11.33 0.10
N LYS A 42 -13.32 10.45 1.08
CA LYS A 42 -13.09 10.81 2.48
C LYS A 42 -11.62 11.10 2.72
N LEU A 43 -11.16 12.26 2.27
CA LEU A 43 -9.77 12.65 2.44
C LEU A 43 -9.66 13.94 3.26
N ASN A 44 -9.34 13.79 4.55
CA ASN A 44 -9.21 14.94 5.42
C ASN A 44 -7.91 14.86 6.23
N GLY A 45 -6.78 14.86 5.53
CA GLY A 45 -5.50 14.78 6.21
C GLY A 45 -5.54 13.92 7.45
N GLN A 46 -5.33 12.62 7.28
CA GLN A 46 -5.36 11.68 8.39
C GLN A 46 -4.53 10.44 8.07
N GLY A 47 -4.46 9.53 9.04
CA GLY A 47 -3.70 8.30 8.85
C GLY A 47 -4.44 7.07 9.32
N LEU A 48 -4.61 6.11 8.43
CA LEU A 48 -5.31 4.87 8.77
C LEU A 48 -4.32 3.77 9.11
N VAL A 49 -4.75 2.85 9.98
CA VAL A 49 -3.91 1.73 10.39
C VAL A 49 -4.69 0.43 10.40
N PHE A 50 -4.07 -0.64 9.89
CA PHE A 50 -4.71 -1.95 9.83
C PHE A 50 -3.67 -3.06 9.96
N THR A 51 -3.74 -3.82 11.04
CA THR A 51 -2.82 -4.92 11.26
C THR A 51 -3.26 -6.18 10.52
N LEU A 52 -2.48 -6.55 9.50
CA LEU A 52 -2.77 -7.74 8.71
C LEU A 52 -1.50 -8.42 8.25
N PRO A 53 -1.49 -9.77 8.31
CA PRO A 53 -0.33 -10.57 7.92
C PRO A 53 -0.11 -10.55 6.41
N LEU A 54 1.12 -10.82 5.99
CA LEU A 54 1.47 -10.84 4.57
C LEU A 54 1.19 -12.20 3.96
N THR A 55 -0.04 -12.41 3.52
CA THR A 55 -0.44 -13.68 2.90
C THR A 55 -1.08 -13.45 1.54
N ASP A 56 -2.18 -12.70 1.53
CA ASP A 56 -2.89 -12.41 0.29
C ASP A 56 -2.18 -11.33 -0.51
N GLN A 57 -2.79 -10.90 -1.60
CA GLN A 57 -2.21 -9.86 -2.46
C GLN A 57 -2.34 -8.50 -1.81
N VAL A 58 -1.93 -7.46 -2.54
CA VAL A 58 -2.01 -6.09 -2.04
C VAL A 58 -3.44 -5.56 -2.11
N SER A 59 -4.26 -6.19 -2.93
CA SER A 59 -5.65 -5.78 -3.09
C SER A 59 -6.37 -5.77 -1.75
N VAL A 60 -6.11 -6.79 -0.94
CA VAL A 60 -6.74 -6.90 0.38
C VAL A 60 -6.57 -5.60 1.17
N ILE A 61 -5.60 -4.78 0.75
CA ILE A 61 -5.35 -3.52 1.43
C ILE A 61 -6.22 -2.40 0.87
N LYS A 62 -6.39 -2.39 -0.45
CA LYS A 62 -7.20 -1.39 -1.12
C LYS A 62 -8.67 -1.51 -0.70
N VAL A 63 -9.14 -2.74 -0.57
CA VAL A 63 -10.52 -2.99 -0.18
C VAL A 63 -10.84 -2.34 1.16
N LYS A 64 -9.87 -2.35 2.07
CA LYS A 64 -10.04 -1.76 3.39
C LYS A 64 -10.29 -0.26 3.28
N ILE A 65 -9.47 0.41 2.48
CA ILE A 65 -9.61 1.86 2.28
C ILE A 65 -11.04 2.22 1.92
N HIS A 66 -11.49 1.77 0.76
CA HIS A 66 -12.84 2.05 0.29
C HIS A 66 -13.86 1.80 1.41
N GLU A 67 -13.52 0.91 2.33
CA GLU A 67 -14.41 0.58 3.44
C GLU A 67 -14.61 1.80 4.33
N ALA A 68 -13.52 2.31 4.90
CA ALA A 68 -13.59 3.47 5.78
C ALA A 68 -13.78 4.75 4.98
N THR A 69 -12.96 4.94 3.96
CA THR A 69 -13.05 6.13 3.11
C THR A 69 -13.80 5.83 1.82
N GLY A 70 -14.39 6.87 1.23
CA GLY A 70 -15.12 6.70 -0.01
C GLY A 70 -14.23 6.71 -1.24
N MET A 71 -13.03 6.15 -1.09
CA MET A 71 -12.07 6.11 -2.19
C MET A 71 -12.10 4.75 -2.88
N PRO A 72 -12.12 4.76 -4.22
CA PRO A 72 -12.15 3.54 -5.03
C PRO A 72 -10.84 2.77 -4.96
N ALA A 73 -10.91 1.46 -5.19
CA ALA A 73 -9.73 0.61 -5.16
C ALA A 73 -9.00 0.63 -6.50
N GLY A 74 -8.89 1.81 -7.09
CA GLY A 74 -8.21 1.95 -8.37
C GLY A 74 -7.52 3.29 -8.53
N LYS A 75 -8.31 4.35 -8.67
CA LYS A 75 -7.76 5.70 -8.83
C LYS A 75 -6.62 5.94 -7.84
N GLN A 76 -6.85 5.56 -6.59
CA GLN A 76 -5.84 5.73 -5.55
C GLN A 76 -4.53 5.03 -5.93
N LYS A 77 -3.42 5.52 -5.39
CA LYS A 77 -2.12 4.93 -5.66
C LYS A 77 -1.34 4.68 -4.37
N LEU A 78 -1.11 3.41 -4.08
CA LEU A 78 -0.38 3.02 -2.87
C LEU A 78 1.13 3.01 -3.12
N GLN A 79 1.86 3.81 -2.35
CA GLN A 79 3.31 3.88 -2.49
C GLN A 79 4.01 3.32 -1.26
N TYR A 80 5.01 2.47 -1.49
CA TYR A 80 5.75 1.86 -0.40
C TYR A 80 7.24 1.84 -0.70
N GLU A 81 7.99 2.69 -0.01
CA GLU A 81 9.42 2.78 -0.20
C GLU A 81 9.76 3.20 -1.63
N GLY A 82 9.11 4.26 -2.10
CA GLY A 82 9.35 4.74 -3.45
C GLY A 82 8.96 3.74 -4.50
N ILE A 83 7.98 2.89 -4.17
CA ILE A 83 7.51 1.87 -5.10
C ILE A 83 6.00 1.98 -5.30
N PHE A 84 5.55 1.66 -6.52
CA PHE A 84 4.13 1.71 -6.84
C PHE A 84 3.51 0.33 -6.79
N ILE A 85 3.10 -0.09 -5.60
CA ILE A 85 2.48 -1.40 -5.42
C ILE A 85 1.06 -1.42 -5.93
N LYS A 86 0.65 -2.53 -6.53
CA LYS A 86 -0.69 -2.68 -7.06
C LYS A 86 -1.35 -3.96 -6.55
N ASP A 87 -2.65 -4.08 -6.77
CA ASP A 87 -3.39 -5.26 -6.34
C ASP A 87 -2.86 -6.51 -7.02
N SER A 88 -2.37 -6.36 -8.24
CA SER A 88 -1.84 -7.49 -9.00
C SER A 88 -0.59 -8.05 -8.32
N ASN A 89 0.16 -7.20 -7.65
CA ASN A 89 1.37 -7.61 -6.96
C ASN A 89 1.04 -8.26 -5.62
N SER A 90 1.86 -9.21 -5.20
CA SER A 90 1.65 -9.91 -3.94
C SER A 90 2.44 -9.25 -2.81
N LEU A 91 1.86 -9.23 -1.63
CA LEU A 91 2.49 -8.62 -0.46
C LEU A 91 3.82 -9.31 -0.15
N ALA A 92 3.74 -10.60 0.20
CA ALA A 92 4.94 -11.37 0.52
C ALA A 92 6.07 -11.08 -0.47
N TYR A 93 5.72 -11.04 -1.76
CA TYR A 93 6.70 -10.77 -2.79
C TYR A 93 7.53 -9.53 -2.46
N TYR A 94 6.85 -8.46 -2.07
CA TYR A 94 7.52 -7.21 -1.73
C TYR A 94 8.34 -7.37 -0.45
N ASN A 95 7.95 -8.34 0.37
CA ASN A 95 8.65 -8.60 1.64
C ASN A 95 8.66 -7.35 2.51
N MET A 96 7.49 -6.79 2.77
CA MET A 96 7.36 -5.59 3.59
C MET A 96 7.78 -5.88 5.03
N ALA A 97 7.79 -4.84 5.85
CA ALA A 97 8.16 -4.99 7.26
C ALA A 97 7.09 -4.40 8.17
N SER A 98 6.83 -5.07 9.29
CA SER A 98 5.83 -4.61 10.24
C SER A 98 5.96 -3.10 10.48
N GLY A 99 4.89 -2.51 11.01
CA GLY A 99 4.90 -1.08 11.27
C GLY A 99 5.30 -0.26 10.07
N ALA A 100 4.92 -0.74 8.88
CA ALA A 100 5.24 -0.05 7.64
C ALA A 100 4.32 1.16 7.43
N VAL A 101 4.56 1.88 6.35
CA VAL A 101 3.76 3.06 6.03
C VAL A 101 3.48 3.16 4.55
N ILE A 102 2.20 3.11 4.18
CA ILE A 102 1.81 3.20 2.78
C ILE A 102 1.32 4.60 2.42
N HIS A 103 2.13 5.32 1.65
CA HIS A 103 1.78 6.67 1.23
C HIS A 103 0.76 6.65 0.10
N LEU A 104 -0.34 7.38 0.28
CA LEU A 104 -1.39 7.43 -0.72
C LEU A 104 -1.09 8.52 -1.76
N ALA A 105 -1.33 8.22 -3.02
CA ALA A 105 -1.10 9.17 -4.10
C ALA A 105 -2.26 9.19 -5.08
N LEU A 106 -2.86 10.36 -5.26
CA LEU A 106 -3.98 10.51 -6.18
C LEU A 106 -3.52 10.41 -7.64
N LYS A 107 -4.01 9.39 -8.33
CA LYS A 107 -3.65 9.19 -9.74
C LYS A 107 -4.08 10.38 -10.59
N GLU A 108 -3.19 10.84 -11.46
CA GLU A 108 -3.48 11.97 -12.33
C GLU A 108 -3.74 11.50 -13.75
N ARG A 109 -4.53 10.44 -13.89
CA ARG A 109 -4.86 9.88 -15.20
C ARG A 109 -6.35 10.03 -15.48
N SER A 110 -6.69 10.06 -16.77
CA SER A 110 -8.08 10.20 -17.19
C SER A 110 -8.84 8.89 -17.00
N GLY A 111 -10.16 8.95 -17.20
CA GLY A 111 -10.98 7.76 -17.04
C GLY A 111 -11.84 7.82 -15.80
N PRO A 112 -12.91 8.63 -15.84
CA PRO A 112 -13.83 8.79 -14.72
C PRO A 112 -14.67 7.53 -14.48
N SER A 113 -15.53 7.59 -13.46
CA SER A 113 -16.39 6.46 -13.13
C SER A 113 -17.54 6.91 -12.23
N SER A 114 -18.62 6.13 -12.25
CA SER A 114 -19.80 6.44 -11.45
C SER A 114 -20.76 5.26 -11.40
N GLY A 115 -21.65 5.26 -10.42
CA GLY A 115 -22.62 4.19 -10.28
C GLY A 115 -23.49 4.34 -9.05
#